data_2E8Z
#
_entry.id   2E8Z
#
_cell.length_a   70.327
_cell.length_b   127.780
_cell.length_c   189.274
_cell.angle_alpha   90.00
_cell.angle_beta   90.00
_cell.angle_gamma   90.00
#
_symmetry.space_group_name_H-M   'P 21 21 21'
#
loop_
_entity.id
_entity.type
_entity.pdbx_description
1 polymer 'AmyX protein'
2 branched Cyclohexakis-(1-4)-(alpha-D-glucopyranose)
3 non-polymer 'CALCIUM ION'
4 non-polymer 'ACETATE ION'
5 non-polymer GLYCEROL
6 water water
#
_entity_poly.entity_id   1
_entity_poly.type   'polypeptide(L)'
_entity_poly.pdbx_seq_one_letter_code
;MVSIRRSFEAYVDDMNIITVLIPAEQKEIMTPPFRLETEITDFPLAVREEYSLEAKYKYVCVSDHPVTFGKIHCVRASSG
HKTDLQIGAVIRTAAFDDEFYYDGELGAVYTADHTVFKVWAPAATSAAVKLSHPNKSGRTFQMTRLEKGVYAVTVTGDLH
GYEYLFCICNNSEWMETVDQYAKAVTVNGEKGVVLRPDQMKWTAPLKPFSHPVDAVIYETHLRDFSIHENSGMINKGKYL
ALTETDTQTANGSSSGLAYVKELGVTHVELLPVNDFAGVDEEKPLDAYNWGYNPLHFFAPEGSYASNPHDPQTRKTELKQ
MINTLHQHGLRVILDVVFNHVYKRENSPFEKTVPGYFFRHDECGKPSNGTGVGNDIASERRMARKFIADCVVYWLEEYNV
DGFRFDLLGILDIDTVLYMKEKATKAKPGILLFGEGWDLATPLPHEQKAALANAPRMPGIGFFNDMFRDAVKGNTFHLKA
TGFALGNGESAQAVMHGIAGSSGWKALAPIVPEPSQSINYVESHDNHTFWDKMSFALPQENDSRKRSRQRLAVAIILLAQ
GVPFIHSGQEFFRTKQGVENSYQSSDSINQLDWDRRETFKEDVHYIRRLISLRKAHPAFRLRSAADIQRHLECLTLKEHL
IAYRLYDLDEVDEWKDIIVIHHASPDSVEWRLPNDIPYRLLCDPSGFQEDPTEIKKTVAVNGIGTVILYLASDLKSFA
;
_entity_poly.pdbx_strand_id   A,B
#
# COMPACT_ATOMS: atom_id res chain seq x y z
N MET A 1 9.37 25.34 24.95
CA MET A 1 8.40 25.87 23.94
C MET A 1 7.23 26.55 24.63
N VAL A 2 7.45 27.81 25.03
CA VAL A 2 6.43 28.60 25.69
C VAL A 2 5.38 29.02 24.68
N SER A 3 4.37 29.78 25.14
CA SER A 3 3.33 30.24 24.23
C SER A 3 2.45 31.30 24.87
N ILE A 4 1.59 31.92 24.05
CA ILE A 4 0.68 32.94 24.54
C ILE A 4 -0.44 32.24 25.29
N ARG A 5 -0.76 32.72 26.48
CA ARG A 5 -1.82 32.12 27.28
C ARG A 5 -3.18 32.50 26.70
N ARG A 6 -3.98 31.50 26.36
CA ARG A 6 -5.31 31.74 25.79
C ARG A 6 -6.38 30.87 26.46
N SER A 7 -7.57 31.44 26.67
CA SER A 7 -8.69 30.73 27.29
C SER A 7 -9.06 29.47 26.51
N PHE A 8 -9.20 29.64 25.20
CA PHE A 8 -9.53 28.55 24.29
C PHE A 8 -9.00 28.93 22.91
N GLU A 9 -9.23 28.07 21.91
CA GLU A 9 -8.74 28.33 20.57
C GLU A 9 -9.82 28.55 19.52
N ALA A 10 -9.47 29.29 18.47
CA ALA A 10 -10.39 29.57 17.36
C ALA A 10 -9.56 29.80 16.10
N TYR A 11 -9.88 29.09 15.04
CA TYR A 11 -9.16 29.22 13.77
C TYR A 11 -10.08 29.44 12.57
N VAL A 12 -9.57 30.17 11.58
CA VAL A 12 -10.32 30.40 10.36
C VAL A 12 -9.88 29.31 9.39
N ASP A 13 -10.67 28.24 9.28
CA ASP A 13 -10.32 27.14 8.40
C ASP A 13 -10.86 27.31 6.98
N ASP A 14 -11.71 28.30 6.78
CA ASP A 14 -12.25 28.58 5.45
C ASP A 14 -12.76 30.01 5.44
N MET A 15 -13.01 30.55 4.26
CA MET A 15 -13.46 31.92 4.12
C MET A 15 -14.59 32.33 5.06
N ASN A 16 -15.47 31.41 5.41
CA ASN A 16 -16.57 31.76 6.30
C ASN A 16 -16.82 30.74 7.40
N ILE A 17 -15.81 29.96 7.76
CA ILE A 17 -15.99 28.98 8.81
C ILE A 17 -14.88 29.09 9.85
N ILE A 18 -15.29 29.22 11.11
CA ILE A 18 -14.37 29.36 12.23
C ILE A 18 -14.47 28.14 13.15
N THR A 19 -13.36 27.44 13.33
CA THR A 19 -13.31 26.27 14.19
C THR A 19 -12.91 26.67 15.61
N VAL A 20 -13.81 26.45 16.56
CA VAL A 20 -13.56 26.79 17.95
C VAL A 20 -13.23 25.55 18.76
N LEU A 21 -12.04 25.55 19.36
CA LEU A 21 -11.62 24.43 20.20
C LEU A 21 -11.62 24.87 21.65
N ILE A 22 -12.36 24.15 22.48
CA ILE A 22 -12.46 24.47 23.89
C ILE A 22 -11.88 23.36 24.74
N PRO A 23 -10.94 23.69 25.63
CA PRO A 23 -10.34 22.66 26.48
C PRO A 23 -11.41 21.82 27.17
N ALA A 24 -11.19 20.51 27.17
CA ALA A 24 -12.12 19.56 27.77
C ALA A 24 -12.72 20.01 29.10
N GLU A 25 -11.87 20.29 30.08
CA GLU A 25 -12.35 20.70 31.40
C GLU A 25 -13.01 22.08 31.46
N GLN A 26 -13.31 22.65 30.29
CA GLN A 26 -13.95 23.96 30.23
C GLN A 26 -15.21 23.88 29.38
N LYS A 27 -15.48 22.68 28.87
CA LYS A 27 -16.65 22.43 28.02
C LYS A 27 -17.97 23.00 28.54
N GLU A 28 -18.21 22.89 29.84
CA GLU A 28 -19.46 23.38 30.40
C GLU A 28 -19.44 24.87 30.78
N ILE A 29 -18.28 25.50 30.62
CA ILE A 29 -18.15 26.91 30.94
C ILE A 29 -18.09 27.75 29.66
N MET A 30 -17.00 27.61 28.91
CA MET A 30 -16.85 28.33 27.65
C MET A 30 -17.79 27.66 26.65
N THR A 31 -19.02 28.17 26.59
CA THR A 31 -20.05 27.60 25.73
C THR A 31 -20.70 28.59 24.77
N PRO A 32 -21.47 28.08 23.79
CA PRO A 32 -22.16 28.91 22.81
C PRO A 32 -23.23 29.74 23.50
N PRO A 33 -23.76 30.78 22.82
CA PRO A 33 -23.38 31.18 21.45
C PRO A 33 -22.03 31.89 21.41
N PHE A 34 -21.31 31.71 20.31
CA PHE A 34 -20.02 32.37 20.14
C PHE A 34 -20.24 33.55 19.20
N ARG A 35 -19.38 34.57 19.29
CA ARG A 35 -19.52 35.73 18.42
C ARG A 35 -18.15 36.20 17.96
N LEU A 36 -18.09 36.72 16.74
CA LEU A 36 -16.85 37.22 16.17
C LEU A 36 -16.83 38.73 16.39
N GLU A 37 -15.75 39.24 16.97
CA GLU A 37 -15.64 40.67 17.24
C GLU A 37 -14.42 41.32 16.59
N THR A 38 -14.56 42.60 16.27
CA THR A 38 -13.47 43.37 15.66
C THR A 38 -13.83 44.85 15.71
N GLU A 39 -12.89 45.71 15.31
CA GLU A 39 -13.06 47.16 15.30
C GLU A 39 -14.48 47.62 15.63
N ILE A 40 -15.40 47.43 14.69
CA ILE A 40 -16.80 47.79 14.88
C ILE A 40 -17.60 46.49 14.81
N THR A 41 -16.90 45.44 14.35
CA THR A 41 -17.46 44.12 14.17
C THR A 41 -17.88 43.41 15.46
N ASP A 42 -18.98 42.69 15.37
CA ASP A 42 -19.53 41.91 16.47
C ASP A 42 -20.75 41.18 15.91
N PHE A 43 -20.49 40.05 15.27
CA PHE A 43 -21.55 39.25 14.67
C PHE A 43 -21.72 37.90 15.34
N PRO A 44 -22.86 37.23 15.08
CA PRO A 44 -23.14 35.92 15.66
C PRO A 44 -22.47 34.82 14.84
N LEU A 45 -22.31 33.65 15.46
CA LEU A 45 -21.70 32.50 14.78
C LEU A 45 -22.62 31.30 14.92
N ALA A 46 -23.01 30.73 13.79
CA ALA A 46 -23.88 29.56 13.79
C ALA A 46 -23.05 28.28 13.88
N VAL A 47 -23.48 27.37 14.75
CA VAL A 47 -22.78 26.11 14.93
C VAL A 47 -23.31 25.07 13.96
N ARG A 48 -22.49 24.72 12.96
CA ARG A 48 -22.88 23.73 11.97
C ARG A 48 -22.76 22.33 12.55
N GLU A 49 -21.78 22.13 13.43
CA GLU A 49 -21.59 20.84 14.07
C GLU A 49 -20.60 20.97 15.21
N GLU A 50 -20.62 19.98 16.10
CA GLU A 50 -19.75 19.98 17.26
C GLU A 50 -19.47 18.54 17.70
N TYR A 51 -18.25 18.28 18.13
CA TYR A 51 -17.87 16.94 18.57
C TYR A 51 -16.58 16.97 19.39
N SER A 52 -16.39 15.92 20.19
CA SER A 52 -15.24 15.82 21.07
C SER A 52 -13.96 15.30 20.45
N LEU A 53 -12.84 15.86 20.91
CA LEU A 53 -11.51 15.47 20.46
C LEU A 53 -10.76 15.00 21.69
N GLU A 54 -9.59 14.39 21.50
CA GLU A 54 -8.80 13.87 22.60
C GLU A 54 -8.96 14.66 23.91
N ALA A 55 -8.56 15.93 23.90
CA ALA A 55 -8.66 16.74 25.11
C ALA A 55 -9.39 18.05 24.89
N LYS A 56 -10.18 18.13 23.83
CA LYS A 56 -10.92 19.35 23.55
C LYS A 56 -12.28 19.07 22.94
N TYR A 57 -13.18 20.05 23.04
CA TYR A 57 -14.50 19.90 22.46
C TYR A 57 -14.50 20.91 21.32
N LYS A 58 -14.81 20.46 20.12
CA LYS A 58 -14.80 21.29 18.93
C LYS A 58 -16.15 21.75 18.42
N TYR A 59 -16.18 22.97 17.90
CA TYR A 59 -17.39 23.57 17.31
C TYR A 59 -17.01 24.08 15.93
N VAL A 60 -17.76 23.67 14.91
CA VAL A 60 -17.50 24.13 13.56
C VAL A 60 -18.55 25.21 13.33
N CYS A 61 -18.13 26.46 13.46
CA CYS A 61 -19.03 27.59 13.31
C CYS A 61 -19.06 28.23 11.93
N VAL A 62 -20.12 28.95 11.64
CA VAL A 62 -20.30 29.61 10.36
C VAL A 62 -20.59 31.09 10.56
N SER A 63 -19.96 31.94 9.76
CA SER A 63 -20.18 33.38 9.84
C SER A 63 -20.94 33.81 8.58
N ASP A 64 -21.76 34.83 8.71
CA ASP A 64 -22.53 35.33 7.57
C ASP A 64 -21.63 36.11 6.63
N HIS A 65 -20.79 36.95 7.19
CA HIS A 65 -19.86 37.74 6.41
C HIS A 65 -18.50 37.06 6.36
N PRO A 66 -17.89 36.99 5.16
CA PRO A 66 -16.58 36.34 5.03
C PRO A 66 -15.57 37.09 5.91
N VAL A 67 -14.68 36.35 6.56
CA VAL A 67 -13.69 36.95 7.43
C VAL A 67 -12.80 37.94 6.66
N THR A 68 -12.45 39.05 7.32
CA THR A 68 -11.61 40.05 6.70
C THR A 68 -10.22 40.00 7.32
N PHE A 69 -9.24 39.64 6.51
CA PHE A 69 -7.86 39.51 6.98
C PHE A 69 -7.09 40.80 7.15
N GLY A 70 -6.11 40.76 8.04
CA GLY A 70 -5.28 41.94 8.28
C GLY A 70 -5.63 42.63 9.58
N LYS A 71 -6.78 42.27 10.14
CA LYS A 71 -7.23 42.85 11.39
C LYS A 71 -7.34 41.77 12.45
N ILE A 72 -6.99 42.11 13.69
CA ILE A 72 -7.08 41.16 14.77
C ILE A 72 -8.55 40.91 15.13
N HIS A 73 -8.95 39.65 15.13
CA HIS A 73 -10.32 39.29 15.44
C HIS A 73 -10.40 38.57 16.78
N CYS A 74 -11.53 38.72 17.45
CA CYS A 74 -11.75 38.06 18.73
C CYS A 74 -13.05 37.26 18.67
N VAL A 75 -13.02 36.04 19.20
CA VAL A 75 -14.22 35.21 19.25
C VAL A 75 -14.58 35.12 20.74
N ARG A 76 -15.81 35.48 21.04
CA ARG A 76 -16.29 35.49 22.42
C ARG A 76 -17.26 34.35 22.72
N ALA A 77 -17.07 33.73 23.88
CA ALA A 77 -17.93 32.63 24.31
C ALA A 77 -19.03 33.23 25.20
N SER A 78 -20.13 32.49 25.35
CA SER A 78 -21.24 32.96 26.18
C SER A 78 -20.74 33.27 27.59
N SER A 79 -19.72 32.54 28.02
CA SER A 79 -19.13 32.71 29.35
C SER A 79 -18.39 34.03 29.48
N GLY A 80 -18.16 34.70 28.36
CA GLY A 80 -17.46 35.98 28.41
C GLY A 80 -15.99 35.87 28.04
N HIS A 81 -15.46 34.65 28.03
CA HIS A 81 -14.06 34.47 27.67
C HIS A 81 -13.85 34.84 26.21
N LYS A 82 -12.61 35.13 25.85
CA LYS A 82 -12.29 35.51 24.48
C LYS A 82 -10.93 34.94 24.08
N THR A 83 -10.65 34.98 22.79
CA THR A 83 -9.39 34.51 22.25
C THR A 83 -9.23 35.18 20.88
N ASP A 84 -8.00 35.31 20.42
CA ASP A 84 -7.73 35.94 19.14
C ASP A 84 -7.95 34.94 18.02
N LEU A 85 -8.62 35.39 16.96
CA LEU A 85 -8.88 34.52 15.82
C LEU A 85 -7.57 34.24 15.11
N GLN A 86 -7.12 32.99 15.16
CA GLN A 86 -5.88 32.59 14.51
C GLN A 86 -6.13 32.06 13.09
N ILE A 87 -5.04 31.84 12.36
CA ILE A 87 -5.08 31.34 10.99
C ILE A 87 -5.30 29.84 10.95
N GLY A 88 -6.24 29.40 10.12
CA GLY A 88 -6.51 27.98 9.99
C GLY A 88 -6.04 27.47 8.63
N ALA A 89 -6.77 26.52 8.06
CA ALA A 89 -6.41 25.98 6.76
C ALA A 89 -6.95 26.85 5.64
N VAL A 90 -7.64 27.93 6.01
CA VAL A 90 -8.23 28.84 5.02
C VAL A 90 -7.23 29.28 3.95
N ILE A 91 -5.97 29.37 4.33
CA ILE A 91 -4.88 29.79 3.45
C ILE A 91 -4.68 28.93 2.21
N ARG A 92 -5.03 27.65 2.32
CA ARG A 92 -4.84 26.72 1.22
C ARG A 92 -6.07 26.56 0.31
N THR A 93 -7.09 27.39 0.49
CA THR A 93 -8.30 27.31 -0.31
C THR A 93 -8.21 28.13 -1.59
N ALA A 94 -8.93 27.70 -2.61
CA ALA A 94 -8.96 28.39 -3.89
C ALA A 94 -9.53 29.78 -3.72
N ALA A 95 -10.50 29.91 -2.83
CA ALA A 95 -11.15 31.19 -2.59
C ALA A 95 -10.15 32.19 -2.00
N PHE A 96 -9.32 31.73 -1.07
CA PHE A 96 -8.33 32.58 -0.46
C PHE A 96 -7.31 33.02 -1.51
N ASP A 97 -6.89 32.07 -2.34
CA ASP A 97 -5.92 32.35 -3.40
C ASP A 97 -6.42 33.40 -4.37
N ASP A 98 -7.66 33.25 -4.85
CA ASP A 98 -8.22 34.20 -5.80
C ASP A 98 -8.46 35.58 -5.21
N GLU A 99 -8.69 35.62 -3.90
CA GLU A 99 -8.92 36.90 -3.22
C GLU A 99 -7.63 37.69 -3.01
N PHE A 100 -6.54 37.00 -2.70
CA PHE A 100 -5.28 37.68 -2.43
C PHE A 100 -4.16 37.58 -3.45
N TYR A 101 -4.36 36.87 -4.55
CA TYR A 101 -3.30 36.75 -5.54
C TYR A 101 -2.84 38.14 -5.96
N TYR A 102 -1.52 38.38 -5.90
CA TYR A 102 -0.95 39.66 -6.28
C TYR A 102 -0.03 39.47 -7.48
N ASP A 103 -0.26 40.26 -8.53
CA ASP A 103 0.52 40.15 -9.76
C ASP A 103 1.65 41.15 -9.93
N GLY A 104 1.88 42.01 -8.92
CA GLY A 104 2.95 42.99 -9.03
C GLY A 104 4.29 42.44 -8.58
N GLU A 105 5.28 43.32 -8.42
CA GLU A 105 6.59 42.85 -7.96
C GLU A 105 6.71 42.91 -6.45
N LEU A 106 7.44 41.93 -5.92
CA LEU A 106 7.65 41.83 -4.48
C LEU A 106 9.14 41.93 -4.21
N GLY A 107 9.48 42.22 -2.96
CA GLY A 107 10.88 42.33 -2.58
C GLY A 107 11.31 43.78 -2.35
N ALA A 108 12.60 44.03 -2.53
CA ALA A 108 13.14 45.38 -2.36
C ALA A 108 13.29 46.03 -3.74
N VAL A 109 12.49 47.06 -3.99
CA VAL A 109 12.54 47.77 -5.27
C VAL A 109 13.38 49.01 -5.03
N TYR A 110 14.63 48.95 -5.47
CA TYR A 110 15.60 50.02 -5.29
C TYR A 110 15.62 51.17 -6.27
N THR A 111 15.99 52.32 -5.74
CA THR A 111 16.14 53.58 -6.48
C THR A 111 17.20 54.29 -5.64
N ALA A 112 18.09 55.04 -6.26
CA ALA A 112 19.11 55.75 -5.49
C ALA A 112 18.46 56.71 -4.51
N ASP A 113 17.28 57.20 -4.87
CA ASP A 113 16.54 58.15 -4.06
C ASP A 113 15.78 57.49 -2.91
N HIS A 114 15.24 56.32 -3.17
CA HIS A 114 14.45 55.61 -2.17
C HIS A 114 14.26 54.14 -2.55
N THR A 115 13.83 53.33 -1.59
CA THR A 115 13.59 51.92 -1.80
C THR A 115 12.20 51.54 -1.31
N VAL A 116 11.45 50.82 -2.13
CA VAL A 116 10.12 50.38 -1.73
C VAL A 116 10.24 48.92 -1.31
N PHE A 117 9.73 48.59 -0.13
CA PHE A 117 9.77 47.22 0.36
C PHE A 117 8.36 46.63 0.29
N LYS A 118 8.24 45.47 -0.34
CA LYS A 118 6.95 44.81 -0.45
C LYS A 118 7.01 43.33 -0.15
N VAL A 119 6.07 42.87 0.66
CA VAL A 119 5.98 41.45 1.02
C VAL A 119 4.51 41.03 1.08
N TRP A 120 4.25 39.83 0.56
CA TRP A 120 2.91 39.28 0.53
C TRP A 120 2.65 38.51 1.83
N ALA A 121 1.78 39.05 2.67
CA ALA A 121 1.45 38.41 3.95
C ALA A 121 -0.03 38.65 4.26
N PRO A 122 -0.91 38.07 3.44
CA PRO A 122 -2.37 38.19 3.57
C PRO A 122 -3.00 37.77 4.89
N ALA A 123 -2.46 36.72 5.51
CA ALA A 123 -3.00 36.23 6.78
C ALA A 123 -2.46 36.96 7.99
N ALA A 124 -1.44 37.77 7.78
CA ALA A 124 -0.83 38.53 8.88
C ALA A 124 -1.71 39.71 9.28
N THR A 125 -1.40 40.30 10.43
CA THR A 125 -2.15 41.47 10.93
C THR A 125 -1.22 42.68 11.02
N SER A 126 0.05 42.46 10.76
CA SER A 126 1.00 43.56 10.83
C SER A 126 2.35 43.12 10.29
N ALA A 127 3.14 44.08 9.82
CA ALA A 127 4.44 43.78 9.25
C ALA A 127 5.33 45.00 9.36
N ALA A 128 6.63 44.77 9.36
CA ALA A 128 7.61 45.84 9.44
C ALA A 128 8.90 45.40 8.75
N VAL A 129 9.69 46.38 8.34
CA VAL A 129 10.97 46.07 7.71
C VAL A 129 12.06 46.46 8.70
N LYS A 130 13.04 45.57 8.90
CA LYS A 130 14.12 45.86 9.82
C LYS A 130 15.43 46.09 9.06
N LEU A 131 15.92 47.32 9.15
CA LEU A 131 17.14 47.74 8.47
C LEU A 131 18.35 47.82 9.41
N SER A 132 19.49 47.36 8.92
CA SER A 132 20.73 47.37 9.67
C SER A 132 21.89 47.55 8.68
N HIS A 133 23.02 48.04 9.17
CA HIS A 133 24.17 48.28 8.32
C HIS A 133 25.45 48.22 9.14
N PRO A 134 26.51 47.64 8.56
CA PRO A 134 27.78 47.54 9.29
C PRO A 134 28.16 48.89 9.91
N ASN A 135 28.28 48.92 11.23
CA ASN A 135 28.62 50.13 11.96
C ASN A 135 27.87 51.35 11.44
N LYS A 136 26.54 51.33 11.61
CA LYS A 136 25.67 52.41 11.18
C LYS A 136 24.37 52.27 11.97
N SER A 137 23.46 53.22 11.80
CA SER A 137 22.20 53.22 12.53
C SER A 137 21.14 52.25 11.99
N GLY A 138 20.65 51.38 12.86
CA GLY A 138 19.62 50.43 12.47
C GLY A 138 18.26 51.05 12.73
N ARG A 139 17.28 50.72 11.90
CA ARG A 139 15.94 51.28 12.04
C ARG A 139 14.90 50.25 11.62
N THR A 140 13.76 50.24 12.31
CA THR A 140 12.69 49.31 11.96
C THR A 140 11.42 50.12 11.78
N PHE A 141 10.88 50.09 10.57
CA PHE A 141 9.68 50.84 10.22
C PHE A 141 8.46 49.96 9.98
N GLN A 142 7.32 50.39 10.50
CA GLN A 142 6.09 49.64 10.31
C GLN A 142 5.74 49.72 8.83
N MET A 143 5.14 48.66 8.30
CA MET A 143 4.74 48.63 6.90
C MET A 143 3.22 48.80 6.84
N THR A 144 2.72 49.27 5.70
CA THR A 144 1.29 49.47 5.54
C THR A 144 0.68 48.38 4.67
N ARG A 145 -0.51 47.92 5.04
CA ARG A 145 -1.18 46.89 4.26
C ARG A 145 -1.98 47.51 3.11
N LEU A 146 -1.68 47.06 1.89
CA LEU A 146 -2.37 47.55 0.70
C LEU A 146 -3.31 46.44 0.25
N GLU A 147 -3.68 46.47 -1.02
CA GLU A 147 -4.58 45.46 -1.57
C GLU A 147 -3.84 44.14 -1.76
N LYS A 148 -4.60 43.05 -1.91
CA LYS A 148 -4.04 41.74 -2.13
C LYS A 148 -3.09 41.28 -1.03
N GLY A 149 -3.39 41.69 0.20
CA GLY A 149 -2.57 41.30 1.33
C GLY A 149 -1.10 41.67 1.24
N VAL A 150 -0.78 42.68 0.46
CA VAL A 150 0.59 43.13 0.30
C VAL A 150 0.94 44.26 1.28
N TYR A 151 2.03 44.10 2.02
CA TYR A 151 2.49 45.12 2.95
C TYR A 151 3.66 45.86 2.30
N ALA A 152 3.68 47.18 2.43
CA ALA A 152 4.76 47.96 1.84
C ALA A 152 5.12 49.17 2.66
N VAL A 153 6.31 49.71 2.39
CA VAL A 153 6.79 50.92 3.05
C VAL A 153 7.89 51.46 2.17
N THR A 154 7.92 52.77 1.99
CA THR A 154 8.95 53.38 1.17
C THR A 154 9.88 54.13 2.10
N VAL A 155 11.17 53.84 2.00
CA VAL A 155 12.18 54.47 2.84
C VAL A 155 13.04 55.39 1.97
N THR A 156 13.05 56.68 2.29
CA THR A 156 13.84 57.61 1.49
C THR A 156 15.31 57.49 1.86
N GLY A 157 16.16 57.71 0.86
CA GLY A 157 17.59 57.61 1.06
C GLY A 157 18.14 56.52 0.16
N ASP A 158 19.46 56.44 0.06
CA ASP A 158 20.10 55.43 -0.76
C ASP A 158 20.34 54.25 0.17
N LEU A 159 19.59 53.17 -0.01
CA LEU A 159 19.76 52.03 0.88
C LEU A 159 20.78 51.01 0.41
N HIS A 160 21.65 51.38 -0.53
CA HIS A 160 22.66 50.45 -1.02
C HIS A 160 23.57 49.97 0.10
N GLY A 161 23.71 48.65 0.21
CA GLY A 161 24.56 48.07 1.24
C GLY A 161 23.80 47.77 2.50
N TYR A 162 22.58 48.29 2.60
CA TYR A 162 21.73 48.08 3.77
C TYR A 162 21.21 46.65 3.87
N GLU A 163 21.29 46.09 5.08
CA GLU A 163 20.79 44.74 5.33
C GLU A 163 19.34 44.94 5.74
N TYR A 164 18.49 43.97 5.42
CA TYR A 164 17.09 44.09 5.78
C TYR A 164 16.47 42.75 6.11
N LEU A 165 15.44 42.80 6.92
CA LEU A 165 14.69 41.62 7.34
C LEU A 165 13.25 42.06 7.45
N PHE A 166 12.33 41.12 7.35
CA PHE A 166 10.92 41.44 7.49
C PHE A 166 10.45 40.85 8.82
N CYS A 167 9.56 41.57 9.48
CA CYS A 167 8.99 41.10 10.73
C CYS A 167 7.53 40.91 10.36
N ILE A 168 7.05 39.67 10.44
CA ILE A 168 5.67 39.37 10.08
C ILE A 168 4.90 38.88 11.29
N CYS A 169 3.74 39.48 11.55
CA CYS A 169 2.94 39.08 12.69
C CYS A 169 1.74 38.23 12.30
N ASN A 170 1.85 36.91 12.54
CA ASN A 170 0.78 35.96 12.26
C ASN A 170 0.34 35.32 13.57
N ASN A 171 -0.97 35.25 13.81
CA ASN A 171 -1.50 34.65 15.03
C ASN A 171 -0.89 35.28 16.29
N SER A 172 -0.70 36.59 16.23
CA SER A 172 -0.14 37.36 17.34
C SER A 172 1.32 37.03 17.69
N GLU A 173 2.01 36.32 16.80
CA GLU A 173 3.42 36.01 17.01
C GLU A 173 4.23 36.65 15.89
N TRP A 174 5.23 37.44 16.28
CA TRP A 174 6.08 38.09 15.30
C TRP A 174 7.21 37.18 14.93
N MET A 175 7.50 37.10 13.65
CA MET A 175 8.61 36.29 13.20
C MET A 175 9.51 37.11 12.31
N GLU A 176 10.81 36.90 12.46
CA GLU A 176 11.81 37.62 11.70
C GLU A 176 12.25 36.75 10.56
N THR A 177 12.31 37.30 9.35
CA THR A 177 12.71 36.50 8.22
C THR A 177 13.35 37.28 7.11
N VAL A 178 14.10 36.58 6.28
CA VAL A 178 14.77 37.18 5.13
C VAL A 178 13.73 37.23 4.02
N ASP A 179 13.75 38.31 3.25
CA ASP A 179 12.83 38.48 2.13
C ASP A 179 12.96 37.28 1.19
N GLN A 180 11.83 36.69 0.80
CA GLN A 180 11.83 35.54 -0.11
C GLN A 180 12.45 35.94 -1.45
N TYR A 181 12.30 37.21 -1.79
CA TYR A 181 12.83 37.74 -3.04
C TYR A 181 14.18 38.45 -2.87
N ALA A 182 14.90 38.11 -1.82
CA ALA A 182 16.20 38.71 -1.54
C ALA A 182 17.17 38.41 -2.68
N LYS A 183 17.72 39.46 -3.31
CA LYS A 183 18.65 39.27 -4.42
C LYS A 183 20.11 39.35 -4.00
N ALA A 184 20.32 39.54 -2.71
CA ALA A 184 21.65 39.61 -2.13
C ALA A 184 21.47 39.29 -0.66
N VAL A 185 22.47 38.66 -0.05
CA VAL A 185 22.38 38.33 1.36
C VAL A 185 23.75 38.40 2.03
N THR A 186 23.74 38.43 3.34
CA THR A 186 24.96 38.49 4.13
C THR A 186 25.57 37.10 4.22
N VAL A 187 26.78 37.00 4.78
CA VAL A 187 27.45 35.70 4.93
C VAL A 187 26.50 34.69 5.58
N ASN A 188 26.47 33.49 5.03
CA ASN A 188 25.59 32.42 5.53
C ASN A 188 24.11 32.76 5.48
N GLY A 189 23.76 33.68 4.58
CA GLY A 189 22.37 34.10 4.39
C GLY A 189 21.51 34.47 5.58
N GLU A 190 22.10 35.10 6.58
CA GLU A 190 21.35 35.50 7.77
C GLU A 190 20.42 36.69 7.50
N LYS A 191 20.84 37.58 6.62
CA LYS A 191 20.02 38.75 6.29
C LYS A 191 20.04 39.05 4.80
N GLY A 192 19.00 39.72 4.33
CA GLY A 192 18.96 40.10 2.94
C GLY A 192 19.71 41.41 2.84
N VAL A 193 20.08 41.80 1.62
CA VAL A 193 20.81 43.04 1.42
C VAL A 193 20.28 43.78 0.20
N VAL A 194 20.17 45.10 0.31
CA VAL A 194 19.71 45.94 -0.79
C VAL A 194 20.95 46.42 -1.54
N LEU A 195 20.98 46.21 -2.86
CA LEU A 195 22.12 46.63 -3.67
C LEU A 195 21.61 47.28 -4.94
N ARG A 196 22.28 48.34 -5.38
CA ARG A 196 21.87 48.99 -6.62
C ARG A 196 22.30 48.07 -7.75
N PRO A 197 21.72 48.24 -8.95
CA PRO A 197 22.10 47.38 -10.07
C PRO A 197 23.61 47.46 -10.26
N ASP A 198 24.27 46.32 -10.41
CA ASP A 198 25.71 46.30 -10.57
C ASP A 198 26.20 46.72 -11.95
N GLN A 199 25.27 47.08 -12.82
CA GLN A 199 25.63 47.51 -14.17
C GLN A 199 26.51 46.50 -14.91
N MET A 200 26.34 45.21 -14.60
CA MET A 200 27.09 44.16 -15.25
C MET A 200 26.75 44.21 -16.74
N LYS A 201 27.75 44.04 -17.59
CA LYS A 201 27.51 44.06 -19.05
C LYS A 201 27.82 42.70 -19.65
N TRP A 202 26.84 42.14 -20.36
CA TRP A 202 27.03 40.85 -21.02
C TRP A 202 27.64 41.15 -22.38
N THR A 203 28.90 40.75 -22.56
CA THR A 203 29.62 41.02 -23.79
C THR A 203 29.88 39.82 -24.69
N ALA A 204 29.04 38.80 -24.57
CA ALA A 204 29.20 37.61 -25.39
C ALA A 204 27.86 37.12 -25.91
N PRO A 205 27.18 37.93 -26.73
CA PRO A 205 25.87 37.58 -27.29
C PRO A 205 25.85 36.20 -27.96
N LEU A 206 24.90 35.37 -27.54
CA LEU A 206 24.74 34.04 -28.11
C LEU A 206 23.40 33.93 -28.79
N LYS A 207 23.40 33.28 -29.95
CA LYS A 207 22.18 33.07 -30.70
C LYS A 207 21.35 32.02 -29.98
N PRO A 208 20.03 32.06 -30.13
CA PRO A 208 19.23 31.04 -29.43
C PRO A 208 19.74 29.66 -29.83
N PHE A 209 19.82 28.74 -28.87
CA PHE A 209 20.32 27.41 -29.19
C PHE A 209 19.44 26.75 -30.23
N SER A 210 20.07 26.13 -31.22
CA SER A 210 19.34 25.50 -32.32
C SER A 210 18.23 24.54 -31.96
N HIS A 211 18.57 23.48 -31.23
CA HIS A 211 17.61 22.46 -30.86
C HIS A 211 18.23 21.57 -29.79
N PRO A 212 17.40 21.04 -28.87
CA PRO A 212 17.88 20.16 -27.79
C PRO A 212 18.80 19.01 -28.20
N VAL A 213 18.44 18.26 -29.23
CA VAL A 213 19.26 17.13 -29.65
C VAL A 213 20.64 17.57 -30.16
N ASP A 214 20.83 18.89 -30.31
CA ASP A 214 22.10 19.45 -30.77
C ASP A 214 22.98 19.82 -29.58
N ALA A 215 22.53 19.52 -28.37
CA ALA A 215 23.31 19.84 -27.18
C ALA A 215 24.07 18.67 -26.59
N VAL A 216 25.09 19.00 -25.80
CA VAL A 216 25.89 18.00 -25.10
C VAL A 216 26.06 18.60 -23.70
N ILE A 217 25.34 18.02 -22.75
CA ILE A 217 25.34 18.50 -21.37
C ILE A 217 26.43 17.86 -20.50
N TYR A 218 27.14 18.72 -19.77
CA TYR A 218 28.24 18.32 -18.90
C TYR A 218 27.92 18.76 -17.47
N GLU A 219 27.58 17.81 -16.61
CA GLU A 219 27.20 18.11 -15.24
C GLU A 219 28.38 18.23 -14.28
N THR A 220 28.53 19.40 -13.67
CA THR A 220 29.64 19.62 -12.75
C THR A 220 29.26 20.44 -11.52
N HIS A 221 29.99 20.22 -10.43
CA HIS A 221 29.80 20.92 -9.16
C HIS A 221 30.95 21.93 -9.10
N LEU A 222 30.66 23.17 -8.74
CA LEU A 222 31.72 24.19 -8.70
C LEU A 222 32.90 23.88 -7.77
N ARG A 223 32.66 23.13 -6.71
CA ARG A 223 33.75 22.78 -5.80
C ARG A 223 34.54 21.62 -6.40
N ASP A 224 33.84 20.56 -6.75
CA ASP A 224 34.46 19.36 -7.33
C ASP A 224 35.37 19.71 -8.50
N PHE A 225 34.83 20.47 -9.46
CA PHE A 225 35.53 20.84 -10.68
C PHE A 225 36.96 21.37 -10.61
N SER A 226 37.30 22.09 -9.56
CA SER A 226 38.66 22.66 -9.49
C SER A 226 39.34 22.62 -8.15
N ILE A 227 38.73 21.94 -7.18
CA ILE A 227 39.30 21.86 -5.84
C ILE A 227 40.59 21.02 -5.78
N HIS A 228 40.75 20.09 -6.72
CA HIS A 228 41.93 19.23 -6.74
C HIS A 228 43.23 20.02 -6.88
N GLU A 229 44.22 19.64 -6.08
CA GLU A 229 45.53 20.30 -6.06
C GLU A 229 46.16 20.45 -7.44
N ASN A 230 45.96 19.46 -8.29
CA ASN A 230 46.53 19.45 -9.64
C ASN A 230 45.57 20.01 -10.69
N SER A 231 44.54 20.72 -10.26
CA SER A 231 43.56 21.27 -11.21
C SER A 231 44.12 22.31 -12.17
N GLY A 232 45.18 23.00 -11.76
CA GLY A 232 45.78 24.01 -12.62
C GLY A 232 45.07 25.35 -12.58
N MET A 233 44.08 25.46 -11.71
CA MET A 233 43.32 26.70 -11.56
C MET A 233 43.63 27.32 -10.20
N ILE A 234 43.75 28.64 -10.19
CA ILE A 234 44.05 29.39 -8.97
C ILE A 234 42.89 29.45 -7.97
N ASN A 235 41.71 29.79 -8.47
CA ASN A 235 40.50 29.92 -7.66
C ASN A 235 39.82 28.58 -7.42
N LYS A 236 40.52 27.68 -6.73
CA LYS A 236 40.01 26.35 -6.45
C LYS A 236 38.69 26.34 -5.69
N GLY A 237 37.69 25.69 -6.28
CA GLY A 237 36.38 25.59 -5.67
C GLY A 237 35.58 26.88 -5.65
N LYS A 238 35.92 27.83 -6.51
CA LYS A 238 35.23 29.12 -6.56
C LYS A 238 34.66 29.43 -7.95
N TYR A 239 33.71 30.36 -8.00
CA TYR A 239 33.09 30.78 -9.25
C TYR A 239 34.10 31.15 -10.32
N LEU A 240 35.13 31.90 -9.92
CA LEU A 240 36.16 32.37 -10.85
C LEU A 240 37.06 31.32 -11.51
N ALA A 241 37.11 30.11 -10.97
CA ALA A 241 37.96 29.09 -11.57
C ALA A 241 37.65 28.91 -13.06
N LEU A 242 36.36 28.79 -13.38
CA LEU A 242 35.93 28.60 -14.76
C LEU A 242 36.22 29.77 -15.69
N THR A 243 36.74 30.87 -15.15
CA THR A 243 37.07 32.03 -16.00
C THR A 243 38.53 31.95 -16.45
N GLU A 244 39.32 31.12 -15.77
CA GLU A 244 40.73 30.97 -16.07
C GLU A 244 40.98 30.23 -17.38
N THR A 245 41.62 30.93 -18.31
CA THR A 245 41.91 30.39 -19.63
C THR A 245 43.24 29.63 -19.74
N ASP A 246 43.27 28.68 -20.67
CA ASP A 246 44.45 27.87 -20.96
C ASP A 246 45.14 27.20 -19.76
N THR A 247 44.36 26.78 -18.77
CA THR A 247 44.96 26.12 -17.61
C THR A 247 45.27 24.67 -17.94
N GLN A 248 46.19 24.07 -17.19
CA GLN A 248 46.58 22.68 -17.45
C GLN A 248 47.10 22.03 -16.19
N THR A 249 47.12 20.70 -16.19
CA THR A 249 47.60 19.96 -15.03
C THR A 249 49.12 20.08 -14.97
N ALA A 250 49.72 19.52 -13.94
CA ALA A 250 51.16 19.56 -13.77
C ALA A 250 51.86 18.94 -14.97
N ASN A 251 51.38 17.78 -15.41
CA ASN A 251 51.99 17.08 -16.54
C ASN A 251 51.73 17.78 -17.88
N GLY A 252 50.92 18.85 -17.86
CA GLY A 252 50.65 19.58 -19.09
C GLY A 252 49.34 19.32 -19.79
N SER A 253 48.52 18.42 -19.27
CA SER A 253 47.22 18.14 -19.88
C SER A 253 46.27 19.31 -19.67
N SER A 254 45.35 19.53 -20.61
CA SER A 254 44.41 20.63 -20.49
C SER A 254 43.50 20.40 -19.29
N SER A 255 43.05 21.50 -18.69
CA SER A 255 42.16 21.45 -17.53
C SER A 255 41.20 22.64 -17.55
N GLY A 256 40.31 22.69 -16.57
CA GLY A 256 39.36 23.79 -16.48
C GLY A 256 38.62 24.18 -17.75
N LEU A 257 38.41 25.48 -17.91
CA LEU A 257 37.70 26.01 -19.07
C LEU A 257 38.21 25.48 -20.39
N ALA A 258 39.52 25.51 -20.58
CA ALA A 258 40.13 25.02 -21.81
C ALA A 258 39.75 23.56 -22.06
N TYR A 259 39.73 22.77 -20.99
CA TYR A 259 39.39 21.35 -21.06
C TYR A 259 37.93 21.17 -21.53
N VAL A 260 37.01 21.76 -20.78
CA VAL A 260 35.59 21.67 -21.11
C VAL A 260 35.31 22.10 -22.56
N LYS A 261 36.01 23.14 -23.01
CA LYS A 261 35.85 23.62 -24.38
C LYS A 261 36.36 22.58 -25.37
N GLU A 262 37.48 21.97 -25.02
CA GLU A 262 38.15 20.95 -25.82
C GLU A 262 37.29 19.69 -25.98
N LEU A 263 36.62 19.30 -24.89
CA LEU A 263 35.76 18.11 -24.93
C LEU A 263 34.69 18.23 -25.99
N GLY A 264 34.25 19.46 -26.25
CA GLY A 264 33.24 19.69 -27.26
C GLY A 264 31.84 19.83 -26.68
N VAL A 265 31.72 19.93 -25.36
CA VAL A 265 30.41 20.07 -24.74
C VAL A 265 29.83 21.44 -25.09
N THR A 266 28.50 21.53 -25.13
CA THR A 266 27.83 22.78 -25.48
C THR A 266 27.23 23.49 -24.26
N HIS A 267 26.80 22.70 -23.28
CA HIS A 267 26.19 23.23 -22.07
C HIS A 267 26.82 22.68 -20.81
N VAL A 268 27.17 23.57 -19.90
CA VAL A 268 27.73 23.17 -18.61
C VAL A 268 26.59 23.30 -17.60
N GLU A 269 26.17 22.18 -17.03
CA GLU A 269 25.11 22.19 -16.03
C GLU A 269 25.77 22.26 -14.66
N LEU A 270 25.36 23.24 -13.87
CA LEU A 270 25.95 23.42 -12.55
C LEU A 270 25.05 22.96 -11.43
N LEU A 271 25.63 22.29 -10.44
CA LEU A 271 24.83 21.90 -9.30
C LEU A 271 24.43 23.25 -8.66
N PRO A 272 23.38 23.27 -7.84
CA PRO A 272 22.85 24.47 -7.17
C PRO A 272 23.77 25.63 -6.81
N VAL A 273 23.54 26.79 -7.42
CA VAL A 273 24.32 28.00 -7.13
C VAL A 273 23.50 29.05 -6.36
N ASN A 274 22.23 28.75 -6.07
CA ASN A 274 21.42 29.68 -5.27
C ASN A 274 21.93 29.42 -3.85
N ASP A 275 21.69 30.35 -2.92
CA ASP A 275 22.19 30.15 -1.58
C ASP A 275 21.57 28.94 -0.91
N PHE A 276 22.42 28.08 -0.36
CA PHE A 276 21.96 26.87 0.33
C PHE A 276 22.67 26.66 1.66
N ALA A 277 22.13 25.77 2.47
CA ALA A 277 22.71 25.45 3.78
C ALA A 277 23.55 24.18 3.61
N GLY A 278 24.53 24.01 4.49
CA GLY A 278 25.36 22.81 4.41
C GLY A 278 26.85 23.08 4.46
N VAL A 279 27.25 24.28 4.09
CA VAL A 279 28.66 24.64 4.10
C VAL A 279 28.79 25.99 4.80
N ASP A 280 29.59 26.03 5.87
CA ASP A 280 29.80 27.27 6.61
C ASP A 280 30.67 28.17 5.73
N GLU A 281 30.07 29.23 5.21
CA GLU A 281 30.80 30.14 4.34
C GLU A 281 31.99 30.80 5.06
N GLU A 282 31.99 30.73 6.38
CA GLU A 282 33.10 31.31 7.16
C GLU A 282 34.27 30.32 7.18
N LYS A 283 33.97 29.02 7.14
CA LYS A 283 34.98 27.96 7.14
C LYS A 283 34.56 26.91 6.11
N PRO A 284 34.58 27.27 4.82
CA PRO A 284 34.20 26.41 3.69
C PRO A 284 34.86 25.04 3.55
N LEU A 285 36.14 24.91 3.91
CA LEU A 285 36.84 23.64 3.80
C LEU A 285 36.41 22.62 4.85
N ASP A 286 35.70 23.07 5.88
CA ASP A 286 35.26 22.20 6.97
C ASP A 286 34.10 21.28 6.65
N ALA A 287 33.40 21.54 5.54
CA ALA A 287 32.28 20.69 5.17
C ALA A 287 32.02 20.78 3.68
N TYR A 288 31.26 19.82 3.17
CA TYR A 288 30.93 19.77 1.76
C TYR A 288 29.45 19.47 1.57
N ASN A 289 28.88 19.96 0.47
CA ASN A 289 27.49 19.70 0.18
C ASN A 289 27.14 20.01 -1.26
N TRP A 290 26.34 19.14 -1.87
CA TRP A 290 25.91 19.35 -3.25
C TRP A 290 25.17 20.68 -3.39
N GLY A 291 24.41 21.05 -2.34
CA GLY A 291 23.66 22.29 -2.36
C GLY A 291 22.15 22.17 -2.45
N TYR A 292 21.61 20.97 -2.30
CA TYR A 292 20.17 20.77 -2.39
C TYR A 292 19.42 21.09 -1.10
N ASN A 293 19.81 22.17 -0.44
CA ASN A 293 19.19 22.63 0.82
C ASN A 293 18.94 24.12 0.61
N PRO A 294 17.93 24.46 -0.19
CA PRO A 294 17.55 25.84 -0.51
C PRO A 294 17.25 26.76 0.65
N LEU A 295 17.94 27.90 0.69
CA LEU A 295 17.72 28.92 1.71
C LEU A 295 17.15 30.16 1.05
N HIS A 296 17.85 30.65 0.03
CA HIS A 296 17.44 31.86 -0.69
C HIS A 296 17.48 31.60 -2.19
N PHE A 297 16.30 31.54 -2.80
CA PHE A 297 16.21 31.25 -4.22
C PHE A 297 16.66 32.32 -5.19
N PHE A 298 16.70 33.58 -4.76
CA PHE A 298 17.11 34.66 -5.65
C PHE A 298 18.53 35.15 -5.44
N ALA A 299 19.28 34.52 -4.55
CA ALA A 299 20.66 34.96 -4.31
C ALA A 299 21.63 33.81 -4.51
N PRO A 300 22.90 34.13 -4.82
CA PRO A 300 23.96 33.14 -5.04
C PRO A 300 24.51 32.54 -3.75
N GLU A 301 25.02 31.31 -3.84
CA GLU A 301 25.62 30.62 -2.70
C GLU A 301 26.90 31.37 -2.39
N GLY A 302 27.23 31.52 -1.10
CA GLY A 302 28.43 32.24 -0.72
C GLY A 302 29.76 31.50 -0.64
N SER A 303 29.75 30.19 -0.46
CA SER A 303 31.00 29.45 -0.36
C SER A 303 31.81 29.40 -1.66
N TYR A 304 31.17 29.71 -2.78
CA TYR A 304 31.86 29.69 -4.07
C TYR A 304 32.50 31.04 -4.41
N ALA A 305 32.27 32.03 -3.55
CA ALA A 305 32.83 33.37 -3.78
C ALA A 305 34.17 33.57 -3.07
N SER A 306 34.98 34.47 -3.62
CA SER A 306 36.27 34.77 -3.01
C SER A 306 36.02 35.39 -1.63
N ASN A 307 34.96 36.19 -1.54
CA ASN A 307 34.60 36.85 -0.29
C ASN A 307 33.09 36.76 -0.08
N PRO A 308 32.64 35.89 0.84
CA PRO A 308 31.22 35.70 1.14
C PRO A 308 30.64 36.80 2.03
N HIS A 309 31.51 37.65 2.56
CA HIS A 309 31.12 38.75 3.43
C HIS A 309 30.57 39.96 2.69
N ASP A 310 31.13 40.22 1.50
CA ASP A 310 30.70 41.36 0.70
C ASP A 310 29.54 40.90 -0.18
N PRO A 311 28.32 41.34 0.14
CA PRO A 311 27.10 40.99 -0.58
C PRO A 311 27.21 40.97 -2.10
N GLN A 312 27.81 42.01 -2.68
CA GLN A 312 27.94 42.10 -4.13
C GLN A 312 28.93 41.14 -4.79
N THR A 313 30.04 40.85 -4.10
CA THR A 313 31.08 39.98 -4.65
C THR A 313 30.62 38.67 -5.29
N ARG A 314 29.81 37.88 -4.58
CA ARG A 314 29.38 36.62 -5.16
C ARG A 314 28.57 36.81 -6.45
N LYS A 315 27.84 37.91 -6.53
CA LYS A 315 27.04 38.20 -7.71
C LYS A 315 27.95 38.52 -8.89
N THR A 316 28.94 39.35 -8.62
CA THR A 316 29.91 39.77 -9.64
C THR A 316 30.62 38.56 -10.23
N GLU A 317 31.12 37.68 -9.36
CA GLU A 317 31.88 36.52 -9.80
C GLU A 317 31.08 35.45 -10.55
N LEU A 318 29.84 35.18 -10.11
CA LEU A 318 29.04 34.21 -10.80
C LEU A 318 28.71 34.74 -12.20
N LYS A 319 28.43 36.05 -12.28
CA LYS A 319 28.12 36.68 -13.57
C LYS A 319 29.32 36.65 -14.50
N GLN A 320 30.52 36.84 -13.94
CA GLN A 320 31.74 36.82 -14.73
C GLN A 320 31.99 35.42 -15.26
N MET A 321 31.82 34.43 -14.39
CA MET A 321 32.02 33.04 -14.79
C MET A 321 31.10 32.75 -15.98
N ILE A 322 29.83 33.11 -15.85
CA ILE A 322 28.86 32.87 -16.90
C ILE A 322 29.18 33.62 -18.20
N ASN A 323 29.59 34.88 -18.08
CA ASN A 323 29.92 35.68 -19.25
C ASN A 323 31.16 35.12 -19.95
N THR A 324 32.14 34.69 -19.18
CA THR A 324 33.37 34.13 -19.74
C THR A 324 33.08 32.84 -20.52
N LEU A 325 32.29 31.94 -19.92
CA LEU A 325 31.93 30.69 -20.57
C LEU A 325 31.26 31.05 -21.90
N HIS A 326 30.43 32.09 -21.89
CA HIS A 326 29.73 32.55 -23.08
C HIS A 326 30.73 33.07 -24.12
N GLN A 327 31.77 33.74 -23.66
CA GLN A 327 32.78 34.27 -24.57
C GLN A 327 33.45 33.11 -25.31
N HIS A 328 33.63 31.99 -24.60
CA HIS A 328 34.25 30.83 -25.19
C HIS A 328 33.26 29.86 -25.85
N GLY A 329 32.07 30.36 -26.16
CA GLY A 329 31.05 29.57 -26.83
C GLY A 329 30.36 28.51 -25.99
N LEU A 330 30.45 28.61 -24.68
CA LEU A 330 29.81 27.62 -23.81
C LEU A 330 28.55 28.17 -23.13
N ARG A 331 27.50 27.35 -23.07
CA ARG A 331 26.27 27.79 -22.41
C ARG A 331 26.16 27.22 -21.00
N VAL A 332 25.27 27.82 -20.21
CA VAL A 332 25.10 27.42 -18.81
C VAL A 332 23.69 26.97 -18.42
N ILE A 333 23.62 25.86 -17.68
CA ILE A 333 22.33 25.35 -17.21
C ILE A 333 22.36 25.36 -15.68
N LEU A 334 21.31 25.88 -15.08
CA LEU A 334 21.24 25.95 -13.63
C LEU A 334 20.33 24.88 -13.03
N ASP A 335 20.88 24.12 -12.09
CA ASP A 335 20.14 23.09 -11.39
C ASP A 335 19.34 23.91 -10.36
N VAL A 336 18.03 23.80 -10.37
CA VAL A 336 17.20 24.56 -9.42
C VAL A 336 16.33 23.59 -8.61
N VAL A 337 16.09 23.95 -7.36
CA VAL A 337 15.35 23.12 -6.42
C VAL A 337 14.03 23.74 -5.95
N PHE A 338 13.02 23.75 -6.82
CA PHE A 338 11.74 24.34 -6.44
C PHE A 338 10.75 23.33 -5.85
N ASN A 339 11.26 22.16 -5.46
CA ASN A 339 10.42 21.12 -4.87
C ASN A 339 10.42 21.13 -3.34
N HIS A 340 11.36 21.85 -2.73
CA HIS A 340 11.44 21.89 -1.28
C HIS A 340 12.42 22.96 -0.78
N VAL A 341 12.36 23.25 0.51
CA VAL A 341 13.26 24.21 1.13
C VAL A 341 13.93 23.52 2.31
N TYR A 342 15.03 24.10 2.78
CA TYR A 342 15.72 23.55 3.92
C TYR A 342 14.99 24.00 5.19
N LYS A 343 14.68 23.05 6.07
CA LYS A 343 13.98 23.36 7.32
C LYS A 343 12.74 24.21 7.10
N ARG A 344 11.66 23.57 6.66
CA ARG A 344 10.39 24.23 6.39
C ARG A 344 9.95 25.20 7.49
N GLU A 345 10.02 24.72 8.73
CA GLU A 345 9.60 25.48 9.91
C GLU A 345 10.21 26.87 10.07
N ASN A 346 11.47 27.03 9.65
CA ASN A 346 12.13 28.33 9.78
C ASN A 346 12.35 29.00 8.43
N SER A 347 11.66 28.53 7.40
CA SER A 347 11.82 29.10 6.07
C SER A 347 11.08 30.42 5.87
N PRO A 348 11.61 31.27 4.97
CA PRO A 348 10.97 32.56 4.69
C PRO A 348 9.49 32.35 4.32
N PHE A 349 9.21 31.30 3.55
CA PHE A 349 7.83 31.00 3.16
C PHE A 349 6.93 30.80 4.37
N GLU A 350 7.30 29.84 5.22
CA GLU A 350 6.53 29.50 6.41
C GLU A 350 6.39 30.65 7.41
N LYS A 351 7.46 31.44 7.59
CA LYS A 351 7.41 32.56 8.51
C LYS A 351 6.59 33.75 7.99
N THR A 352 6.36 33.81 6.68
CA THR A 352 5.61 34.92 6.09
C THR A 352 4.12 34.58 5.97
N VAL A 353 3.82 33.39 5.46
CA VAL A 353 2.44 32.93 5.31
C VAL A 353 2.40 31.45 5.73
N PRO A 354 2.22 31.20 7.03
CA PRO A 354 2.18 29.85 7.61
C PRO A 354 1.23 28.91 6.89
N GLY A 355 1.74 27.73 6.54
CA GLY A 355 0.95 26.70 5.88
C GLY A 355 0.50 26.92 4.44
N TYR A 356 0.93 28.02 3.83
CA TYR A 356 0.52 28.30 2.45
C TYR A 356 1.39 27.65 1.37
N PHE A 357 2.70 27.78 1.51
CA PHE A 357 3.65 27.30 0.53
C PHE A 357 4.02 25.82 0.53
N PHE A 358 3.42 25.03 1.41
CA PHE A 358 3.75 23.61 1.46
C PHE A 358 2.52 22.73 1.42
N ARG A 359 2.61 21.63 0.69
CA ARG A 359 1.47 20.73 0.59
C ARG A 359 1.31 19.95 1.87
N HIS A 360 0.06 19.62 2.19
CA HIS A 360 -0.25 18.84 3.38
C HIS A 360 -1.06 17.60 2.99
N ASP A 361 -0.96 16.56 3.81
CA ASP A 361 -1.70 15.32 3.58
C ASP A 361 -3.13 15.49 4.11
N GLU A 362 -3.99 14.51 3.88
CA GLU A 362 -5.37 14.60 4.33
C GLU A 362 -5.55 14.77 5.83
N CYS A 363 -4.47 14.58 6.59
CA CYS A 363 -4.53 14.73 8.05
C CYS A 363 -4.09 16.12 8.49
N GLY A 364 -3.67 16.95 7.53
CA GLY A 364 -3.24 18.30 7.86
C GLY A 364 -1.75 18.45 8.12
N LYS A 365 -0.98 17.37 7.96
CA LYS A 365 0.46 17.42 8.18
C LYS A 365 1.22 17.63 6.88
N PRO A 366 2.36 18.35 6.94
CA PRO A 366 3.18 18.61 5.75
C PRO A 366 3.55 17.31 5.06
N SER A 367 3.32 17.25 3.75
CA SER A 367 3.63 16.06 2.96
C SER A 367 5.14 15.92 2.80
N ASN A 368 5.57 14.74 2.38
CA ASN A 368 6.98 14.48 2.22
C ASN A 368 7.29 13.59 1.01
N GLY A 369 6.76 13.98 -0.13
CA GLY A 369 6.99 13.24 -1.35
C GLY A 369 8.43 13.37 -1.84
N THR A 370 9.06 14.50 -1.53
CA THR A 370 10.44 14.73 -1.93
C THR A 370 11.36 13.83 -1.12
N GLY A 371 10.91 13.43 0.06
CA GLY A 371 11.71 12.56 0.90
C GLY A 371 12.67 13.31 1.80
N VAL A 372 12.64 14.65 1.74
CA VAL A 372 13.55 15.45 2.56
C VAL A 372 12.86 16.36 3.57
N GLY A 373 11.57 16.13 3.83
CA GLY A 373 10.88 16.93 4.82
C GLY A 373 9.66 17.74 4.42
N ASN A 374 9.65 18.25 3.20
CA ASN A 374 8.52 19.05 2.73
C ASN A 374 8.44 19.11 1.21
N ASP A 375 7.26 19.47 0.73
CA ASP A 375 7.01 19.60 -0.70
C ASP A 375 6.43 20.99 -0.94
N ILE A 376 7.10 21.79 -1.76
CA ILE A 376 6.58 23.12 -2.06
C ILE A 376 5.31 22.93 -2.88
N ALA A 377 4.26 23.62 -2.46
CA ALA A 377 2.96 23.55 -3.14
C ALA A 377 2.94 24.49 -4.34
N SER A 378 3.63 24.11 -5.41
CA SER A 378 3.72 24.90 -6.62
C SER A 378 2.38 25.34 -7.21
N GLU A 379 1.33 24.56 -6.96
CA GLU A 379 0.02 24.88 -7.50
C GLU A 379 -0.65 26.08 -6.83
N ARG A 380 -0.18 26.47 -5.65
CA ARG A 380 -0.76 27.63 -4.99
C ARG A 380 -0.33 28.78 -5.91
N ARG A 381 -1.24 29.69 -6.23
CA ARG A 381 -0.93 30.76 -7.17
C ARG A 381 0.28 31.67 -6.87
N MET A 382 0.55 31.98 -5.61
CA MET A 382 1.69 32.81 -5.30
C MET A 382 2.99 32.00 -5.33
N ALA A 383 2.87 30.68 -5.27
CA ALA A 383 4.03 29.78 -5.34
C ALA A 383 4.43 29.67 -6.81
N ARG A 384 3.42 29.47 -7.65
CA ARG A 384 3.61 29.39 -9.10
C ARG A 384 4.24 30.71 -9.55
N LYS A 385 3.74 31.82 -9.00
CA LYS A 385 4.27 33.14 -9.34
C LYS A 385 5.74 33.19 -8.95
N PHE A 386 6.04 32.68 -7.75
CA PHE A 386 7.41 32.68 -7.24
C PHE A 386 8.38 31.91 -8.13
N ILE A 387 8.04 30.68 -8.46
CA ILE A 387 8.89 29.85 -9.29
C ILE A 387 9.09 30.49 -10.65
N ALA A 388 8.03 31.02 -11.23
CA ALA A 388 8.12 31.67 -12.53
C ALA A 388 8.98 32.92 -12.37
N ASP A 389 8.70 33.70 -11.32
CA ASP A 389 9.45 34.91 -11.04
C ASP A 389 10.95 34.58 -10.96
N CYS A 390 11.26 33.52 -10.22
CA CYS A 390 12.65 33.13 -10.01
C CYS A 390 13.35 32.71 -11.29
N VAL A 391 12.69 31.90 -12.10
CA VAL A 391 13.27 31.44 -13.35
C VAL A 391 13.58 32.61 -14.29
N VAL A 392 12.63 33.52 -14.45
CA VAL A 392 12.81 34.67 -15.32
C VAL A 392 13.93 35.58 -14.80
N TYR A 393 14.02 35.70 -13.48
CA TYR A 393 15.06 36.53 -12.86
C TYR A 393 16.48 35.99 -13.13
N TRP A 394 16.68 34.68 -13.03
CA TRP A 394 18.01 34.14 -13.28
C TRP A 394 18.38 34.27 -14.75
N LEU A 395 17.38 34.20 -15.62
CA LEU A 395 17.61 34.36 -17.04
C LEU A 395 18.03 35.79 -17.33
N GLU A 396 17.27 36.74 -16.80
CA GLU A 396 17.52 38.16 -17.02
C GLU A 396 18.71 38.74 -16.28
N GLU A 397 18.82 38.45 -14.99
CA GLU A 397 19.91 38.96 -14.16
C GLU A 397 21.23 38.20 -14.33
N TYR A 398 21.16 36.89 -14.57
CA TYR A 398 22.39 36.11 -14.73
C TYR A 398 22.65 35.57 -16.14
N ASN A 399 21.71 35.82 -17.04
CA ASN A 399 21.85 35.44 -18.44
C ASN A 399 22.17 33.97 -18.70
N VAL A 400 21.57 33.06 -17.92
CA VAL A 400 21.83 31.64 -18.12
C VAL A 400 21.09 31.09 -19.33
N ASP A 401 21.35 29.84 -19.67
CA ASP A 401 20.75 29.25 -20.86
C ASP A 401 19.82 28.06 -20.68
N GLY A 402 19.39 27.82 -19.45
CA GLY A 402 18.49 26.71 -19.23
C GLY A 402 18.47 26.29 -17.78
N PHE A 403 17.55 25.37 -17.46
CA PHE A 403 17.42 24.90 -16.09
C PHE A 403 17.17 23.40 -16.00
N ARG A 404 17.75 22.80 -14.97
CA ARG A 404 17.58 21.39 -14.70
C ARG A 404 16.72 21.38 -13.43
N PHE A 405 15.48 20.95 -13.55
CA PHE A 405 14.58 20.93 -12.41
C PHE A 405 14.68 19.70 -11.52
N ASP A 406 15.29 19.90 -10.35
CA ASP A 406 15.45 18.83 -9.37
C ASP A 406 14.03 18.40 -8.98
N LEU A 407 13.78 17.09 -9.01
CA LEU A 407 12.46 16.53 -8.69
C LEU A 407 11.33 17.28 -9.38
N LEU A 408 11.43 17.36 -10.71
CA LEU A 408 10.44 18.02 -11.56
C LEU A 408 9.05 17.47 -11.25
N GLY A 409 8.99 16.15 -11.00
CA GLY A 409 7.74 15.48 -10.72
C GLY A 409 6.95 16.00 -9.54
N ILE A 410 7.59 16.79 -8.68
CA ILE A 410 6.91 17.36 -7.52
C ILE A 410 6.11 18.59 -7.96
N LEU A 411 6.57 19.25 -9.02
CA LEU A 411 5.87 20.42 -9.53
C LEU A 411 4.63 20.02 -10.34
N ASP A 412 3.64 20.93 -10.39
CA ASP A 412 2.43 20.66 -11.14
C ASP A 412 2.61 21.13 -12.59
N ILE A 413 1.95 20.43 -13.52
CA ILE A 413 2.06 20.74 -14.94
C ILE A 413 1.72 22.19 -15.32
N ASP A 414 0.65 22.74 -14.75
CA ASP A 414 0.28 24.12 -15.09
C ASP A 414 1.39 25.09 -14.73
N THR A 415 2.01 24.90 -13.58
CA THR A 415 3.11 25.78 -13.18
C THR A 415 4.27 25.66 -14.17
N VAL A 416 4.61 24.44 -14.53
CA VAL A 416 5.68 24.18 -15.47
C VAL A 416 5.43 24.86 -16.82
N LEU A 417 4.21 24.70 -17.34
CA LEU A 417 3.84 25.29 -18.62
C LEU A 417 3.75 26.82 -18.50
N TYR A 418 3.43 27.30 -17.31
CA TYR A 418 3.33 28.74 -17.09
C TYR A 418 4.73 29.35 -17.10
N MET A 419 5.68 28.74 -16.40
CA MET A 419 7.03 29.29 -16.38
C MET A 419 7.72 29.08 -17.71
N LYS A 420 7.43 27.97 -18.38
CA LYS A 420 8.05 27.69 -19.67
C LYS A 420 7.75 28.84 -20.62
N GLU A 421 6.50 29.26 -20.65
CA GLU A 421 6.07 30.35 -21.52
C GLU A 421 6.88 31.61 -21.24
N LYS A 422 6.93 32.01 -19.97
CA LYS A 422 7.68 33.20 -19.60
C LYS A 422 9.18 33.05 -19.81
N ALA A 423 9.69 31.85 -19.54
CA ALA A 423 11.12 31.58 -19.68
C ALA A 423 11.59 31.60 -21.13
N THR A 424 10.84 30.92 -22.01
CA THR A 424 11.22 30.90 -23.43
C THR A 424 11.03 32.26 -24.08
N LYS A 425 10.08 33.04 -23.59
CA LYS A 425 9.86 34.37 -24.15
C LYS A 425 11.02 35.28 -23.77
N ALA A 426 11.56 35.09 -22.57
CA ALA A 426 12.67 35.90 -22.11
C ALA A 426 14.00 35.42 -22.71
N LYS A 427 14.06 34.16 -23.11
CA LYS A 427 15.28 33.60 -23.66
C LYS A 427 14.98 32.43 -24.58
N PRO A 428 14.75 32.72 -25.87
CA PRO A 428 14.46 31.65 -26.83
C PRO A 428 15.60 30.63 -26.93
N GLY A 429 15.23 29.35 -27.05
CA GLY A 429 16.22 28.30 -27.20
C GLY A 429 16.75 27.64 -25.93
N ILE A 430 16.38 28.17 -24.77
CA ILE A 430 16.86 27.60 -23.51
C ILE A 430 16.39 26.17 -23.27
N LEU A 431 17.20 25.40 -22.54
CA LEU A 431 16.88 24.02 -22.22
C LEU A 431 16.11 23.92 -20.91
N LEU A 432 15.03 23.17 -20.92
CA LEU A 432 14.20 22.98 -19.73
C LEU A 432 13.94 21.48 -19.63
N PHE A 433 14.44 20.87 -18.57
CA PHE A 433 14.28 19.45 -18.36
C PHE A 433 14.49 19.13 -16.89
N GLY A 434 14.21 17.89 -16.51
CA GLY A 434 14.37 17.49 -15.13
C GLY A 434 14.04 16.04 -14.87
N GLU A 435 14.06 15.66 -13.60
CA GLU A 435 13.74 14.29 -13.23
C GLU A 435 12.25 14.19 -12.91
N GLY A 436 11.48 13.71 -13.88
CA GLY A 436 10.05 13.56 -13.69
C GLY A 436 9.69 12.24 -13.05
N TRP A 437 10.32 11.93 -11.92
CA TRP A 437 10.03 10.69 -11.21
C TRP A 437 8.63 10.83 -10.64
N ASP A 438 7.91 9.71 -10.56
CA ASP A 438 6.57 9.74 -9.98
C ASP A 438 6.83 9.65 -8.48
N LEU A 439 6.44 10.68 -7.74
CA LEU A 439 6.66 10.70 -6.31
C LEU A 439 5.34 10.84 -5.56
N ALA A 440 5.32 10.35 -4.32
CA ALA A 440 4.11 10.40 -3.52
C ALA A 440 3.84 11.77 -2.91
N THR A 441 3.51 12.74 -3.76
CA THR A 441 3.19 14.08 -3.27
C THR A 441 1.70 14.24 -3.52
N PRO A 442 1.00 14.97 -2.64
CA PRO A 442 -0.45 15.15 -2.82
C PRO A 442 -0.92 15.95 -4.03
N LEU A 443 -0.93 15.30 -5.18
CA LEU A 443 -1.39 15.92 -6.43
C LEU A 443 -2.01 14.83 -7.29
N PRO A 444 -3.14 15.11 -7.96
CA PRO A 444 -3.74 14.08 -8.80
C PRO A 444 -2.66 13.66 -9.80
N HIS A 445 -2.57 12.37 -10.10
CA HIS A 445 -1.54 11.87 -11.00
C HIS A 445 -1.38 12.61 -12.35
N GLU A 446 -2.48 13.09 -12.94
CA GLU A 446 -2.39 13.79 -14.23
C GLU A 446 -1.86 15.20 -14.13
N GLN A 447 -1.68 15.70 -12.90
CA GLN A 447 -1.19 17.06 -12.69
C GLN A 447 0.29 17.14 -12.36
N LYS A 448 0.90 15.99 -12.10
CA LYS A 448 2.34 15.95 -11.79
C LYS A 448 3.17 16.16 -13.05
N ALA A 449 4.22 16.97 -12.95
CA ALA A 449 5.09 17.22 -14.10
C ALA A 449 6.04 16.04 -14.20
N ALA A 450 5.47 14.83 -14.24
CA ALA A 450 6.27 13.62 -14.32
C ALA A 450 6.37 13.05 -15.74
N LEU A 451 7.34 12.16 -15.92
CA LEU A 451 7.61 11.52 -17.19
C LEU A 451 6.35 10.97 -17.86
N ALA A 452 5.50 10.33 -17.06
CA ALA A 452 4.27 9.75 -17.58
C ALA A 452 3.38 10.79 -18.28
N ASN A 453 3.57 12.06 -17.97
CA ASN A 453 2.75 13.09 -18.58
C ASN A 453 3.51 13.92 -19.62
N ALA A 454 4.70 13.46 -19.99
CA ALA A 454 5.52 14.17 -20.98
C ALA A 454 4.72 14.68 -22.19
N PRO A 455 3.71 13.91 -22.66
CA PRO A 455 2.92 14.37 -23.81
C PRO A 455 2.28 15.73 -23.63
N ARG A 456 1.94 16.08 -22.39
CA ARG A 456 1.32 17.37 -22.11
C ARG A 456 2.33 18.47 -21.84
N MET A 457 3.62 18.14 -21.84
CA MET A 457 4.65 19.14 -21.59
C MET A 457 5.66 19.27 -22.71
N PRO A 458 5.20 19.59 -23.93
CA PRO A 458 6.16 19.71 -25.03
C PRO A 458 7.13 20.85 -24.69
N GLY A 459 8.41 20.67 -25.01
CA GLY A 459 9.39 21.69 -24.72
C GLY A 459 10.10 21.42 -23.40
N ILE A 460 9.66 20.37 -22.70
CA ILE A 460 10.28 20.00 -21.44
C ILE A 460 10.89 18.60 -21.59
N GLY A 461 12.15 18.45 -21.22
CA GLY A 461 12.82 17.16 -21.31
C GLY A 461 12.85 16.40 -19.99
N PHE A 462 13.14 15.11 -20.05
CA PHE A 462 13.20 14.27 -18.85
C PHE A 462 14.39 13.33 -18.87
N PHE A 463 15.01 13.12 -17.71
CA PHE A 463 16.12 12.18 -17.64
C PHE A 463 15.57 10.81 -17.99
N ASN A 464 16.17 10.17 -18.98
CA ASN A 464 15.71 8.85 -19.42
C ASN A 464 16.25 7.73 -18.54
N ASP A 465 15.56 7.42 -17.45
CA ASP A 465 15.99 6.37 -16.55
C ASP A 465 15.94 4.98 -17.20
N MET A 466 15.02 4.80 -18.15
CA MET A 466 14.90 3.53 -18.87
C MET A 466 16.19 3.27 -19.64
N PHE A 467 16.56 4.21 -20.51
CA PHE A 467 17.77 4.08 -21.31
C PHE A 467 18.98 3.91 -20.41
N ARG A 468 19.01 4.67 -19.32
CA ARG A 468 20.11 4.62 -18.37
C ARG A 468 20.34 3.21 -17.83
N ASP A 469 19.31 2.62 -17.23
CA ASP A 469 19.42 1.28 -16.66
C ASP A 469 19.56 0.18 -17.71
N ALA A 470 19.05 0.43 -18.91
CA ALA A 470 19.16 -0.53 -20.00
C ALA A 470 20.63 -0.71 -20.36
N VAL A 471 21.37 0.39 -20.37
CA VAL A 471 22.79 0.39 -20.71
C VAL A 471 23.71 -0.04 -19.57
N LYS A 472 23.56 0.62 -18.42
CA LYS A 472 24.38 0.35 -17.24
C LYS A 472 23.93 -0.82 -16.38
N GLY A 473 22.63 -0.94 -16.20
CA GLY A 473 22.07 -1.99 -15.37
C GLY A 473 21.30 -1.27 -14.28
N ASN A 474 20.27 -1.90 -13.73
CA ASN A 474 19.47 -1.28 -12.67
C ASN A 474 20.39 -0.60 -11.65
N THR A 475 20.12 0.66 -11.32
CA THR A 475 20.97 1.39 -10.39
C THR A 475 20.66 1.13 -8.92
N PHE A 476 19.62 0.34 -8.65
CA PHE A 476 19.26 0.04 -7.27
C PHE A 476 19.52 -1.41 -6.89
N HIS A 477 20.46 -2.02 -7.61
CA HIS A 477 20.90 -3.39 -7.39
C HIS A 477 22.35 -3.41 -7.85
N LEU A 478 23.26 -3.34 -6.89
CA LEU A 478 24.69 -3.33 -7.17
C LEU A 478 25.14 -4.31 -8.25
N LYS A 479 24.66 -5.54 -8.17
CA LYS A 479 25.04 -6.56 -9.13
C LYS A 479 24.30 -6.52 -10.47
N ALA A 480 23.13 -5.88 -10.52
CA ALA A 480 22.38 -5.83 -11.76
C ALA A 480 23.26 -5.32 -12.90
N THR A 481 23.15 -5.95 -14.07
CA THR A 481 23.96 -5.57 -15.22
C THR A 481 23.12 -5.13 -16.41
N GLY A 482 23.71 -4.24 -17.22
CA GLY A 482 23.05 -3.76 -18.41
C GLY A 482 23.76 -4.28 -19.66
N PHE A 483 23.28 -3.89 -20.83
CA PHE A 483 23.88 -4.32 -22.09
C PHE A 483 25.38 -4.10 -22.12
N ALA A 484 25.82 -2.90 -21.75
CA ALA A 484 27.24 -2.55 -21.76
C ALA A 484 28.03 -3.42 -20.79
N LEU A 485 27.36 -3.97 -19.79
CA LEU A 485 28.03 -4.84 -18.82
C LEU A 485 27.86 -6.31 -19.18
N GLY A 486 27.29 -6.57 -20.36
CA GLY A 486 27.12 -7.95 -20.81
C GLY A 486 25.76 -8.61 -20.70
N ASN A 487 24.75 -7.89 -20.23
CA ASN A 487 23.42 -8.49 -20.13
C ASN A 487 22.64 -8.34 -21.43
N GLY A 488 22.35 -9.46 -22.08
CA GLY A 488 21.62 -9.42 -23.33
C GLY A 488 20.14 -9.12 -23.19
N GLU A 489 19.60 -9.26 -21.99
CA GLU A 489 18.19 -9.02 -21.71
C GLU A 489 17.74 -7.58 -21.97
N SER A 490 18.68 -6.64 -21.94
CA SER A 490 18.31 -5.26 -22.16
C SER A 490 18.69 -4.71 -23.53
N ALA A 491 19.15 -5.58 -24.42
CA ALA A 491 19.55 -5.16 -25.77
C ALA A 491 18.46 -4.38 -26.50
N GLN A 492 17.23 -4.88 -26.45
CA GLN A 492 16.11 -4.24 -27.12
C GLN A 492 15.79 -2.87 -26.56
N ALA A 493 15.78 -2.77 -25.23
CA ALA A 493 15.51 -1.48 -24.58
C ALA A 493 16.60 -0.49 -25.02
N VAL A 494 17.83 -0.97 -25.13
CA VAL A 494 18.94 -0.13 -25.56
C VAL A 494 18.71 0.37 -26.99
N MET A 495 18.30 -0.52 -27.87
CA MET A 495 18.04 -0.16 -29.27
C MET A 495 16.98 0.94 -29.30
N HIS A 496 15.98 0.79 -28.43
CA HIS A 496 14.89 1.75 -28.30
C HIS A 496 15.48 3.11 -27.93
N GLY A 497 16.37 3.12 -26.94
CA GLY A 497 17.00 4.36 -26.54
C GLY A 497 17.82 4.96 -27.67
N ILE A 498 18.51 4.09 -28.41
CA ILE A 498 19.31 4.53 -29.53
C ILE A 498 18.41 5.21 -30.55
N ALA A 499 17.15 4.77 -30.60
CA ALA A 499 16.18 5.33 -31.53
C ALA A 499 15.46 6.56 -30.97
N GLY A 500 15.90 7.06 -29.82
CA GLY A 500 15.27 8.24 -29.26
C GLY A 500 14.20 8.03 -28.22
N SER A 501 13.91 6.77 -27.87
CA SER A 501 12.90 6.47 -26.86
C SER A 501 11.52 7.03 -27.17
N SER A 502 11.21 7.18 -28.45
CA SER A 502 9.92 7.72 -28.87
C SER A 502 9.06 6.63 -29.48
N GLY A 503 9.25 5.40 -29.02
CA GLY A 503 8.48 4.28 -29.53
C GLY A 503 9.29 3.33 -30.40
N TRP A 504 9.24 2.04 -30.06
CA TRP A 504 9.96 1.01 -30.81
C TRP A 504 9.19 -0.31 -30.82
N LYS A 505 8.58 -0.61 -31.96
CA LYS A 505 7.80 -1.83 -32.12
C LYS A 505 6.82 -2.04 -30.97
N ALA A 506 6.99 -3.14 -30.24
CA ALA A 506 6.11 -3.47 -29.13
C ALA A 506 6.37 -2.62 -27.89
N LEU A 507 7.46 -1.85 -27.91
CA LEU A 507 7.79 -1.01 -26.76
C LEU A 507 7.07 0.33 -26.86
N ALA A 508 6.38 0.69 -25.77
CA ALA A 508 5.66 1.96 -25.73
C ALA A 508 6.66 3.11 -25.60
N PRO A 509 6.35 4.27 -26.20
CA PRO A 509 7.21 5.45 -26.17
C PRO A 509 7.54 5.91 -24.74
N ILE A 510 8.76 6.38 -24.53
CA ILE A 510 9.13 6.89 -23.21
C ILE A 510 8.75 8.36 -23.21
N VAL A 511 9.00 9.01 -24.35
CA VAL A 511 8.66 10.43 -24.55
C VAL A 511 8.19 10.60 -25.99
N PRO A 512 7.35 11.61 -26.24
CA PRO A 512 6.85 11.83 -27.61
C PRO A 512 7.92 12.13 -28.65
N GLU A 513 8.87 13.00 -28.30
CA GLU A 513 9.93 13.39 -29.23
C GLU A 513 11.30 13.24 -28.60
N PRO A 514 12.33 13.04 -29.43
CA PRO A 514 13.70 12.88 -28.91
C PRO A 514 14.25 14.09 -28.16
N SER A 515 13.73 15.28 -28.44
CA SER A 515 14.21 16.47 -27.75
C SER A 515 13.86 16.42 -26.26
N GLN A 516 12.95 15.52 -25.90
CA GLN A 516 12.54 15.39 -24.50
C GLN A 516 13.27 14.27 -23.77
N SER A 517 14.12 13.54 -24.48
CA SER A 517 14.87 12.45 -23.87
C SER A 517 16.30 12.80 -23.51
N ILE A 518 16.56 13.00 -22.23
CA ILE A 518 17.89 13.32 -21.75
C ILE A 518 18.58 11.98 -21.55
N ASN A 519 19.48 11.63 -22.47
CA ASN A 519 20.20 10.36 -22.43
C ASN A 519 21.48 10.43 -21.61
N TYR A 520 21.62 9.52 -20.64
CA TYR A 520 22.79 9.48 -19.76
C TYR A 520 22.94 8.13 -19.06
N VAL A 521 24.13 7.87 -18.52
CA VAL A 521 24.40 6.64 -17.77
C VAL A 521 25.06 6.96 -16.43
N GLU A 522 25.23 8.25 -16.16
CA GLU A 522 25.85 8.71 -14.91
C GLU A 522 25.45 10.15 -14.58
N SER A 523 25.37 10.44 -13.29
CA SER A 523 25.04 11.79 -12.82
C SER A 523 25.65 11.90 -11.44
N HIS A 524 25.39 13.02 -10.74
CA HIS A 524 25.96 13.18 -9.40
C HIS A 524 25.34 12.17 -8.44
N ASP A 525 24.11 11.74 -8.73
CA ASP A 525 23.41 10.76 -7.89
C ASP A 525 23.87 9.32 -8.14
N ASN A 526 23.75 8.49 -7.11
CA ASN A 526 24.12 7.08 -7.19
C ASN A 526 25.61 6.86 -7.48
N HIS A 527 26.02 5.59 -7.55
CA HIS A 527 27.41 5.25 -7.84
C HIS A 527 27.75 5.78 -9.23
N THR A 528 29.02 6.13 -9.44
CA THR A 528 29.46 6.57 -10.75
C THR A 528 29.39 5.30 -11.60
N PHE A 529 29.41 5.43 -12.92
CA PHE A 529 29.35 4.26 -13.79
C PHE A 529 30.50 3.31 -13.45
N TRP A 530 31.68 3.88 -13.21
CA TRP A 530 32.85 3.07 -12.87
C TRP A 530 32.70 2.25 -11.59
N ASP A 531 32.24 2.89 -10.52
CA ASP A 531 32.05 2.19 -9.24
C ASP A 531 30.90 1.20 -9.33
N LYS A 532 29.86 1.55 -10.09
CA LYS A 532 28.71 0.68 -10.25
C LYS A 532 29.18 -0.62 -10.94
N MET A 533 29.82 -0.44 -12.10
CA MET A 533 30.34 -1.55 -12.87
C MET A 533 31.31 -2.38 -12.04
N SER A 534 32.15 -1.71 -11.26
CA SER A 534 33.12 -2.39 -10.42
C SER A 534 32.44 -3.36 -9.44
N PHE A 535 31.27 -2.99 -8.94
CA PHE A 535 30.54 -3.87 -8.02
C PHE A 535 29.86 -5.00 -8.77
N ALA A 536 29.30 -4.71 -9.94
CA ALA A 536 28.62 -5.71 -10.73
C ALA A 536 29.56 -6.67 -11.47
N LEU A 537 30.79 -6.22 -11.73
CA LEU A 537 31.80 -7.02 -12.42
C LEU A 537 33.07 -7.14 -11.59
N PRO A 538 32.97 -7.78 -10.41
CA PRO A 538 34.11 -7.97 -9.51
C PRO A 538 35.31 -8.72 -10.05
N GLN A 539 35.11 -9.55 -11.07
CA GLN A 539 36.21 -10.34 -11.63
C GLN A 539 36.78 -9.80 -12.92
N GLU A 540 36.33 -8.64 -13.36
CA GLU A 540 36.84 -8.08 -14.60
C GLU A 540 38.01 -7.13 -14.35
N ASN A 541 39.02 -7.21 -15.21
CA ASN A 541 40.18 -6.34 -15.07
C ASN A 541 39.84 -4.91 -15.47
N ASP A 542 40.67 -3.97 -15.03
CA ASP A 542 40.47 -2.56 -15.33
C ASP A 542 40.37 -2.27 -16.82
N SER A 543 41.20 -2.95 -17.61
CA SER A 543 41.21 -2.76 -19.05
C SER A 543 39.84 -3.05 -19.68
N ARG A 544 39.21 -4.13 -19.24
CA ARG A 544 37.90 -4.50 -19.75
C ARG A 544 36.80 -3.58 -19.23
N LYS A 545 36.91 -3.19 -17.97
CA LYS A 545 35.94 -2.27 -17.36
C LYS A 545 35.96 -0.97 -18.18
N ARG A 546 37.16 -0.49 -18.50
CA ARG A 546 37.28 0.74 -19.29
C ARG A 546 36.65 0.65 -20.66
N SER A 547 36.78 -0.51 -21.32
CA SER A 547 36.20 -0.67 -22.64
C SER A 547 34.67 -0.64 -22.52
N ARG A 548 34.16 -1.19 -21.43
CA ARG A 548 32.72 -1.22 -21.20
C ARG A 548 32.15 0.18 -20.93
N GLN A 549 32.88 0.98 -20.16
CA GLN A 549 32.43 2.33 -19.86
C GLN A 549 32.52 3.19 -21.12
N ARG A 550 33.59 3.03 -21.89
CA ARG A 550 33.71 3.79 -23.13
C ARG A 550 32.56 3.36 -24.06
N LEU A 551 32.19 2.08 -24.00
CA LEU A 551 31.11 1.53 -24.82
C LEU A 551 29.77 2.20 -24.47
N ALA A 552 29.52 2.40 -23.17
CA ALA A 552 28.29 3.03 -22.72
C ALA A 552 28.24 4.46 -23.25
N VAL A 553 29.41 5.10 -23.33
CA VAL A 553 29.48 6.46 -23.82
C VAL A 553 29.14 6.54 -25.31
N ALA A 554 29.64 5.58 -26.09
CA ALA A 554 29.37 5.55 -27.51
C ALA A 554 27.88 5.35 -27.75
N ILE A 555 27.27 4.46 -26.97
CA ILE A 555 25.86 4.19 -27.09
C ILE A 555 25.06 5.48 -26.88
N ILE A 556 25.33 6.16 -25.77
CA ILE A 556 24.64 7.40 -25.44
C ILE A 556 24.91 8.51 -26.45
N LEU A 557 26.20 8.74 -26.75
CA LEU A 557 26.58 9.81 -27.67
C LEU A 557 26.17 9.61 -29.12
N LEU A 558 25.91 8.37 -29.53
CA LEU A 558 25.49 8.12 -30.90
C LEU A 558 24.01 7.77 -30.97
N ALA A 559 23.30 8.09 -29.89
CA ALA A 559 21.86 7.85 -29.80
C ALA A 559 21.04 9.10 -30.11
N GLN A 560 19.88 8.91 -30.71
CA GLN A 560 19.01 10.06 -30.98
C GLN A 560 18.63 10.54 -29.58
N GLY A 561 18.46 11.85 -29.43
CA GLY A 561 18.11 12.39 -28.14
C GLY A 561 19.07 13.48 -27.71
N VAL A 562 19.11 13.76 -26.41
CA VAL A 562 19.98 14.80 -25.88
C VAL A 562 21.01 14.19 -24.93
N PRO A 563 22.26 14.02 -25.42
CA PRO A 563 23.33 13.43 -24.60
C PRO A 563 23.71 14.25 -23.37
N PHE A 564 23.89 13.54 -22.26
CA PHE A 564 24.23 14.15 -20.98
C PHE A 564 25.41 13.37 -20.40
N ILE A 565 26.43 14.11 -20.00
CA ILE A 565 27.65 13.52 -19.46
C ILE A 565 27.99 14.03 -18.07
N HIS A 566 28.23 13.11 -17.13
CA HIS A 566 28.59 13.50 -15.78
C HIS A 566 30.08 13.87 -15.79
N SER A 567 30.42 15.00 -15.20
CA SER A 567 31.81 15.45 -15.15
C SER A 567 32.73 14.35 -14.59
N GLY A 568 33.74 13.98 -15.36
CA GLY A 568 34.68 12.94 -14.93
C GLY A 568 34.34 11.57 -15.47
N GLN A 569 33.12 11.42 -16.00
CA GLN A 569 32.70 10.15 -16.55
C GLN A 569 33.66 9.78 -17.68
N GLU A 570 34.09 10.80 -18.43
CA GLU A 570 35.00 10.60 -19.55
C GLU A 570 36.30 9.92 -19.12
N PHE A 571 36.67 10.09 -17.85
CA PHE A 571 37.87 9.43 -17.37
C PHE A 571 37.60 8.52 -16.17
N PHE A 572 36.54 7.74 -16.29
CA PHE A 572 36.15 6.76 -15.29
C PHE A 572 36.15 7.27 -13.86
N ARG A 573 35.57 8.45 -13.66
CA ARG A 573 35.50 9.03 -12.33
C ARG A 573 35.05 8.02 -11.28
N THR A 574 35.77 7.97 -10.17
CA THR A 574 35.43 7.06 -9.09
C THR A 574 35.22 7.87 -7.82
N LYS A 575 34.32 7.39 -6.96
CA LYS A 575 34.03 8.04 -5.68
C LYS A 575 34.34 7.07 -4.53
N GLN A 576 35.30 6.18 -4.75
CA GLN A 576 35.69 5.21 -3.73
C GLN A 576 34.53 4.32 -3.31
N GLY A 577 33.58 4.09 -4.22
CA GLY A 577 32.45 3.24 -3.93
C GLY A 577 31.30 3.91 -3.22
N VAL A 578 31.43 5.20 -2.93
CA VAL A 578 30.36 5.95 -2.24
C VAL A 578 29.15 6.10 -3.17
N GLU A 579 27.99 5.67 -2.69
CA GLU A 579 26.76 5.74 -3.48
C GLU A 579 26.08 7.11 -3.51
N ASN A 580 26.04 7.78 -2.37
CA ASN A 580 25.38 9.08 -2.24
C ASN A 580 26.35 10.06 -1.58
N SER A 581 27.15 10.73 -2.40
CA SER A 581 28.17 11.64 -1.89
C SER A 581 27.74 13.08 -1.60
N TYR A 582 26.46 13.29 -1.29
CA TYR A 582 25.98 14.65 -1.05
C TYR A 582 26.73 15.47 0.00
N GLN A 583 27.31 14.82 1.00
CA GLN A 583 28.05 15.55 2.04
C GLN A 583 29.44 14.94 2.29
N SER A 584 29.90 14.11 1.35
CA SER A 584 31.21 13.48 1.50
C SER A 584 32.33 14.47 1.27
N SER A 585 33.50 14.18 1.81
CA SER A 585 34.65 15.06 1.69
C SER A 585 35.13 15.23 0.24
N ASP A 586 36.02 16.21 0.05
CA ASP A 586 36.58 16.51 -1.25
C ASP A 586 37.37 15.34 -1.84
N SER A 587 38.02 14.55 -0.99
CA SER A 587 38.80 13.41 -1.48
C SER A 587 37.85 12.47 -2.21
N ILE A 588 36.60 12.48 -1.77
CA ILE A 588 35.57 11.64 -2.37
C ILE A 588 34.98 12.32 -3.62
N ASN A 589 34.63 13.60 -3.48
CA ASN A 589 33.99 14.33 -4.57
C ASN A 589 34.80 15.14 -5.58
N GLN A 590 36.06 15.43 -5.28
CA GLN A 590 36.84 16.23 -6.20
C GLN A 590 36.97 15.61 -7.59
N LEU A 591 37.10 16.48 -8.59
CA LEU A 591 37.28 16.00 -9.95
C LEU A 591 38.77 15.69 -9.96
N ASP A 592 39.11 14.42 -10.13
CA ASP A 592 40.51 14.01 -10.11
C ASP A 592 41.25 14.32 -11.40
N TRP A 593 41.93 15.47 -11.44
CA TRP A 593 42.68 15.84 -12.64
C TRP A 593 43.91 14.96 -12.88
N ASP A 594 44.31 14.19 -11.87
CA ASP A 594 45.43 13.26 -12.02
C ASP A 594 44.91 12.12 -12.91
N ARG A 595 43.68 11.68 -12.62
CA ARG A 595 43.05 10.62 -13.39
C ARG A 595 42.81 11.07 -14.83
N ARG A 596 42.51 12.35 -15.03
CA ARG A 596 42.28 12.87 -16.37
C ARG A 596 43.56 12.75 -17.21
N GLU A 597 44.71 12.83 -16.54
CA GLU A 597 46.01 12.71 -17.21
C GLU A 597 46.24 11.24 -17.56
N THR A 598 46.09 10.39 -16.56
CA THR A 598 46.30 8.97 -16.74
C THR A 598 45.50 8.41 -17.91
N PHE A 599 44.25 8.82 -18.02
CA PHE A 599 43.39 8.32 -19.09
C PHE A 599 43.07 9.36 -20.15
N LYS A 600 44.05 10.19 -20.49
CA LYS A 600 43.86 11.22 -21.48
C LYS A 600 43.42 10.62 -22.82
N GLU A 601 43.85 9.38 -23.09
CA GLU A 601 43.50 8.71 -24.34
C GLU A 601 42.02 8.35 -24.37
N ASP A 602 41.50 7.83 -23.26
CA ASP A 602 40.10 7.47 -23.16
C ASP A 602 39.30 8.76 -23.29
N VAL A 603 39.73 9.80 -22.58
CA VAL A 603 39.05 11.09 -22.66
C VAL A 603 38.97 11.50 -24.12
N HIS A 604 40.07 11.27 -24.84
CA HIS A 604 40.15 11.62 -26.25
C HIS A 604 39.12 10.86 -27.09
N TYR A 605 38.83 9.62 -26.71
CA TYR A 605 37.85 8.82 -27.44
C TYR A 605 36.49 9.50 -27.33
N ILE A 606 36.12 9.90 -26.12
CA ILE A 606 34.86 10.59 -25.88
C ILE A 606 34.84 11.89 -26.69
N ARG A 607 35.99 12.56 -26.75
CA ARG A 607 36.09 13.80 -27.51
C ARG A 607 35.82 13.56 -28.99
N ARG A 608 36.32 12.45 -29.51
CA ARG A 608 36.11 12.11 -30.93
C ARG A 608 34.67 11.72 -31.17
N LEU A 609 34.05 11.05 -30.20
CA LEU A 609 32.65 10.67 -30.32
C LEU A 609 31.80 11.94 -30.38
N ILE A 610 32.15 12.93 -29.57
CA ILE A 610 31.41 14.19 -29.57
C ILE A 610 31.60 14.94 -30.89
N SER A 611 32.84 14.96 -31.38
CA SER A 611 33.12 15.62 -32.66
C SER A 611 32.36 14.90 -33.77
N LEU A 612 32.29 13.58 -33.67
CA LEU A 612 31.57 12.77 -34.66
C LEU A 612 30.10 13.21 -34.70
N ARG A 613 29.49 13.26 -33.52
CA ARG A 613 28.08 13.65 -33.40
C ARG A 613 27.86 15.05 -33.99
N LYS A 614 28.76 15.96 -33.67
CA LYS A 614 28.65 17.34 -34.16
C LYS A 614 28.77 17.45 -35.68
N ALA A 615 29.65 16.65 -36.26
CA ALA A 615 29.90 16.69 -37.70
C ALA A 615 28.88 15.93 -38.54
N HIS A 616 27.98 15.18 -37.90
CA HIS A 616 27.00 14.41 -38.66
C HIS A 616 25.58 14.48 -38.11
N PRO A 617 24.72 15.31 -38.74
CA PRO A 617 23.32 15.49 -38.34
C PRO A 617 22.52 14.18 -38.30
N ALA A 618 23.06 13.14 -38.92
CA ALA A 618 22.37 11.85 -38.94
C ALA A 618 22.13 11.35 -37.50
N PHE A 619 22.99 11.77 -36.58
CA PHE A 619 22.87 11.36 -35.18
C PHE A 619 21.98 12.32 -34.41
N ARG A 620 21.52 13.37 -35.09
CA ARG A 620 20.70 14.38 -34.45
C ARG A 620 19.40 14.71 -35.18
N LEU A 621 18.63 13.67 -35.52
CA LEU A 621 17.36 13.85 -36.19
C LEU A 621 16.45 14.57 -35.17
N ARG A 622 15.68 15.54 -35.64
CA ARG A 622 14.83 16.34 -34.76
C ARG A 622 13.43 15.83 -34.42
N SER A 623 13.02 14.70 -35.01
CA SER A 623 11.68 14.18 -34.72
C SER A 623 11.58 12.67 -34.82
N ALA A 624 10.60 12.11 -34.10
CA ALA A 624 10.37 10.67 -34.12
C ALA A 624 10.02 10.22 -35.54
N ALA A 625 9.43 11.12 -36.33
CA ALA A 625 9.06 10.82 -37.70
C ALA A 625 10.31 10.73 -38.58
N ASP A 626 11.23 11.67 -38.41
CA ASP A 626 12.46 11.63 -39.20
C ASP A 626 13.26 10.37 -38.84
N ILE A 627 13.30 10.05 -37.55
CA ILE A 627 14.03 8.87 -37.08
C ILE A 627 13.44 7.62 -37.73
N GLN A 628 12.12 7.57 -37.77
CA GLN A 628 11.37 6.46 -38.37
C GLN A 628 11.73 6.35 -39.85
N ARG A 629 12.18 7.47 -40.40
CA ARG A 629 12.50 7.57 -41.81
C ARG A 629 13.99 7.44 -42.18
N HIS A 630 14.88 7.44 -41.19
CA HIS A 630 16.31 7.34 -41.49
C HIS A 630 17.13 6.41 -40.60
N LEU A 631 16.48 5.82 -39.61
CA LEU A 631 17.20 4.92 -38.70
C LEU A 631 16.56 3.54 -38.71
N GLU A 632 17.37 2.50 -38.82
CA GLU A 632 16.85 1.15 -38.81
C GLU A 632 17.82 0.19 -38.14
N CYS A 633 17.27 -0.78 -37.43
CA CYS A 633 18.06 -1.78 -36.72
C CYS A 633 18.39 -2.91 -37.70
N LEU A 634 19.67 -3.30 -37.73
CA LEU A 634 20.13 -4.37 -38.61
C LEU A 634 20.41 -5.68 -37.88
N THR A 635 20.73 -5.58 -36.59
CA THR A 635 21.05 -6.76 -35.79
C THR A 635 20.81 -6.48 -34.32
N LEU A 636 20.21 -7.44 -33.61
CA LEU A 636 19.95 -7.27 -32.19
C LEU A 636 20.14 -8.59 -31.44
N LYS A 637 21.38 -8.85 -31.03
CA LYS A 637 21.73 -10.07 -30.29
C LYS A 637 22.09 -9.68 -28.86
N GLU A 638 22.34 -10.68 -28.02
CA GLU A 638 22.66 -10.44 -26.61
C GLU A 638 23.86 -9.53 -26.34
N HIS A 639 24.89 -9.59 -27.18
CA HIS A 639 26.08 -8.75 -27.00
C HIS A 639 26.41 -7.97 -28.25
N LEU A 640 25.50 -7.96 -29.21
CA LEU A 640 25.76 -7.25 -30.46
C LEU A 640 24.53 -6.53 -30.98
N ILE A 641 24.66 -5.21 -31.17
CA ILE A 641 23.59 -4.39 -31.71
C ILE A 641 24.17 -3.63 -32.87
N ALA A 642 23.49 -3.67 -34.00
CA ALA A 642 23.95 -2.96 -35.18
C ALA A 642 22.76 -2.21 -35.76
N TYR A 643 22.94 -0.93 -35.99
CA TYR A 643 21.87 -0.13 -36.58
C TYR A 643 22.53 0.75 -37.62
N ARG A 644 21.71 1.34 -38.49
CA ARG A 644 22.25 2.19 -39.54
C ARG A 644 21.35 3.38 -39.81
N LEU A 645 21.98 4.45 -40.28
CA LEU A 645 21.29 5.67 -40.62
C LEU A 645 21.39 5.76 -42.14
N TYR A 646 20.25 5.84 -42.83
CA TYR A 646 20.22 5.89 -44.28
C TYR A 646 19.42 7.05 -44.86
N ASP A 647 19.38 7.12 -46.19
CA ASP A 647 18.67 8.18 -46.92
C ASP A 647 19.06 9.53 -46.37
N LEU A 648 20.36 9.74 -46.25
CA LEU A 648 20.92 10.98 -45.72
C LEU A 648 21.26 11.98 -46.83
N ASP A 649 20.43 12.01 -47.88
CA ASP A 649 20.64 12.92 -49.00
C ASP A 649 21.08 14.29 -48.51
N GLU A 650 20.13 15.17 -48.23
CA GLU A 650 20.51 16.47 -47.74
C GLU A 650 20.30 16.50 -46.23
N VAL A 651 20.95 15.53 -45.57
CA VAL A 651 20.89 15.41 -44.13
C VAL A 651 22.31 15.34 -43.59
N ASP A 652 23.05 14.35 -44.09
CA ASP A 652 24.41 14.13 -43.66
C ASP A 652 25.42 14.18 -44.81
N GLU A 653 26.68 14.42 -44.46
CA GLU A 653 27.75 14.47 -45.45
C GLU A 653 27.96 13.07 -46.00
N TRP A 654 27.66 12.08 -45.18
CA TRP A 654 27.81 10.70 -45.58
C TRP A 654 26.48 10.13 -46.06
N LYS A 655 26.56 9.25 -47.06
CA LYS A 655 25.38 8.63 -47.65
C LYS A 655 24.74 7.59 -46.73
N ASP A 656 25.57 6.75 -46.11
CA ASP A 656 25.07 5.71 -45.22
C ASP A 656 26.04 5.57 -44.05
N ILE A 657 25.49 5.33 -42.86
CA ILE A 657 26.31 5.17 -41.66
C ILE A 657 25.87 3.93 -40.86
N ILE A 658 26.83 3.05 -40.58
CA ILE A 658 26.54 1.84 -39.83
C ILE A 658 27.31 1.84 -38.51
N VAL A 659 26.59 1.58 -37.42
CA VAL A 659 27.19 1.54 -36.09
C VAL A 659 26.94 0.19 -35.43
N ILE A 660 28.00 -0.45 -34.95
CA ILE A 660 27.90 -1.75 -34.30
C ILE A 660 28.50 -1.70 -32.88
N HIS A 661 27.68 -2.04 -31.89
CA HIS A 661 28.11 -2.06 -30.50
C HIS A 661 28.28 -3.50 -30.04
N HIS A 662 29.49 -3.84 -29.59
CA HIS A 662 29.80 -5.19 -29.12
C HIS A 662 30.10 -5.14 -27.64
N ALA A 663 29.40 -5.97 -26.85
CA ALA A 663 29.59 -5.99 -25.41
C ALA A 663 30.25 -7.27 -24.86
N SER A 664 31.03 -7.95 -25.68
CA SER A 664 31.71 -9.16 -25.25
C SER A 664 33.14 -9.15 -25.77
N PRO A 665 34.08 -9.73 -25.01
CA PRO A 665 35.50 -9.78 -25.38
C PRO A 665 35.85 -10.70 -26.56
N ASP A 666 34.96 -11.60 -26.91
CA ASP A 666 35.22 -12.50 -28.02
C ASP A 666 35.23 -11.74 -29.35
N SER A 667 35.61 -12.42 -30.41
CA SER A 667 35.68 -11.81 -31.74
C SER A 667 34.64 -12.43 -32.67
N VAL A 668 34.03 -11.60 -33.51
CA VAL A 668 33.02 -12.08 -34.44
C VAL A 668 33.02 -11.29 -35.75
N GLU A 669 32.50 -11.92 -36.79
CA GLU A 669 32.39 -11.29 -38.11
C GLU A 669 30.96 -10.81 -38.25
N TRP A 670 30.77 -9.70 -38.95
CA TRP A 670 29.45 -9.14 -39.16
C TRP A 670 29.25 -8.83 -40.63
N ARG A 671 28.18 -9.36 -41.23
CA ARG A 671 27.89 -9.12 -42.64
C ARG A 671 27.15 -7.81 -42.85
N LEU A 672 27.68 -6.99 -43.76
CA LEU A 672 27.05 -5.72 -44.07
C LEU A 672 25.81 -6.03 -44.92
N PRO A 673 24.82 -5.12 -44.91
CA PRO A 673 23.58 -5.30 -45.68
C PRO A 673 23.77 -5.20 -47.20
N ASN A 674 25.03 -5.04 -47.62
CA ASN A 674 25.33 -4.97 -49.05
C ASN A 674 26.79 -5.32 -49.34
N ASP A 675 27.21 -5.09 -50.58
CA ASP A 675 28.58 -5.39 -51.01
C ASP A 675 29.40 -4.16 -51.36
N ILE A 676 28.83 -2.98 -51.17
CA ILE A 676 29.54 -1.75 -51.48
C ILE A 676 30.68 -1.56 -50.48
N PRO A 677 31.84 -1.04 -50.94
CA PRO A 677 32.97 -0.84 -50.03
C PRO A 677 32.66 0.29 -49.05
N TYR A 678 32.96 0.08 -47.77
CA TYR A 678 32.73 1.09 -46.75
C TYR A 678 34.05 1.51 -46.12
N ARG A 679 34.03 2.61 -45.39
CA ARG A 679 35.21 3.11 -44.70
C ARG A 679 35.13 2.69 -43.23
N LEU A 680 36.20 2.12 -42.71
CA LEU A 680 36.21 1.71 -41.30
C LEU A 680 36.66 2.94 -40.51
N LEU A 681 35.69 3.65 -39.93
CA LEU A 681 36.01 4.85 -39.17
C LEU A 681 36.47 4.58 -37.75
N CYS A 682 35.93 3.52 -37.15
CA CYS A 682 36.26 3.19 -35.77
C CYS A 682 36.01 1.73 -35.44
N ASP A 683 36.72 1.23 -34.44
CA ASP A 683 36.56 -0.15 -33.99
C ASP A 683 36.91 -0.20 -32.50
N PRO A 684 36.86 -1.39 -31.88
CA PRO A 684 37.17 -1.48 -30.46
C PRO A 684 38.47 -0.80 -30.02
N SER A 685 39.37 -0.55 -30.96
CA SER A 685 40.64 0.12 -30.65
C SER A 685 40.47 1.62 -30.62
N GLY A 686 39.42 2.11 -31.28
CA GLY A 686 39.19 3.54 -31.33
C GLY A 686 39.12 4.02 -32.76
N PHE A 687 39.01 5.33 -32.94
CA PHE A 687 38.95 5.89 -34.27
C PHE A 687 40.23 5.69 -35.05
N GLN A 688 40.08 5.39 -36.33
CA GLN A 688 41.19 5.14 -37.23
C GLN A 688 41.57 6.44 -37.96
N GLU A 689 42.86 6.77 -37.94
CA GLU A 689 43.34 7.99 -38.58
C GLU A 689 43.02 8.04 -40.07
N ASP A 690 43.42 7.00 -40.80
CA ASP A 690 43.14 6.94 -42.22
C ASP A 690 42.21 5.76 -42.44
N PRO A 691 40.90 6.02 -42.43
CA PRO A 691 39.90 4.97 -42.62
C PRO A 691 40.22 4.05 -43.80
N THR A 692 40.45 2.79 -43.49
CA THR A 692 40.72 1.80 -44.52
C THR A 692 39.37 1.42 -45.09
N GLU A 693 39.35 0.71 -46.21
CA GLU A 693 38.09 0.30 -46.80
C GLU A 693 37.88 -1.20 -46.64
N ILE A 694 36.68 -1.58 -46.19
CA ILE A 694 36.36 -2.99 -46.02
C ILE A 694 35.14 -3.32 -46.90
N LYS A 695 34.89 -4.61 -47.14
CA LYS A 695 33.77 -5.02 -47.97
C LYS A 695 33.03 -6.25 -47.46
N LYS A 696 31.73 -6.30 -47.74
CA LYS A 696 30.84 -7.40 -47.36
C LYS A 696 30.81 -7.77 -45.88
N THR A 697 31.96 -7.93 -45.28
CA THR A 697 32.03 -8.28 -43.85
C THR A 697 33.05 -7.42 -43.12
N VAL A 698 33.01 -7.49 -41.80
CA VAL A 698 33.93 -6.73 -40.97
C VAL A 698 34.12 -7.48 -39.67
N ALA A 699 35.32 -7.40 -39.10
CA ALA A 699 35.60 -8.08 -37.84
C ALA A 699 35.25 -7.18 -36.67
N VAL A 700 34.61 -7.76 -35.67
CA VAL A 700 34.22 -7.05 -34.46
C VAL A 700 35.01 -7.72 -33.34
N ASN A 701 36.20 -7.21 -33.07
CA ASN A 701 37.08 -7.79 -32.06
C ASN A 701 36.97 -7.20 -30.67
N GLY A 702 36.37 -7.96 -29.76
CA GLY A 702 36.23 -7.52 -28.39
C GLY A 702 35.24 -6.40 -28.13
N ILE A 703 35.18 -5.99 -26.87
CA ILE A 703 34.31 -4.93 -26.42
C ILE A 703 34.64 -3.58 -27.05
N GLY A 704 33.64 -2.96 -27.66
CA GLY A 704 33.85 -1.67 -28.28
C GLY A 704 32.81 -1.38 -29.33
N THR A 705 33.07 -0.38 -30.14
CA THR A 705 32.15 0.03 -31.18
C THR A 705 32.87 0.13 -32.52
N VAL A 706 32.20 -0.33 -33.57
CA VAL A 706 32.76 -0.24 -34.90
C VAL A 706 31.84 0.65 -35.71
N ILE A 707 32.41 1.65 -36.38
CA ILE A 707 31.63 2.57 -37.17
C ILE A 707 32.08 2.51 -38.63
N LEU A 708 31.11 2.36 -39.52
CA LEU A 708 31.38 2.29 -40.95
C LEU A 708 30.57 3.38 -41.63
N TYR A 709 31.13 3.99 -42.67
CA TYR A 709 30.40 5.04 -43.36
C TYR A 709 30.67 5.00 -44.85
N LEU A 710 29.72 5.53 -45.60
CA LEU A 710 29.81 5.59 -47.05
C LEU A 710 29.67 7.05 -47.46
N ALA A 711 30.72 7.60 -48.06
CA ALA A 711 30.67 8.99 -48.51
C ALA A 711 29.78 9.03 -49.74
N SER A 712 29.36 10.22 -50.16
CA SER A 712 28.50 10.34 -51.33
C SER A 712 29.18 11.09 -52.48
N MET B 1 -21.57 -39.59 43.66
CA MET B 1 -21.45 -40.97 44.21
C MET B 1 -21.28 -42.00 43.08
N VAL B 2 -20.99 -43.24 43.46
CA VAL B 2 -20.81 -44.34 42.52
C VAL B 2 -19.52 -44.31 41.72
N SER B 3 -18.65 -45.27 42.00
CA SER B 3 -17.37 -45.39 41.31
C SER B 3 -16.75 -46.73 41.62
N ILE B 4 -15.72 -47.09 40.87
CA ILE B 4 -15.04 -48.35 41.11
C ILE B 4 -14.27 -48.18 42.42
N ARG B 5 -14.38 -49.16 43.31
CA ARG B 5 -13.68 -49.08 44.59
C ARG B 5 -12.18 -49.32 44.37
N ARG B 6 -11.36 -48.43 44.92
CA ARG B 6 -9.91 -48.55 44.77
C ARG B 6 -9.14 -48.28 46.05
N SER B 7 -8.08 -49.06 46.28
CA SER B 7 -7.22 -48.92 47.45
C SER B 7 -6.48 -47.58 47.37
N PHE B 8 -5.95 -47.30 46.19
CA PHE B 8 -5.22 -46.05 45.92
C PHE B 8 -5.35 -45.73 44.43
N GLU B 9 -4.70 -44.67 43.97
CA GLU B 9 -4.79 -44.27 42.57
C GLU B 9 -3.44 -44.14 41.88
N ALA B 10 -3.41 -44.45 40.59
CA ALA B 10 -2.19 -44.36 39.80
C ALA B 10 -2.53 -43.86 38.38
N TYR B 11 -1.81 -42.85 37.93
CA TYR B 11 -2.00 -42.29 36.60
C TYR B 11 -0.70 -42.23 35.80
N VAL B 12 -0.80 -42.42 34.50
CA VAL B 12 0.36 -42.34 33.63
C VAL B 12 0.38 -40.91 33.08
N ASP B 13 1.25 -40.06 33.63
CA ASP B 13 1.33 -38.67 33.20
C ASP B 13 2.30 -38.37 32.06
N ASP B 14 3.12 -39.34 31.68
CA ASP B 14 4.05 -39.20 30.56
C ASP B 14 4.39 -40.60 30.11
N MET B 15 5.08 -40.74 28.98
CA MET B 15 5.40 -42.05 28.44
C MET B 15 6.03 -43.04 29.42
N ASN B 16 6.81 -42.54 30.38
CA ASN B 16 7.44 -43.44 31.33
C ASN B 16 7.34 -42.89 32.75
N ILE B 17 6.26 -42.15 33.02
CA ILE B 17 6.06 -41.59 34.35
C ILE B 17 4.69 -41.95 34.93
N ILE B 18 4.72 -42.58 36.09
CA ILE B 18 3.49 -42.99 36.77
C ILE B 18 3.37 -42.28 38.10
N THR B 19 2.26 -41.57 38.29
CA THR B 19 1.99 -40.85 39.51
C THR B 19 1.08 -41.71 40.39
N VAL B 20 1.53 -41.97 41.63
CA VAL B 20 0.76 -42.77 42.56
C VAL B 20 0.24 -41.90 43.70
N LEU B 21 -1.08 -41.90 43.90
CA LEU B 21 -1.70 -41.11 44.95
C LEU B 21 -2.23 -42.03 46.04
N ILE B 22 -1.75 -41.83 47.25
CA ILE B 22 -2.17 -42.65 48.37
C ILE B 22 -2.97 -41.85 49.37
N PRO B 23 -4.15 -42.35 49.75
CA PRO B 23 -4.94 -41.59 50.72
C PRO B 23 -4.10 -41.41 52.00
N ALA B 24 -4.14 -40.21 52.55
CA ALA B 24 -3.37 -39.87 53.74
C ALA B 24 -3.44 -40.94 54.82
N GLU B 25 -4.66 -41.39 55.10
CA GLU B 25 -4.91 -42.41 56.11
C GLU B 25 -4.13 -43.70 55.88
N GLN B 26 -3.63 -43.90 54.67
CA GLN B 26 -2.91 -45.13 54.33
C GLN B 26 -1.46 -44.89 53.92
N LYS B 27 -0.98 -43.67 54.09
CA LYS B 27 0.39 -43.33 53.72
C LYS B 27 1.41 -44.29 54.33
N GLU B 28 1.23 -44.61 55.59
CA GLU B 28 2.14 -45.48 56.32
C GLU B 28 1.89 -46.97 56.05
N ILE B 29 0.84 -47.28 55.27
CA ILE B 29 0.49 -48.66 54.95
C ILE B 29 0.79 -49.05 53.49
N MET B 30 0.29 -48.28 52.54
CA MET B 30 0.50 -48.55 51.12
C MET B 30 1.74 -47.79 50.66
N THR B 31 2.89 -48.27 51.09
CA THR B 31 4.18 -47.65 50.80
C THR B 31 4.97 -48.31 49.68
N PRO B 32 5.95 -47.58 49.12
CA PRO B 32 6.76 -48.18 48.05
C PRO B 32 7.61 -49.26 48.69
N PRO B 33 8.30 -50.10 47.90
CA PRO B 33 8.37 -50.13 46.44
C PRO B 33 7.03 -50.35 45.74
N PHE B 34 6.86 -49.65 44.61
CA PHE B 34 5.68 -49.82 43.79
C PHE B 34 6.14 -50.57 42.56
N ARG B 35 5.30 -51.45 42.03
CA ARG B 35 5.65 -52.20 40.84
C ARG B 35 4.57 -52.05 39.79
N LEU B 36 4.96 -52.09 38.52
CA LEU B 36 4.03 -51.96 37.41
C LEU B 36 3.84 -53.34 36.76
N GLU B 37 2.58 -53.79 36.70
CA GLU B 37 2.27 -55.10 36.14
C GLU B 37 1.30 -55.07 34.95
N THR B 38 1.35 -56.15 34.18
CA THR B 38 0.47 -56.39 33.05
C THR B 38 0.39 -57.91 33.02
N GLU B 39 -0.42 -58.47 32.14
CA GLU B 39 -0.56 -59.92 32.05
C GLU B 39 0.74 -60.61 31.65
N ILE B 40 1.73 -59.83 31.23
CA ILE B 40 3.01 -60.40 30.81
C ILE B 40 4.23 -59.78 31.49
N THR B 41 4.09 -58.55 31.98
CA THR B 41 5.22 -57.88 32.62
C THR B 41 5.04 -57.51 34.09
N ASP B 42 6.17 -57.40 34.78
CA ASP B 42 6.23 -57.04 36.19
C ASP B 42 7.55 -56.32 36.41
N PHE B 43 7.52 -55.00 36.36
CA PHE B 43 8.72 -54.19 36.54
C PHE B 43 8.66 -53.30 37.78
N PRO B 44 9.84 -52.91 38.29
CA PRO B 44 9.88 -52.05 39.48
C PRO B 44 9.74 -50.60 39.04
N LEU B 45 9.25 -49.76 39.94
CA LEU B 45 9.12 -48.35 39.64
C LEU B 45 10.07 -47.62 40.57
N ALA B 46 10.72 -46.58 40.06
CA ALA B 46 11.64 -45.80 40.87
C ALA B 46 10.93 -44.50 41.28
N VAL B 47 11.03 -44.14 42.56
CA VAL B 47 10.41 -42.91 43.05
C VAL B 47 11.36 -41.74 42.80
N ARG B 48 10.97 -40.84 41.91
CA ARG B 48 11.79 -39.68 41.59
C ARG B 48 11.54 -38.50 42.52
N GLU B 49 10.36 -38.47 43.13
CA GLU B 49 10.00 -37.40 44.04
C GLU B 49 8.70 -37.78 44.75
N GLU B 50 8.48 -37.19 45.92
CA GLU B 50 7.28 -37.48 46.69
C GLU B 50 6.96 -36.35 47.66
N TYR B 51 5.69 -36.01 47.78
CA TYR B 51 5.26 -34.95 48.70
C TYR B 51 3.78 -35.14 49.02
N SER B 52 3.27 -34.35 49.95
CA SER B 52 1.88 -34.51 50.33
C SER B 52 0.90 -33.49 49.77
N LEU B 53 -0.28 -33.98 49.41
CA LEU B 53 -1.36 -33.15 48.89
C LEU B 53 -2.30 -32.93 50.08
N GLU B 54 -3.43 -32.27 49.83
CA GLU B 54 -4.37 -31.99 50.91
C GLU B 54 -4.73 -33.21 51.77
N ALA B 55 -5.09 -34.31 51.11
CA ALA B 55 -5.47 -35.52 51.84
C ALA B 55 -4.95 -36.77 51.14
N LYS B 56 -3.89 -36.59 50.34
CA LYS B 56 -3.28 -37.69 49.62
C LYS B 56 -1.78 -37.52 49.62
N TYR B 57 -1.06 -38.64 49.60
CA TYR B 57 0.39 -38.57 49.54
C TYR B 57 0.73 -39.01 48.13
N LYS B 58 1.53 -38.18 47.45
CA LYS B 58 1.91 -38.41 46.07
C LYS B 58 3.35 -38.83 45.81
N TYR B 59 3.50 -39.81 44.92
CA TYR B 59 4.81 -40.31 44.51
C TYR B 59 4.84 -40.24 42.99
N VAL B 60 5.80 -39.53 42.40
CA VAL B 60 5.86 -39.54 40.94
C VAL B 60 6.95 -40.55 40.65
N CYS B 61 6.59 -41.61 39.94
CA CYS B 61 7.53 -42.68 39.64
C CYS B 61 7.95 -42.78 38.18
N VAL B 62 9.15 -43.34 37.99
CA VAL B 62 9.71 -43.52 36.66
C VAL B 62 9.80 -45.00 36.34
N SER B 63 9.42 -45.36 35.12
CA SER B 63 9.47 -46.76 34.69
C SER B 63 10.60 -46.89 33.68
N ASP B 64 11.25 -48.04 33.66
CA ASP B 64 12.35 -48.27 32.73
C ASP B 64 11.80 -48.40 31.33
N HIS B 65 10.80 -49.27 31.19
CA HIS B 65 10.17 -49.49 29.89
C HIS B 65 8.93 -48.61 29.77
N PRO B 66 8.71 -48.02 28.59
CA PRO B 66 7.53 -47.16 28.39
C PRO B 66 6.26 -47.98 28.57
N VAL B 67 5.19 -47.32 29.01
CA VAL B 67 3.92 -48.02 29.21
C VAL B 67 3.35 -48.52 27.88
N THR B 68 2.80 -49.73 27.89
CA THR B 68 2.22 -50.28 26.68
C THR B 68 0.71 -50.07 26.69
N PHE B 69 0.25 -49.01 26.04
CA PHE B 69 -1.17 -48.70 26.00
C PHE B 69 -1.96 -49.76 25.27
N GLY B 70 -3.12 -50.11 25.82
CA GLY B 70 -3.97 -51.13 25.23
C GLY B 70 -4.13 -52.30 26.18
N LYS B 71 -3.15 -52.46 27.07
CA LYS B 71 -3.20 -53.54 28.06
C LYS B 71 -3.50 -52.96 29.41
N ILE B 72 -4.27 -53.68 30.22
CA ILE B 72 -4.59 -53.21 31.55
C ILE B 72 -3.32 -53.27 32.39
N HIS B 73 -3.02 -52.19 33.09
CA HIS B 73 -1.84 -52.14 33.93
C HIS B 73 -2.24 -52.01 35.39
N CYS B 74 -1.53 -52.72 36.25
CA CYS B 74 -1.80 -52.66 37.68
C CYS B 74 -0.55 -52.18 38.41
N VAL B 75 -0.76 -51.28 39.37
CA VAL B 75 0.34 -50.78 40.17
C VAL B 75 0.23 -51.44 41.54
N ARG B 76 1.28 -52.12 41.96
CA ARG B 76 1.29 -52.81 43.23
C ARG B 76 2.15 -52.12 44.27
N ALA B 77 1.59 -51.88 45.45
CA ALA B 77 2.32 -51.27 46.55
C ALA B 77 2.97 -52.43 47.30
N SER B 78 3.97 -52.16 48.12
CA SER B 78 4.66 -53.22 48.87
C SER B 78 3.75 -53.95 49.87
N SER B 79 2.64 -53.30 50.24
CA SER B 79 1.70 -53.88 51.19
C SER B 79 0.82 -54.93 50.54
N GLY B 80 0.91 -55.05 49.22
CA GLY B 80 0.09 -56.02 48.51
C GLY B 80 -1.09 -55.41 47.79
N HIS B 81 -1.52 -54.21 48.20
CA HIS B 81 -2.66 -53.57 47.55
C HIS B 81 -2.32 -53.22 46.10
N LYS B 82 -3.34 -53.17 45.26
CA LYS B 82 -3.14 -52.85 43.85
C LYS B 82 -4.23 -51.93 43.30
N THR B 83 -3.94 -51.31 42.18
CA THR B 83 -4.90 -50.43 41.54
C THR B 83 -4.68 -50.45 40.04
N ASP B 84 -5.72 -50.10 39.30
CA ASP B 84 -5.63 -50.07 37.84
C ASP B 84 -5.04 -48.74 37.43
N LEU B 85 -4.10 -48.79 36.48
CA LEU B 85 -3.43 -47.60 35.95
C LEU B 85 -4.42 -46.77 35.17
N GLN B 86 -4.70 -45.57 35.65
CA GLN B 86 -5.63 -44.67 34.97
C GLN B 86 -4.87 -43.72 34.03
N ILE B 87 -5.61 -43.02 33.19
CA ILE B 87 -5.03 -42.09 32.23
C ILE B 87 -4.67 -40.74 32.85
N GLY B 88 -3.43 -40.32 32.67
CA GLY B 88 -3.00 -39.04 33.21
C GLY B 88 -2.80 -38.02 32.11
N ALA B 89 -1.85 -37.11 32.31
CA ALA B 89 -1.57 -36.05 31.35
C ALA B 89 -0.77 -36.52 30.14
N VAL B 90 -0.38 -37.80 30.13
CA VAL B 90 0.40 -38.36 29.03
C VAL B 90 -0.19 -38.16 27.64
N ILE B 91 -1.53 -38.16 27.54
CA ILE B 91 -2.17 -38.01 26.23
C ILE B 91 -1.94 -36.66 25.57
N ARG B 92 -1.45 -35.68 26.32
CA ARG B 92 -1.20 -34.35 25.78
C ARG B 92 0.26 -34.09 25.39
N THR B 93 1.13 -35.07 25.63
CA THR B 93 2.55 -34.91 25.31
C THR B 93 2.85 -35.15 23.84
N ALA B 94 3.91 -34.52 23.36
CA ALA B 94 4.33 -34.66 21.97
C ALA B 94 4.71 -36.11 21.70
N ALA B 95 5.35 -36.76 22.66
CA ALA B 95 5.77 -38.15 22.51
C ALA B 95 4.59 -39.10 22.29
N PHE B 96 3.53 -38.92 23.08
CA PHE B 96 2.33 -39.73 22.94
C PHE B 96 1.74 -39.48 21.55
N ASP B 97 1.66 -38.21 21.18
CA ASP B 97 1.12 -37.80 19.89
C ASP B 97 1.91 -38.41 18.71
N ASP B 98 3.24 -38.37 18.79
CA ASP B 98 4.08 -38.92 17.73
C ASP B 98 4.00 -40.45 17.68
N GLU B 99 3.85 -41.05 18.85
CA GLU B 99 3.75 -42.50 18.95
C GLU B 99 2.45 -43.04 18.36
N PHE B 100 1.35 -42.34 18.58
CA PHE B 100 0.07 -42.82 18.09
C PHE B 100 -0.58 -42.16 16.89
N TYR B 101 0.06 -41.18 16.28
CA TYR B 101 -0.57 -40.54 15.13
C TYR B 101 -0.94 -41.57 14.06
N TYR B 102 -2.21 -41.56 13.66
CA TYR B 102 -2.69 -42.49 12.63
C TYR B 102 -3.07 -41.71 11.38
N ASP B 103 -2.42 -42.03 10.27
CA ASP B 103 -2.66 -41.34 9.01
C ASP B 103 -3.76 -41.94 8.12
N GLY B 104 -4.31 -43.07 8.53
CA GLY B 104 -5.35 -43.73 7.74
C GLY B 104 -6.76 -43.19 7.92
N GLU B 105 -7.73 -43.82 7.25
CA GLU B 105 -9.11 -43.36 7.36
C GLU B 105 -9.82 -43.96 8.56
N LEU B 106 -10.62 -43.12 9.22
CA LEU B 106 -11.36 -43.53 10.41
C LEU B 106 -12.86 -43.50 10.17
N GLY B 107 -13.60 -44.14 11.05
CA GLY B 107 -15.05 -44.17 10.93
C GLY B 107 -15.54 -45.49 10.39
N ALA B 108 -16.70 -45.47 9.75
CA ALA B 108 -17.29 -46.66 9.19
C ALA B 108 -17.08 -46.67 7.67
N VAL B 109 -16.27 -47.60 7.20
CA VAL B 109 -16.01 -47.72 5.77
C VAL B 109 -16.93 -48.78 5.20
N TYR B 110 -17.90 -48.34 4.40
CA TYR B 110 -18.90 -49.23 3.82
C TYR B 110 -18.62 -49.88 2.47
N THR B 111 -19.10 -51.11 2.36
CA THR B 111 -19.01 -51.95 1.16
C THR B 111 -20.31 -52.77 1.21
N ALA B 112 -20.87 -53.08 0.05
CA ALA B 112 -22.11 -53.84 0.01
C ALA B 112 -21.92 -55.18 0.74
N ASP B 113 -20.70 -55.72 0.65
CA ASP B 113 -20.34 -57.00 1.26
C ASP B 113 -20.08 -56.91 2.77
N HIS B 114 -19.39 -55.85 3.18
CA HIS B 114 -19.04 -55.68 4.58
C HIS B 114 -18.75 -54.22 4.91
N THR B 115 -18.61 -53.94 6.21
CA THR B 115 -18.29 -52.60 6.68
C THR B 115 -17.15 -52.75 7.67
N VAL B 116 -16.15 -51.89 7.56
CA VAL B 116 -15.02 -51.91 8.46
C VAL B 116 -15.17 -50.72 9.41
N PHE B 117 -15.07 -50.97 10.71
CA PHE B 117 -15.19 -49.89 11.69
C PHE B 117 -13.84 -49.63 12.31
N LYS B 118 -13.45 -48.36 12.37
CA LYS B 118 -12.19 -47.97 12.96
C LYS B 118 -12.32 -46.69 13.76
N VAL B 119 -11.70 -46.69 14.94
CA VAL B 119 -11.74 -45.54 15.82
C VAL B 119 -10.40 -45.43 16.53
N TRP B 120 -9.94 -44.20 16.72
CA TRP B 120 -8.68 -43.93 17.38
C TRP B 120 -8.90 -43.76 18.88
N ALA B 121 -8.47 -44.76 19.66
CA ALA B 121 -8.61 -44.74 21.11
C ALA B 121 -7.35 -45.32 21.74
N PRO B 122 -6.21 -44.64 21.56
CA PRO B 122 -4.90 -45.04 22.07
C PRO B 122 -4.78 -45.25 23.58
N ALA B 123 -5.53 -44.50 24.37
CA ALA B 123 -5.43 -44.67 25.82
C ALA B 123 -6.37 -45.73 26.37
N ALA B 124 -7.22 -46.27 25.50
CA ALA B 124 -8.18 -47.28 25.93
C ALA B 124 -7.55 -48.66 26.04
N THR B 125 -8.27 -49.58 26.69
CA THR B 125 -7.81 -50.95 26.88
C THR B 125 -8.73 -51.91 26.15
N SER B 126 -9.81 -51.36 25.58
CA SER B 126 -10.76 -52.18 24.85
C SER B 126 -11.75 -51.31 24.09
N ALA B 127 -12.40 -51.88 23.08
CA ALA B 127 -13.38 -51.15 22.28
C ALA B 127 -14.29 -52.14 21.55
N ALA B 128 -15.49 -51.68 21.20
CA ALA B 128 -16.45 -52.52 20.51
C ALA B 128 -17.42 -51.64 19.74
N VAL B 129 -18.13 -52.24 18.80
CA VAL B 129 -19.10 -51.52 18.01
C VAL B 129 -20.47 -52.10 18.32
N LYS B 130 -21.39 -51.21 18.70
CA LYS B 130 -22.76 -51.60 19.05
C LYS B 130 -23.68 -51.25 17.89
N LEU B 131 -24.20 -52.29 17.26
CA LEU B 131 -25.10 -52.15 16.12
C LEU B 131 -26.55 -52.37 16.49
N SER B 132 -27.42 -51.46 16.05
CA SER B 132 -28.85 -51.60 16.30
C SER B 132 -29.62 -51.19 15.05
N HIS B 133 -30.83 -51.71 14.92
CA HIS B 133 -31.67 -51.44 13.76
C HIS B 133 -33.14 -51.51 14.19
N PRO B 134 -33.97 -50.55 13.73
CA PRO B 134 -35.40 -50.46 14.04
C PRO B 134 -36.17 -51.79 14.07
N ASN B 135 -35.96 -52.63 13.07
CA ASN B 135 -36.64 -53.91 13.01
C ASN B 135 -35.72 -55.11 12.75
N LYS B 136 -34.57 -55.12 13.43
CA LYS B 136 -33.60 -56.20 13.28
C LYS B 136 -32.92 -56.53 14.61
N SER B 137 -32.18 -57.64 14.62
CA SER B 137 -31.49 -58.06 15.84
C SER B 137 -30.26 -57.20 16.10
N GLY B 138 -30.10 -56.79 17.36
CA GLY B 138 -28.95 -55.98 17.73
C GLY B 138 -27.75 -56.88 17.92
N ARG B 139 -26.55 -56.33 17.73
CA ARG B 139 -25.33 -57.09 17.89
C ARG B 139 -24.20 -56.15 18.27
N THR B 140 -23.37 -56.58 19.22
CA THR B 140 -22.23 -55.78 19.64
C THR B 140 -20.97 -56.64 19.50
N PHE B 141 -20.05 -56.19 18.66
CA PHE B 141 -18.81 -56.94 18.42
C PHE B 141 -17.59 -56.24 18.96
N GLN B 142 -16.69 -57.03 19.54
CA GLN B 142 -15.46 -56.49 20.10
C GLN B 142 -14.55 -56.09 18.95
N MET B 143 -13.75 -55.05 19.16
CA MET B 143 -12.84 -54.59 18.14
C MET B 143 -11.41 -54.96 18.53
N THR B 144 -10.56 -55.16 17.52
CA THR B 144 -9.17 -55.54 17.76
C THR B 144 -8.29 -54.32 17.68
N ARG B 145 -7.31 -54.23 18.58
CA ARG B 145 -6.40 -53.09 18.55
C ARG B 145 -5.31 -53.32 17.52
N LEU B 146 -5.14 -52.37 16.62
CA LEU B 146 -4.10 -52.46 15.59
C LEU B 146 -2.99 -51.51 16.01
N GLU B 147 -2.13 -51.14 15.07
CA GLU B 147 -1.04 -50.22 15.36
C GLU B 147 -1.62 -48.81 15.42
N LYS B 148 -0.87 -47.88 16.02
CA LYS B 148 -1.29 -46.49 16.12
C LYS B 148 -2.54 -46.25 16.97
N GLY B 149 -2.80 -47.12 17.94
CA GLY B 149 -3.96 -46.97 18.81
C GLY B 149 -5.32 -47.03 18.13
N VAL B 150 -5.38 -47.64 16.96
CA VAL B 150 -6.64 -47.76 16.23
C VAL B 150 -7.31 -49.11 16.52
N TYR B 151 -8.59 -49.07 16.84
CA TYR B 151 -9.35 -50.29 17.09
C TYR B 151 -10.21 -50.51 15.85
N ALA B 152 -10.27 -51.75 15.37
CA ALA B 152 -11.05 -52.04 14.19
C ALA B 152 -11.77 -53.38 14.24
N VAL B 153 -12.77 -53.50 13.39
CA VAL B 153 -13.53 -54.74 13.27
C VAL B 153 -14.25 -54.70 11.94
N THR B 154 -14.17 -55.81 11.21
CA THR B 154 -14.84 -55.93 9.93
C THR B 154 -16.07 -56.77 10.17
N VAL B 155 -17.24 -56.24 9.79
CA VAL B 155 -18.50 -56.94 9.98
C VAL B 155 -19.08 -57.33 8.63
N THR B 156 -19.21 -58.63 8.41
CA THR B 156 -19.74 -59.17 7.17
C THR B 156 -21.23 -58.91 7.06
N GLY B 157 -21.69 -58.69 5.84
CA GLY B 157 -23.10 -58.42 5.62
C GLY B 157 -23.29 -56.99 5.17
N ASP B 158 -24.49 -56.65 4.71
CA ASP B 158 -24.78 -55.29 4.25
C ASP B 158 -25.35 -54.52 5.44
N LEU B 159 -24.55 -53.64 6.01
CA LEU B 159 -24.97 -52.87 7.17
C LEU B 159 -25.72 -51.57 6.88
N HIS B 160 -26.14 -51.37 5.63
CA HIS B 160 -26.85 -50.15 5.29
C HIS B 160 -28.11 -49.99 6.15
N GLY B 161 -28.29 -48.81 6.73
CA GLY B 161 -29.46 -48.60 7.57
C GLY B 161 -29.23 -48.92 9.04
N TYR B 162 -28.15 -49.64 9.34
CA TYR B 162 -27.87 -49.97 10.74
C TYR B 162 -27.37 -48.78 11.53
N GLU B 163 -27.86 -48.64 12.75
CA GLU B 163 -27.42 -47.56 13.62
C GLU B 163 -26.21 -48.13 14.37
N TYR B 164 -25.21 -47.28 14.64
CA TYR B 164 -24.05 -47.77 15.37
C TYR B 164 -23.52 -46.77 16.36
N LEU B 165 -22.82 -47.30 17.35
CA LEU B 165 -22.20 -46.53 18.40
C LEU B 165 -20.91 -47.28 18.74
N PHE B 166 -19.95 -46.58 19.32
CA PHE B 166 -18.71 -47.21 19.72
C PHE B 166 -18.73 -47.26 21.25
N CYS B 167 -18.19 -48.34 21.79
CA CYS B 167 -18.09 -48.50 23.22
C CYS B 167 -16.59 -48.42 23.45
N ILE B 168 -16.14 -47.47 24.26
CA ILE B 168 -14.72 -47.31 24.52
C ILE B 168 -14.44 -47.47 26.02
N CYS B 169 -13.45 -48.29 26.35
CA CYS B 169 -13.10 -48.53 27.74
C CYS B 169 -11.85 -47.75 28.14
N ASN B 170 -12.07 -46.64 28.83
CA ASN B 170 -10.96 -45.82 29.32
C ASN B 170 -11.06 -45.86 30.84
N ASN B 171 -9.94 -46.04 31.52
CA ASN B 171 -9.91 -46.08 32.99
C ASN B 171 -10.84 -47.15 33.56
N SER B 172 -10.97 -48.27 32.87
CA SER B 172 -11.84 -49.36 33.31
C SER B 172 -13.32 -48.99 33.27
N GLU B 173 -13.63 -47.85 32.68
CA GLU B 173 -15.02 -47.43 32.55
C GLU B 173 -15.39 -47.43 31.08
N TRP B 174 -16.50 -48.09 30.76
CA TRP B 174 -16.97 -48.15 29.38
C TRP B 174 -17.86 -46.97 29.06
N MET B 175 -17.64 -46.34 27.92
CA MET B 175 -18.48 -45.22 27.52
C MET B 175 -19.03 -45.41 26.11
N GLU B 176 -20.31 -45.13 25.99
CA GLU B 176 -21.02 -45.26 24.73
C GLU B 176 -20.93 -43.92 24.00
N THR B 177 -20.60 -43.97 22.70
CA THR B 177 -20.48 -42.72 21.97
C THR B 177 -20.72 -42.87 20.49
N VAL B 178 -21.12 -41.76 19.87
CA VAL B 178 -21.31 -41.76 18.44
C VAL B 178 -19.90 -41.65 17.85
N ASP B 179 -19.76 -42.11 16.63
CA ASP B 179 -18.50 -42.07 15.89
C ASP B 179 -18.20 -40.59 15.57
N GLN B 180 -16.99 -40.12 15.86
CA GLN B 180 -16.64 -38.73 15.57
C GLN B 180 -16.73 -38.50 14.06
N TYR B 181 -16.58 -39.59 13.32
CA TYR B 181 -16.62 -39.54 11.87
C TYR B 181 -17.96 -40.00 11.29
N ALA B 182 -19.00 -40.05 12.11
CA ALA B 182 -20.32 -40.47 11.65
C ALA B 182 -20.80 -39.56 10.51
N LYS B 183 -21.06 -40.15 9.35
CA LYS B 183 -21.50 -39.38 8.21
C LYS B 183 -23.02 -39.35 8.06
N ALA B 184 -23.70 -40.03 8.98
CA ALA B 184 -25.16 -40.04 9.02
C ALA B 184 -25.54 -40.33 10.48
N VAL B 185 -26.66 -39.78 10.91
CA VAL B 185 -27.14 -39.98 12.29
C VAL B 185 -28.67 -40.04 12.34
N THR B 186 -29.19 -40.55 13.45
CA THR B 186 -30.63 -40.64 13.67
C THR B 186 -31.13 -39.28 14.18
N VAL B 187 -32.44 -39.16 14.34
CA VAL B 187 -33.01 -37.89 14.80
C VAL B 187 -32.33 -37.38 16.07
N ASN B 188 -32.01 -36.08 16.08
CA ASN B 188 -31.33 -35.43 17.20
C ASN B 188 -29.95 -36.02 17.50
N GLY B 189 -29.31 -36.57 16.47
CA GLY B 189 -27.97 -37.14 16.59
C GLY B 189 -27.67 -38.12 17.71
N GLU B 190 -28.64 -38.94 18.10
CA GLU B 190 -28.44 -39.90 19.17
C GLU B 190 -27.54 -41.06 18.76
N LYS B 191 -27.65 -41.49 17.51
CA LYS B 191 -26.82 -42.59 17.04
C LYS B 191 -26.28 -42.32 15.66
N GLY B 192 -25.15 -42.94 15.34
CA GLY B 192 -24.60 -42.80 14.02
C GLY B 192 -25.35 -43.81 13.15
N VAL B 193 -25.27 -43.66 11.84
CA VAL B 193 -25.96 -44.58 10.94
C VAL B 193 -25.10 -44.91 9.73
N VAL B 194 -25.01 -46.18 9.39
CA VAL B 194 -24.24 -46.63 8.24
C VAL B 194 -25.17 -46.54 7.03
N LEU B 195 -24.70 -45.89 5.97
CA LEU B 195 -25.50 -45.74 4.76
C LEU B 195 -24.66 -46.00 3.53
N ARG B 196 -25.21 -46.75 2.57
CA ARG B 196 -24.49 -47.01 1.34
C ARG B 196 -24.46 -45.70 0.58
N PRO B 197 -23.47 -45.51 -0.30
CA PRO B 197 -23.43 -44.25 -1.05
C PRO B 197 -24.78 -44.03 -1.73
N ASP B 198 -25.30 -42.81 -1.67
CA ASP B 198 -26.60 -42.51 -2.28
C ASP B 198 -26.53 -42.28 -3.79
N GLN B 199 -27.71 -42.16 -4.40
CA GLN B 199 -27.88 -41.99 -5.83
C GLN B 199 -27.94 -40.53 -6.29
N MET B 200 -27.01 -39.70 -5.83
CA MET B 200 -27.01 -38.29 -6.22
C MET B 200 -26.36 -38.01 -7.57
N LYS B 201 -27.07 -37.30 -8.44
CA LYS B 201 -26.55 -36.94 -9.75
C LYS B 201 -26.19 -35.44 -9.78
N TRP B 202 -24.90 -35.14 -9.64
CA TRP B 202 -24.44 -33.75 -9.65
C TRP B 202 -24.39 -33.23 -11.07
N THR B 203 -24.59 -31.92 -11.24
CA THR B 203 -24.54 -31.29 -12.56
C THR B 203 -23.06 -31.14 -12.92
N ALA B 204 -22.78 -30.65 -14.12
CA ALA B 204 -21.40 -30.49 -14.57
C ALA B 204 -20.59 -29.64 -13.60
N PRO B 205 -19.37 -30.09 -13.28
CA PRO B 205 -18.47 -29.39 -12.36
C PRO B 205 -18.20 -27.96 -12.79
N LEU B 206 -18.23 -27.04 -11.82
CA LEU B 206 -17.95 -25.65 -12.09
C LEU B 206 -16.45 -25.50 -12.18
N LYS B 207 -15.98 -24.64 -13.07
CA LYS B 207 -14.55 -24.41 -13.19
C LYS B 207 -14.11 -23.70 -11.91
N PRO B 208 -12.83 -23.79 -11.54
CA PRO B 208 -12.36 -23.12 -10.32
C PRO B 208 -12.69 -21.63 -10.34
N PHE B 209 -13.14 -21.12 -9.19
CA PHE B 209 -13.48 -19.71 -9.12
C PHE B 209 -12.21 -18.91 -9.39
N SER B 210 -12.33 -17.94 -10.28
CA SER B 210 -11.24 -17.08 -10.72
C SER B 210 -10.32 -16.49 -9.64
N HIS B 211 -10.88 -15.69 -8.74
CA HIS B 211 -10.09 -15.03 -7.72
C HIS B 211 -11.00 -14.50 -6.60
N PRO B 212 -10.53 -14.53 -5.35
CA PRO B 212 -11.35 -14.04 -4.23
C PRO B 212 -11.98 -12.65 -4.43
N VAL B 213 -11.21 -11.69 -4.94
CA VAL B 213 -11.77 -10.34 -5.14
C VAL B 213 -12.87 -10.29 -6.20
N ASP B 214 -13.11 -11.41 -6.88
CA ASP B 214 -14.15 -11.49 -7.89
C ASP B 214 -15.43 -12.04 -7.27
N ALA B 215 -15.38 -12.36 -5.98
CA ALA B 215 -16.53 -12.90 -5.27
C ALA B 215 -17.39 -11.86 -4.56
N VAL B 216 -18.66 -12.18 -4.39
CA VAL B 216 -19.61 -11.34 -3.68
C VAL B 216 -20.35 -12.36 -2.82
N ILE B 217 -20.07 -12.34 -1.52
CA ILE B 217 -20.64 -13.29 -0.57
C ILE B 217 -21.96 -12.82 0.05
N TYR B 218 -22.90 -13.74 0.19
CA TYR B 218 -24.23 -13.46 0.73
C TYR B 218 -24.44 -14.43 1.89
N GLU B 219 -24.41 -13.92 3.12
CA GLU B 219 -24.57 -14.76 4.31
C GLU B 219 -26.02 -14.98 4.72
N THR B 220 -26.43 -16.25 4.74
CA THR B 220 -27.80 -16.55 5.11
C THR B 220 -27.95 -17.80 6.00
N HIS B 221 -29.00 -17.81 6.79
CA HIS B 221 -29.33 -18.93 7.67
C HIS B 221 -30.48 -19.63 6.94
N LEU B 222 -30.37 -20.94 6.76
CA LEU B 222 -31.39 -21.71 6.04
C LEU B 222 -32.82 -21.55 6.55
N ARG B 223 -32.99 -21.35 7.86
CA ARG B 223 -34.33 -21.19 8.40
C ARG B 223 -34.84 -19.77 8.10
N ASP B 224 -34.02 -18.77 8.44
CA ASP B 224 -34.38 -17.38 8.19
C ASP B 224 -34.79 -17.16 6.74
N PHE B 225 -33.93 -17.60 5.84
CA PHE B 225 -34.10 -17.41 4.42
C PHE B 225 -35.48 -17.64 3.82
N SER B 226 -36.22 -18.63 4.31
CA SER B 226 -37.52 -18.94 3.72
C SER B 226 -38.69 -19.17 4.68
N ILE B 227 -38.45 -19.09 5.98
CA ILE B 227 -39.52 -19.33 6.94
C ILE B 227 -40.70 -18.35 6.87
N HIS B 228 -40.43 -17.10 6.50
CA HIS B 228 -41.47 -16.07 6.39
C HIS B 228 -42.62 -16.51 5.49
N GLU B 229 -43.85 -16.33 5.98
CA GLU B 229 -45.04 -16.76 5.24
C GLU B 229 -45.19 -16.24 3.81
N ASN B 230 -44.55 -15.11 3.48
CA ASN B 230 -44.66 -14.54 2.14
C ASN B 230 -43.39 -14.83 1.33
N SER B 231 -42.57 -15.77 1.79
CA SER B 231 -41.32 -16.09 1.11
C SER B 231 -41.55 -16.63 -0.30
N GLY B 232 -42.72 -17.18 -0.54
CA GLY B 232 -43.02 -17.72 -1.86
C GLY B 232 -42.39 -19.08 -2.10
N MET B 233 -41.80 -19.67 -1.07
CA MET B 233 -41.19 -20.98 -1.20
C MET B 233 -42.04 -21.99 -0.44
N ILE B 234 -42.17 -23.19 -1.00
CA ILE B 234 -42.96 -24.25 -0.40
C ILE B 234 -42.29 -24.90 0.82
N ASN B 235 -41.03 -25.29 0.64
CA ASN B 235 -40.24 -25.95 1.68
C ASN B 235 -39.65 -24.94 2.67
N LYS B 236 -40.51 -24.18 3.33
CA LYS B 236 -40.10 -23.14 4.25
C LYS B 236 -39.20 -23.58 5.40
N GLY B 237 -38.04 -22.94 5.47
CA GLY B 237 -37.07 -23.24 6.53
C GLY B 237 -36.29 -24.52 6.32
N LYS B 238 -36.36 -25.07 5.10
CA LYS B 238 -35.68 -26.32 4.79
C LYS B 238 -34.65 -26.22 3.67
N TYR B 239 -33.84 -27.27 3.56
CA TYR B 239 -32.79 -27.37 2.55
C TYR B 239 -33.36 -27.15 1.15
N LEU B 240 -34.50 -27.80 0.88
CA LEU B 240 -35.12 -27.73 -0.43
C LEU B 240 -35.65 -26.36 -0.86
N ALA B 241 -35.86 -25.44 0.08
CA ALA B 241 -36.38 -24.13 -0.29
C ALA B 241 -35.55 -23.50 -1.40
N LEU B 242 -34.23 -23.66 -1.32
CA LEU B 242 -33.31 -23.09 -2.30
C LEU B 242 -33.22 -23.83 -3.64
N THR B 243 -34.03 -24.89 -3.81
CA THR B 243 -34.05 -25.61 -5.08
C THR B 243 -35.23 -25.08 -5.90
N GLU B 244 -36.12 -24.34 -5.25
CA GLU B 244 -37.31 -23.79 -5.90
C GLU B 244 -36.99 -22.60 -6.81
N THR B 245 -37.21 -22.80 -8.11
CA THR B 245 -36.94 -21.77 -9.11
C THR B 245 -38.09 -20.78 -9.34
N ASP B 246 -37.73 -19.59 -9.81
CA ASP B 246 -38.68 -18.54 -10.12
C ASP B 246 -39.74 -18.29 -9.08
N THR B 247 -39.31 -18.28 -7.83
CA THR B 247 -40.21 -18.05 -6.72
C THR B 247 -40.42 -16.55 -6.56
N GLN B 248 -41.56 -16.16 -5.99
CA GLN B 248 -41.83 -14.76 -5.77
C GLN B 248 -42.82 -14.50 -4.65
N THR B 249 -42.77 -13.28 -4.11
CA THR B 249 -43.67 -12.89 -3.03
C THR B 249 -45.11 -12.77 -3.54
N ALA B 250 -46.04 -12.53 -2.61
CA ALA B 250 -47.44 -12.40 -2.96
C ALA B 250 -47.66 -11.39 -4.08
N ASN B 251 -46.97 -10.25 -3.98
CA ASN B 251 -47.11 -9.20 -4.98
C ASN B 251 -46.20 -9.29 -6.19
N GLY B 252 -45.59 -10.45 -6.40
CA GLY B 252 -44.74 -10.62 -7.56
C GLY B 252 -43.26 -10.28 -7.47
N SER B 253 -42.78 -9.80 -6.34
CA SER B 253 -41.35 -9.49 -6.23
C SER B 253 -40.58 -10.81 -6.14
N SER B 254 -39.45 -10.89 -6.83
CA SER B 254 -38.62 -12.09 -6.82
C SER B 254 -38.20 -12.46 -5.39
N SER B 255 -38.00 -13.75 -5.17
CA SER B 255 -37.59 -14.26 -3.87
C SER B 255 -36.82 -15.56 -4.07
N GLY B 256 -36.35 -16.15 -2.98
CA GLY B 256 -35.62 -17.40 -3.05
C GLY B 256 -34.41 -17.41 -3.98
N LEU B 257 -34.20 -18.56 -4.63
CA LEU B 257 -33.10 -18.76 -5.56
C LEU B 257 -33.04 -17.68 -6.62
N ALA B 258 -34.20 -17.40 -7.24
CA ALA B 258 -34.31 -16.39 -8.28
C ALA B 258 -33.83 -15.03 -7.79
N TYR B 259 -34.23 -14.66 -6.57
CA TYR B 259 -33.83 -13.38 -5.98
C TYR B 259 -32.31 -13.30 -5.77
N VAL B 260 -31.74 -14.33 -5.17
CA VAL B 260 -30.30 -14.33 -4.91
C VAL B 260 -29.53 -14.26 -6.23
N LYS B 261 -29.96 -15.05 -7.21
CA LYS B 261 -29.31 -15.05 -8.51
C LYS B 261 -29.39 -13.64 -9.11
N GLU B 262 -30.57 -13.06 -9.06
CA GLU B 262 -30.80 -11.72 -9.58
C GLU B 262 -29.93 -10.64 -8.89
N LEU B 263 -29.71 -10.78 -7.59
CA LEU B 263 -28.89 -9.84 -6.84
C LEU B 263 -27.51 -9.68 -7.45
N GLY B 264 -26.99 -10.79 -7.98
CA GLY B 264 -25.67 -10.79 -8.60
C GLY B 264 -24.60 -11.41 -7.70
N VAL B 265 -25.01 -11.96 -6.57
CA VAL B 265 -24.03 -12.56 -5.65
C VAL B 265 -23.40 -13.81 -6.28
N THR B 266 -22.19 -14.14 -5.86
CA THR B 266 -21.51 -15.31 -6.40
C THR B 266 -21.50 -16.49 -5.45
N HIS B 267 -21.35 -16.21 -4.16
CA HIS B 267 -21.30 -17.27 -3.15
C HIS B 267 -22.31 -17.07 -2.04
N VAL B 268 -23.08 -18.12 -1.77
CA VAL B 268 -24.05 -18.06 -0.69
C VAL B 268 -23.38 -18.73 0.51
N GLU B 269 -23.18 -17.98 1.59
CA GLU B 269 -22.56 -18.54 2.78
C GLU B 269 -23.69 -18.96 3.72
N LEU B 270 -23.67 -20.23 4.11
CA LEU B 270 -24.69 -20.79 5.00
C LEU B 270 -24.22 -20.91 6.43
N LEU B 271 -25.07 -20.52 7.39
CA LEU B 271 -24.71 -20.69 8.78
C LEU B 271 -24.61 -22.22 8.99
N PRO B 272 -23.93 -22.66 10.07
CA PRO B 272 -23.74 -24.09 10.37
C PRO B 272 -24.78 -25.06 9.81
N VAL B 273 -24.28 -26.01 9.02
CA VAL B 273 -25.13 -26.98 8.36
C VAL B 273 -24.85 -28.43 8.82
N ASN B 274 -23.86 -28.57 9.70
CA ASN B 274 -23.51 -29.88 10.25
C ASN B 274 -24.45 -30.03 11.46
N ASP B 275 -24.63 -31.25 11.96
CA ASP B 275 -25.56 -31.45 13.09
C ASP B 275 -25.17 -30.75 14.39
N PHE B 276 -26.10 -29.96 14.90
CA PHE B 276 -25.89 -29.19 16.12
C PHE B 276 -27.06 -29.34 17.08
N ALA B 277 -26.87 -28.85 18.30
CA ALA B 277 -27.91 -28.87 19.33
C ALA B 277 -28.53 -27.48 19.39
N GLY B 278 -29.72 -27.37 19.96
CA GLY B 278 -30.39 -26.09 20.05
C GLY B 278 -31.80 -26.05 19.49
N VAL B 279 -32.12 -27.05 18.67
CA VAL B 279 -33.44 -27.16 18.09
C VAL B 279 -33.79 -28.63 18.16
N ASP B 280 -34.92 -28.95 18.79
CA ASP B 280 -35.39 -30.33 18.91
C ASP B 280 -35.95 -30.69 17.54
N GLU B 281 -35.35 -31.66 16.89
CA GLU B 281 -35.80 -32.07 15.56
C GLU B 281 -37.19 -32.72 15.58
N GLU B 282 -37.70 -33.02 16.77
CA GLU B 282 -39.03 -33.60 16.90
C GLU B 282 -40.06 -32.48 17.00
N LYS B 283 -39.59 -31.28 17.35
CA LYS B 283 -40.45 -30.11 17.46
C LYS B 283 -39.63 -28.90 17.02
N PRO B 284 -39.21 -28.88 15.74
CA PRO B 284 -38.40 -27.80 15.17
C PRO B 284 -38.88 -26.35 15.35
N LEU B 285 -40.18 -26.14 15.49
CA LEU B 285 -40.70 -24.78 15.65
C LEU B 285 -40.71 -24.30 17.10
N ASP B 286 -40.48 -25.21 18.06
CA ASP B 286 -40.49 -24.83 19.47
C ASP B 286 -39.29 -24.00 19.90
N ALA B 287 -38.24 -24.02 19.09
CA ALA B 287 -37.05 -23.26 19.42
C ALA B 287 -36.29 -22.90 18.14
N TYR B 288 -35.32 -22.00 18.29
CA TYR B 288 -34.50 -21.55 17.16
C TYR B 288 -33.04 -21.50 17.59
N ASN B 289 -32.13 -21.69 16.64
CA ASN B 289 -30.71 -21.61 16.94
C ASN B 289 -29.85 -21.45 15.70
N TRP B 290 -28.86 -20.55 15.78
CA TRP B 290 -27.96 -20.31 14.66
C TRP B 290 -27.24 -21.58 14.24
N GLY B 291 -26.91 -22.43 15.22
CA GLY B 291 -26.21 -23.66 14.91
C GLY B 291 -24.78 -23.77 15.40
N TYR B 292 -24.35 -22.86 16.28
CA TYR B 292 -22.98 -22.93 16.79
C TYR B 292 -22.81 -23.86 18.00
N ASN B 293 -23.51 -24.98 17.98
CA ASN B 293 -23.43 -25.97 19.06
C ASN B 293 -23.18 -27.33 18.41
N PRO B 294 -21.97 -27.54 17.89
CA PRO B 294 -21.49 -28.76 17.20
C PRO B 294 -21.66 -30.06 17.95
N LEU B 295 -22.36 -31.01 17.32
CA LEU B 295 -22.55 -32.34 17.87
C LEU B 295 -21.79 -33.31 16.95
N HIS B 296 -22.13 -33.31 15.66
CA HIS B 296 -21.48 -34.19 14.69
C HIS B 296 -21.01 -33.34 13.50
N PHE B 297 -19.70 -33.35 13.26
CA PHE B 297 -19.09 -32.56 12.20
C PHE B 297 -19.17 -33.13 10.78
N PHE B 298 -19.42 -34.43 10.66
CA PHE B 298 -19.49 -35.06 9.34
C PHE B 298 -20.91 -35.37 8.88
N ALA B 299 -21.89 -35.02 9.70
CA ALA B 299 -23.28 -35.25 9.34
C ALA B 299 -24.07 -33.95 9.36
N PRO B 300 -25.10 -33.85 8.52
CA PRO B 300 -25.93 -32.65 8.42
C PRO B 300 -26.92 -32.46 9.57
N GLU B 301 -27.37 -31.22 9.73
CA GLU B 301 -28.35 -30.85 10.74
C GLU B 301 -29.68 -31.46 10.30
N GLY B 302 -30.47 -31.92 11.26
CA GLY B 302 -31.73 -32.54 10.92
C GLY B 302 -32.96 -31.66 10.80
N SER B 303 -32.99 -30.52 11.51
CA SER B 303 -34.17 -29.67 11.45
C SER B 303 -34.40 -28.98 10.11
N TYR B 304 -33.40 -29.04 9.22
CA TYR B 304 -33.56 -28.42 7.89
C TYR B 304 -34.06 -29.45 6.88
N ALA B 305 -34.18 -30.70 7.30
CA ALA B 305 -34.64 -31.76 6.43
C ALA B 305 -36.15 -31.90 6.49
N SER B 306 -36.75 -32.37 5.40
CA SER B 306 -38.20 -32.57 5.36
C SER B 306 -38.55 -33.60 6.43
N ASN B 307 -37.70 -34.61 6.55
CA ASN B 307 -37.91 -35.68 7.53
C ASN B 307 -36.59 -35.97 8.22
N PRO B 308 -36.47 -35.59 9.51
CA PRO B 308 -35.25 -35.83 10.26
C PRO B 308 -35.06 -37.26 10.76
N HIS B 309 -36.12 -38.06 10.68
CA HIS B 309 -36.09 -39.44 11.13
C HIS B 309 -35.39 -40.39 10.15
N ASP B 310 -35.42 -40.05 8.87
CA ASP B 310 -34.75 -40.88 7.85
C ASP B 310 -33.33 -40.34 7.66
N PRO B 311 -32.32 -41.09 8.13
CA PRO B 311 -30.91 -40.70 8.03
C PRO B 311 -30.47 -40.13 6.67
N GLN B 312 -30.93 -40.76 5.60
CA GLN B 312 -30.55 -40.33 4.25
C GLN B 312 -31.20 -39.06 3.73
N THR B 313 -32.43 -38.78 4.17
CA THR B 313 -33.16 -37.61 3.70
C THR B 313 -32.43 -36.27 3.85
N ARG B 314 -31.87 -35.99 5.02
CA ARG B 314 -31.16 -34.72 5.21
C ARG B 314 -29.97 -34.59 4.26
N LYS B 315 -29.28 -35.70 4.03
CA LYS B 315 -28.12 -35.69 3.14
C LYS B 315 -28.53 -35.41 1.69
N THR B 316 -29.55 -36.12 1.23
CA THR B 316 -30.04 -35.96 -0.13
C THR B 316 -30.56 -34.55 -0.38
N GLU B 317 -31.31 -33.99 0.56
CA GLU B 317 -31.85 -32.66 0.35
C GLU B 317 -30.80 -31.55 0.41
N LEU B 318 -29.74 -31.74 1.19
CA LEU B 318 -28.68 -30.74 1.28
C LEU B 318 -27.90 -30.75 -0.04
N LYS B 319 -27.67 -31.94 -0.58
CA LYS B 319 -26.94 -32.10 -1.84
C LYS B 319 -27.72 -31.50 -3.01
N GLN B 320 -29.04 -31.70 -3.03
CA GLN B 320 -29.85 -31.16 -4.10
C GLN B 320 -29.87 -29.63 -4.04
N MET B 321 -29.86 -29.09 -2.83
CA MET B 321 -29.87 -27.65 -2.63
C MET B 321 -28.58 -27.10 -3.22
N ILE B 322 -27.46 -27.72 -2.87
CA ILE B 322 -26.16 -27.31 -3.36
C ILE B 322 -26.03 -27.49 -4.86
N ASN B 323 -26.54 -28.62 -5.38
CA ASN B 323 -26.46 -28.86 -6.82
C ASN B 323 -27.32 -27.86 -7.60
N THR B 324 -28.48 -27.52 -7.06
CA THR B 324 -29.35 -26.56 -7.74
C THR B 324 -28.67 -25.18 -7.80
N LEU B 325 -27.99 -24.79 -6.73
CA LEU B 325 -27.28 -23.50 -6.72
C LEU B 325 -26.22 -23.53 -7.82
N HIS B 326 -25.51 -24.65 -7.92
CA HIS B 326 -24.48 -24.81 -8.94
C HIS B 326 -25.10 -24.70 -10.34
N GLN B 327 -26.23 -25.36 -10.54
CA GLN B 327 -26.91 -25.33 -11.82
C GLN B 327 -27.18 -23.89 -12.28
N HIS B 328 -27.42 -23.01 -11.31
CA HIS B 328 -27.70 -21.62 -11.60
C HIS B 328 -26.49 -20.71 -11.47
N GLY B 329 -25.29 -21.29 -11.59
CA GLY B 329 -24.06 -20.52 -11.51
C GLY B 329 -23.67 -20.00 -10.14
N LEU B 330 -24.33 -20.48 -9.08
CA LEU B 330 -24.01 -20.02 -7.73
C LEU B 330 -23.15 -21.03 -6.97
N ARG B 331 -22.27 -20.51 -6.11
CA ARG B 331 -21.39 -21.35 -5.30
C ARG B 331 -21.78 -21.32 -3.81
N VAL B 332 -21.28 -22.29 -3.06
CA VAL B 332 -21.61 -22.42 -1.63
C VAL B 332 -20.43 -22.42 -0.68
N ILE B 333 -20.54 -21.61 0.36
CA ILE B 333 -19.50 -21.53 1.39
C ILE B 333 -20.13 -22.04 2.67
N LEU B 334 -19.43 -22.92 3.37
CA LEU B 334 -19.96 -23.47 4.61
C LEU B 334 -19.33 -22.85 5.85
N ASP B 335 -20.17 -22.45 6.79
CA ASP B 335 -19.72 -21.87 8.06
C ASP B 335 -19.39 -23.12 8.88
N VAL B 336 -18.13 -23.28 9.27
CA VAL B 336 -17.74 -24.44 10.06
C VAL B 336 -17.25 -23.99 11.42
N VAL B 337 -17.51 -24.81 12.42
CA VAL B 337 -17.16 -24.49 13.80
C VAL B 337 -16.17 -25.45 14.45
N PHE B 338 -14.91 -25.38 14.04
CA PHE B 338 -13.89 -26.26 14.59
C PHE B 338 -13.19 -25.72 15.83
N ASN B 339 -13.77 -24.73 16.49
CA ASN B 339 -13.14 -24.15 17.67
C ASN B 339 -13.64 -24.73 18.99
N HIS B 340 -14.77 -25.44 18.94
CA HIS B 340 -15.34 -26.03 20.15
C HIS B 340 -16.46 -27.00 19.82
N VAL B 341 -16.96 -27.69 20.83
CA VAL B 341 -18.07 -28.60 20.65
C VAL B 341 -19.13 -28.29 21.70
N TYR B 342 -20.31 -28.87 21.53
CA TYR B 342 -21.40 -28.68 22.47
C TYR B 342 -21.15 -29.68 23.62
N LYS B 343 -21.14 -29.17 24.85
CA LYS B 343 -20.91 -30.01 26.02
C LYS B 343 -19.69 -30.91 25.92
N ARG B 344 -18.52 -30.33 26.18
CA ARG B 344 -17.25 -31.05 26.12
C ARG B 344 -17.28 -32.42 26.78
N GLU B 345 -17.76 -32.48 28.01
CA GLU B 345 -17.79 -33.72 28.79
C GLU B 345 -18.54 -34.90 28.17
N ASN B 346 -19.49 -34.63 27.29
CA ASN B 346 -20.25 -35.71 26.69
C ASN B 346 -20.00 -35.85 25.21
N SER B 347 -19.02 -35.10 24.70
CA SER B 347 -18.72 -35.15 23.28
C SER B 347 -18.00 -36.45 22.93
N PRO B 348 -18.10 -36.86 21.66
CA PRO B 348 -17.45 -38.09 21.19
C PRO B 348 -15.94 -38.02 21.44
N PHE B 349 -15.38 -36.82 21.30
CA PHE B 349 -13.96 -36.59 21.52
C PHE B 349 -13.53 -37.03 22.93
N GLU B 350 -14.23 -36.50 23.93
CA GLU B 350 -13.91 -36.76 25.32
C GLU B 350 -14.18 -38.20 25.77
N LYS B 351 -15.22 -38.81 25.21
CA LYS B 351 -15.56 -40.19 25.56
C LYS B 351 -14.62 -41.18 24.89
N THR B 352 -13.97 -40.76 23.82
CA THR B 352 -13.05 -41.63 23.09
C THR B 352 -11.61 -41.51 23.60
N VAL B 353 -11.11 -40.29 23.74
CA VAL B 353 -9.76 -40.05 24.26
C VAL B 353 -9.83 -38.85 25.21
N PRO B 354 -10.15 -39.11 26.48
CA PRO B 354 -10.29 -38.10 27.53
C PRO B 354 -9.08 -37.19 27.70
N GLY B 355 -9.32 -35.88 27.67
CA GLY B 355 -8.25 -34.91 27.85
C GLY B 355 -7.36 -34.62 26.66
N TYR B 356 -7.61 -35.28 25.54
CA TYR B 356 -6.79 -35.08 24.34
C TYR B 356 -7.21 -33.94 23.41
N PHE B 357 -8.50 -33.87 23.08
CA PHE B 357 -9.01 -32.88 22.14
C PHE B 357 -9.29 -31.47 22.61
N PHE B 358 -9.03 -31.17 23.88
CA PHE B 358 -9.31 -29.84 24.38
C PHE B 358 -8.11 -29.24 25.10
N ARG B 359 -8.00 -27.92 25.05
CA ARG B 359 -6.89 -27.23 25.69
C ARG B 359 -7.18 -27.01 27.17
N HIS B 360 -6.12 -26.83 27.94
CA HIS B 360 -6.23 -26.59 29.37
C HIS B 360 -5.36 -25.38 29.75
N ASP B 361 -5.84 -24.59 30.70
CA ASP B 361 -5.08 -23.42 31.15
C ASP B 361 -3.86 -23.83 31.98
N GLU B 362 -3.36 -22.94 32.83
CA GLU B 362 -2.17 -23.25 33.63
C GLU B 362 -2.47 -23.97 34.94
N CYS B 363 -3.74 -24.28 35.21
CA CYS B 363 -4.10 -24.97 36.45
C CYS B 363 -4.72 -26.35 36.18
N GLY B 364 -4.75 -26.73 34.90
CA GLY B 364 -5.30 -28.03 34.54
C GLY B 364 -6.78 -28.01 34.17
N LYS B 365 -7.38 -26.82 34.13
CA LYS B 365 -8.79 -26.69 33.79
C LYS B 365 -9.00 -26.39 32.30
N PRO B 366 -10.11 -26.87 31.72
CA PRO B 366 -10.42 -26.65 30.30
C PRO B 366 -10.45 -25.16 29.97
N SER B 367 -9.61 -24.75 29.02
CA SER B 367 -9.54 -23.36 28.61
C SER B 367 -10.88 -22.90 28.05
N ASN B 368 -11.11 -21.58 28.04
CA ASN B 368 -12.37 -21.03 27.55
C ASN B 368 -12.17 -19.80 26.67
N GLY B 369 -11.26 -19.91 25.69
CA GLY B 369 -10.99 -18.80 24.79
C GLY B 369 -12.19 -18.47 23.92
N THR B 370 -12.93 -19.50 23.52
CA THR B 370 -14.11 -19.31 22.68
C THR B 370 -15.20 -18.63 23.50
N GLY B 371 -15.18 -18.88 24.81
CA GLY B 371 -16.18 -18.27 25.68
C GLY B 371 -17.46 -19.08 25.73
N VAL B 372 -17.41 -20.31 25.22
CA VAL B 372 -18.58 -21.18 25.23
C VAL B 372 -18.34 -22.47 26.01
N GLY B 373 -17.27 -22.50 26.80
CA GLY B 373 -16.98 -23.67 27.62
C GLY B 373 -15.79 -24.55 27.30
N ASN B 374 -15.27 -24.46 26.08
CA ASN B 374 -14.12 -25.28 25.71
C ASN B 374 -13.45 -24.83 24.42
N ASP B 375 -12.17 -25.14 24.30
CA ASP B 375 -11.39 -24.81 23.11
C ASP B 375 -10.83 -26.10 22.55
N ILE B 376 -11.11 -26.38 21.28
CA ILE B 376 -10.59 -27.59 20.66
C ILE B 376 -9.08 -27.44 20.45
N ALA B 377 -8.32 -28.43 20.92
CA ALA B 377 -6.87 -28.41 20.80
C ALA B 377 -6.45 -28.74 19.38
N SER B 378 -6.74 -27.83 18.46
CA SER B 378 -6.40 -28.04 17.05
C SER B 378 -4.96 -28.44 16.79
N GLU B 379 -4.05 -28.06 17.69
CA GLU B 379 -2.64 -28.36 17.50
C GLU B 379 -2.25 -29.82 17.70
N ARG B 380 -3.07 -30.60 18.41
CA ARG B 380 -2.75 -32.02 18.58
C ARG B 380 -2.91 -32.64 17.21
N ARG B 381 -1.98 -33.49 16.83
CA ARG B 381 -2.00 -34.10 15.50
C ARG B 381 -3.29 -34.77 15.03
N MET B 382 -3.97 -35.52 15.91
CA MET B 382 -5.20 -36.15 15.47
C MET B 382 -6.38 -35.17 15.39
N ALA B 383 -6.26 -34.02 16.05
CA ALA B 383 -7.29 -32.98 16.00
C ALA B 383 -7.10 -32.27 14.66
N ARG B 384 -5.83 -31.98 14.36
CA ARG B 384 -5.45 -31.33 13.12
C ARG B 384 -5.90 -32.21 11.97
N LYS B 385 -5.74 -33.52 12.15
CA LYS B 385 -6.14 -34.50 11.13
C LYS B 385 -7.67 -34.47 10.98
N PHE B 386 -8.38 -34.45 12.10
CA PHE B 386 -9.84 -34.42 12.08
C PHE B 386 -10.37 -33.24 11.30
N ILE B 387 -9.81 -32.06 11.58
CA ILE B 387 -10.22 -30.84 10.93
C ILE B 387 -9.95 -30.88 9.43
N ALA B 388 -8.78 -31.37 9.06
CA ALA B 388 -8.44 -31.46 7.64
C ALA B 388 -9.36 -32.48 6.97
N ASP B 389 -9.56 -33.63 7.62
CA ASP B 389 -10.45 -34.68 7.09
C ASP B 389 -11.86 -34.14 6.85
N CYS B 390 -12.37 -33.42 7.84
CA CYS B 390 -13.72 -32.87 7.76
C CYS B 390 -13.88 -31.94 6.58
N VAL B 391 -12.97 -30.97 6.47
CA VAL B 391 -13.02 -30.01 5.36
C VAL B 391 -12.97 -30.74 4.03
N VAL B 392 -12.07 -31.70 3.90
CA VAL B 392 -11.96 -32.45 2.66
C VAL B 392 -13.23 -33.24 2.38
N TYR B 393 -13.82 -33.83 3.43
CA TYR B 393 -15.03 -34.60 3.23
C TYR B 393 -16.19 -33.74 2.70
N TRP B 394 -16.41 -32.57 3.30
CA TRP B 394 -17.50 -31.73 2.80
C TRP B 394 -17.25 -31.29 1.37
N LEU B 395 -15.98 -31.14 0.99
CA LEU B 395 -15.64 -30.76 -0.37
C LEU B 395 -15.96 -31.90 -1.34
N GLU B 396 -15.52 -33.10 -1.00
CA GLU B 396 -15.73 -34.27 -1.85
C GLU B 396 -17.17 -34.79 -1.85
N GLU B 397 -17.73 -34.99 -0.66
CA GLU B 397 -19.08 -35.52 -0.54
C GLU B 397 -20.20 -34.53 -0.87
N TYR B 398 -20.07 -33.28 -0.45
CA TYR B 398 -21.12 -32.30 -0.70
C TYR B 398 -20.83 -31.25 -1.77
N ASN B 399 -19.64 -31.35 -2.36
CA ASN B 399 -19.24 -30.48 -3.45
C ASN B 399 -19.34 -28.96 -3.19
N VAL B 400 -18.97 -28.51 -1.99
CA VAL B 400 -19.04 -27.09 -1.68
C VAL B 400 -17.87 -26.30 -2.27
N ASP B 401 -17.88 -24.99 -2.09
CA ASP B 401 -16.87 -24.12 -2.70
C ASP B 401 -16.04 -23.24 -1.76
N GLY B 402 -16.03 -23.56 -0.48
CA GLY B 402 -15.26 -22.75 0.45
C GLY B 402 -15.81 -22.85 1.85
N PHE B 403 -15.08 -22.30 2.80
CA PHE B 403 -15.50 -22.34 4.20
C PHE B 403 -15.28 -21.03 4.94
N ARG B 404 -16.18 -20.75 5.87
CA ARG B 404 -16.09 -19.57 6.69
C ARG B 404 -15.84 -20.20 8.05
N PHE B 405 -14.64 -19.99 8.58
CA PHE B 405 -14.25 -20.58 9.85
C PHE B 405 -14.64 -19.78 11.08
N ASP B 406 -15.60 -20.30 11.84
CA ASP B 406 -16.05 -19.66 13.06
C ASP B 406 -14.86 -19.59 14.02
N LEU B 407 -14.64 -18.43 14.63
CA LEU B 407 -13.53 -18.21 15.56
C LEU B 407 -12.22 -18.80 15.06
N LEU B 408 -11.88 -18.42 13.84
CA LEU B 408 -10.65 -18.88 13.18
C LEU B 408 -9.46 -18.65 14.11
N GLY B 409 -9.53 -17.59 14.91
CA GLY B 409 -8.46 -17.23 15.82
C GLY B 409 -8.15 -18.23 16.93
N ILE B 410 -9.03 -19.20 17.11
CA ILE B 410 -8.85 -20.23 18.14
C ILE B 410 -8.01 -21.37 17.58
N LEU B 411 -7.94 -21.48 16.25
CA LEU B 411 -7.16 -22.53 15.61
C LEU B 411 -5.70 -22.12 15.49
N ASP B 412 -4.80 -23.10 15.48
CA ASP B 412 -3.37 -22.80 15.34
C ASP B 412 -3.04 -22.66 13.85
N ILE B 413 -2.05 -21.83 13.56
CA ILE B 413 -1.64 -21.58 12.18
C ILE B 413 -1.21 -22.81 11.39
N ASP B 414 -0.40 -23.68 11.97
CA ASP B 414 0.04 -24.86 11.26
C ASP B 414 -1.14 -25.71 10.79
N THR B 415 -2.16 -25.83 11.63
CA THR B 415 -3.33 -26.62 11.28
C THR B 415 -4.06 -25.97 10.11
N VAL B 416 -4.24 -24.66 10.17
CA VAL B 416 -4.92 -23.94 9.10
C VAL B 416 -4.17 -24.09 7.78
N LEU B 417 -2.84 -23.96 7.82
CA LEU B 417 -2.04 -24.10 6.61
C LEU B 417 -2.09 -25.53 6.10
N TYR B 418 -2.12 -26.49 7.03
CA TYR B 418 -2.18 -27.89 6.66
C TYR B 418 -3.52 -28.20 6.01
N MET B 419 -4.62 -27.70 6.57
CA MET B 419 -5.91 -27.97 5.93
C MET B 419 -6.01 -27.18 4.63
N LYS B 420 -5.37 -26.02 4.56
CA LYS B 420 -5.43 -25.23 3.33
C LYS B 420 -4.87 -26.02 2.15
N GLU B 421 -3.66 -26.56 2.31
CA GLU B 421 -3.04 -27.35 1.26
C GLU B 421 -3.95 -28.48 0.78
N LYS B 422 -4.56 -29.20 1.72
CA LYS B 422 -5.45 -30.30 1.36
C LYS B 422 -6.76 -29.82 0.75
N ALA B 423 -7.31 -28.73 1.27
CA ALA B 423 -8.57 -28.18 0.76
C ALA B 423 -8.41 -27.67 -0.68
N THR B 424 -7.41 -26.84 -0.91
CA THR B 424 -7.18 -26.29 -2.25
C THR B 424 -6.79 -27.40 -3.23
N LYS B 425 -6.10 -28.41 -2.75
CA LYS B 425 -5.72 -29.52 -3.62
C LYS B 425 -7.02 -30.21 -4.03
N ALA B 426 -7.88 -30.47 -3.04
CA ALA B 426 -9.16 -31.12 -3.31
C ALA B 426 -10.07 -30.26 -4.18
N LYS B 427 -9.91 -28.94 -4.11
CA LYS B 427 -10.76 -28.07 -4.91
C LYS B 427 -10.16 -26.70 -5.17
N PRO B 428 -9.47 -26.54 -6.30
CA PRO B 428 -8.84 -25.27 -6.67
C PRO B 428 -9.83 -24.10 -6.70
N GLY B 429 -9.38 -22.94 -6.24
CA GLY B 429 -10.23 -21.76 -6.25
C GLY B 429 -11.19 -21.57 -5.11
N ILE B 430 -11.24 -22.50 -4.15
CA ILE B 430 -12.16 -22.34 -3.03
C ILE B 430 -11.78 -21.15 -2.16
N LEU B 431 -12.77 -20.56 -1.50
CA LEU B 431 -12.53 -19.45 -0.61
C LEU B 431 -12.35 -20.00 0.80
N LEU B 432 -11.32 -19.53 1.50
CA LEU B 432 -11.06 -19.97 2.86
C LEU B 432 -10.79 -18.75 3.71
N PHE B 433 -11.72 -18.41 4.58
CA PHE B 433 -11.59 -17.25 5.44
C PHE B 433 -12.32 -17.46 6.76
N GLY B 434 -12.17 -16.52 7.68
CA GLY B 434 -12.84 -16.61 8.96
C GLY B 434 -12.61 -15.40 9.82
N GLU B 435 -13.15 -15.43 11.03
CA GLU B 435 -12.98 -14.31 11.94
C GLU B 435 -11.75 -14.56 12.80
N GLY B 436 -10.66 -13.89 12.46
CA GLY B 436 -9.42 -14.05 13.20
C GLY B 436 -9.29 -13.11 14.39
N TRP B 437 -10.28 -13.13 15.27
CA TRP B 437 -10.25 -12.29 16.46
C TRP B 437 -9.15 -12.80 17.40
N ASP B 438 -8.53 -11.90 18.14
CA ASP B 438 -7.50 -12.30 19.09
C ASP B 438 -8.23 -12.77 20.35
N LEU B 439 -8.22 -14.07 20.59
CA LEU B 439 -8.92 -14.62 21.76
C LEU B 439 -7.98 -15.25 22.78
N ALA B 440 -8.44 -15.26 24.03
CA ALA B 440 -7.65 -15.80 25.14
C ALA B 440 -7.64 -17.31 25.27
N THR B 441 -7.03 -17.98 24.30
CA THR B 441 -6.92 -19.43 24.38
C THR B 441 -5.45 -19.72 24.63
N PRO B 442 -5.14 -20.81 25.34
CA PRO B 442 -3.74 -21.14 25.63
C PRO B 442 -2.83 -21.50 24.46
N LEU B 443 -2.49 -20.50 23.65
CA LEU B 443 -1.59 -20.65 22.52
C LEU B 443 -0.80 -19.35 22.48
N PRO B 444 0.51 -19.43 22.20
CA PRO B 444 1.24 -18.16 22.16
C PRO B 444 0.67 -17.27 21.07
N HIS B 445 0.62 -15.97 21.34
CA HIS B 445 0.08 -14.98 20.43
C HIS B 445 0.39 -15.20 18.94
N GLU B 446 1.65 -15.44 18.60
CA GLU B 446 2.05 -15.63 17.20
C GLU B 446 1.66 -16.95 16.56
N GLN B 447 1.06 -17.84 17.34
CA GLN B 447 0.69 -19.15 16.81
C GLN B 447 -0.79 -19.31 16.47
N LYS B 448 -1.60 -18.33 16.89
CA LYS B 448 -3.04 -18.37 16.62
C LYS B 448 -3.29 -17.94 15.19
N ALA B 449 -4.37 -18.44 14.60
CA ALA B 449 -4.72 -18.09 13.23
C ALA B 449 -5.55 -16.81 13.25
N ALA B 450 -5.00 -15.77 13.90
CA ALA B 450 -5.69 -14.49 14.01
C ALA B 450 -5.26 -13.51 12.94
N LEU B 451 -6.07 -12.46 12.78
CA LEU B 451 -5.80 -11.41 11.79
C LEU B 451 -4.40 -10.85 12.01
N ALA B 452 -4.06 -10.66 13.28
CA ALA B 452 -2.75 -10.11 13.65
C ALA B 452 -1.59 -10.92 13.05
N ASN B 453 -1.87 -12.12 12.59
CA ASN B 453 -0.82 -12.96 12.00
C ASN B 453 -1.11 -13.27 10.53
N ALA B 454 -1.96 -12.46 9.91
CA ALA B 454 -2.32 -12.62 8.51
C ALA B 454 -1.15 -12.89 7.56
N PRO B 455 0.00 -12.24 7.78
CA PRO B 455 1.14 -12.49 6.89
C PRO B 455 1.59 -13.94 6.80
N ARG B 456 1.38 -14.70 7.88
CA ARG B 456 1.79 -16.11 7.89
C ARG B 456 0.74 -17.03 7.28
N MET B 457 -0.37 -16.47 6.80
CA MET B 457 -1.42 -17.28 6.22
C MET B 457 -1.88 -16.83 4.84
N PRO B 458 -0.98 -16.83 3.86
CA PRO B 458 -1.46 -16.41 2.54
C PRO B 458 -2.53 -17.42 2.13
N GLY B 459 -3.50 -16.98 1.34
CA GLY B 459 -4.56 -17.88 0.92
C GLY B 459 -5.71 -17.93 1.91
N ILE B 460 -5.58 -17.24 3.04
CA ILE B 460 -6.62 -17.22 4.07
C ILE B 460 -7.16 -15.81 4.26
N GLY B 461 -8.49 -15.67 4.22
CA GLY B 461 -9.10 -14.38 4.39
C GLY B 461 -9.57 -14.11 5.81
N PHE B 462 -9.81 -12.83 6.12
CA PHE B 462 -10.26 -12.45 7.45
C PHE B 462 -11.31 -11.36 7.40
N PHE B 463 -12.31 -11.47 8.26
CA PHE B 463 -13.35 -10.45 8.35
C PHE B 463 -12.61 -9.20 8.81
N ASN B 464 -12.77 -8.13 8.04
CA ASN B 464 -12.10 -6.87 8.32
C ASN B 464 -12.87 -6.01 9.32
N ASP B 465 -12.56 -6.16 10.61
CA ASP B 465 -13.27 -5.39 11.63
C ASP B 465 -12.93 -3.91 11.57
N MET B 466 -11.70 -3.59 11.19
CA MET B 466 -11.27 -2.19 11.07
C MET B 466 -12.21 -1.46 10.10
N PHE B 467 -12.29 -1.98 8.87
CA PHE B 467 -13.12 -1.38 7.84
C PHE B 467 -14.58 -1.32 8.30
N ARG B 468 -15.06 -2.42 8.87
CA ARG B 468 -16.42 -2.52 9.38
C ARG B 468 -16.77 -1.32 10.29
N ASP B 469 -16.02 -1.18 11.37
CA ASP B 469 -16.27 -0.11 12.33
C ASP B 469 -15.99 1.29 11.80
N ALA B 470 -15.07 1.41 10.85
CA ALA B 470 -14.74 2.71 10.27
C ALA B 470 -15.96 3.25 9.52
N VAL B 471 -16.62 2.39 8.77
CA VAL B 471 -17.80 2.75 7.99
C VAL B 471 -19.06 2.92 8.85
N LYS B 472 -19.35 1.90 9.65
CA LYS B 472 -20.54 1.88 10.50
C LYS B 472 -20.39 2.56 11.86
N GLY B 473 -19.26 2.32 12.52
CA GLY B 473 -19.03 2.88 13.84
C GLY B 473 -18.76 1.71 14.77
N ASN B 474 -18.03 1.94 15.85
CA ASN B 474 -17.70 0.89 16.80
C ASN B 474 -18.95 0.03 17.02
N THR B 475 -18.82 -1.29 16.88
CA THR B 475 -19.97 -2.18 17.06
C THR B 475 -20.36 -2.42 18.52
N PHE B 476 -19.41 -2.22 19.43
CA PHE B 476 -19.70 -2.45 20.85
C PHE B 476 -20.15 -1.22 21.64
N HIS B 477 -20.30 -0.09 20.96
CA HIS B 477 -20.78 1.14 21.57
C HIS B 477 -21.96 1.59 20.73
N LEU B 478 -23.15 1.17 21.15
CA LEU B 478 -24.40 1.46 20.48
C LEU B 478 -24.50 2.82 19.77
N LYS B 479 -24.12 3.89 20.47
CA LYS B 479 -24.19 5.23 19.91
C LYS B 479 -22.97 5.68 19.11
N ALA B 480 -21.95 4.85 19.03
CA ALA B 480 -20.76 5.23 18.27
C ALA B 480 -21.10 5.24 16.79
N THR B 481 -20.71 6.31 16.09
CA THR B 481 -20.99 6.43 14.68
C THR B 481 -19.72 6.34 13.83
N GLY B 482 -19.87 5.91 12.59
CA GLY B 482 -18.74 5.80 11.69
C GLY B 482 -18.93 6.78 10.55
N PHE B 483 -18.02 6.76 9.58
CA PHE B 483 -18.09 7.66 8.44
C PHE B 483 -19.48 7.76 7.80
N ALA B 484 -20.05 6.60 7.44
CA ALA B 484 -21.36 6.56 6.80
C ALA B 484 -22.45 7.20 7.64
N LEU B 485 -22.28 7.18 8.96
CA LEU B 485 -23.25 7.76 9.87
C LEU B 485 -22.91 9.21 10.26
N GLY B 486 -21.90 9.78 9.58
CA GLY B 486 -21.54 11.16 9.84
C GLY B 486 -20.32 11.47 10.69
N ASN B 487 -19.58 10.46 11.11
CA ASN B 487 -18.39 10.69 11.92
C ASN B 487 -17.19 10.95 11.01
N GLY B 488 -16.64 12.16 11.08
CA GLY B 488 -15.50 12.51 10.26
C GLY B 488 -14.18 11.92 10.74
N GLU B 489 -14.16 11.51 11.99
CA GLU B 489 -12.96 10.94 12.58
C GLU B 489 -12.49 9.66 11.91
N SER B 490 -13.38 9.00 11.18
CA SER B 490 -13.03 7.74 10.54
C SER B 490 -12.83 7.78 9.04
N ALA B 491 -12.86 8.98 8.47
CA ALA B 491 -12.68 9.13 7.03
C ALA B 491 -11.43 8.42 6.51
N GLN B 492 -10.28 8.65 7.14
CA GLN B 492 -9.06 8.01 6.68
C GLN B 492 -9.11 6.49 6.73
N ALA B 493 -9.53 5.95 7.87
CA ALA B 493 -9.63 4.49 8.00
C ALA B 493 -10.48 3.93 6.87
N VAL B 494 -11.54 4.64 6.50
CA VAL B 494 -12.41 4.19 5.43
C VAL B 494 -11.66 4.17 4.09
N MET B 495 -10.88 5.23 3.83
CA MET B 495 -10.13 5.29 2.57
C MET B 495 -9.18 4.10 2.50
N HIS B 496 -8.58 3.74 3.63
CA HIS B 496 -7.65 2.61 3.71
C HIS B 496 -8.41 1.35 3.22
N GLY B 497 -9.59 1.12 3.80
CA GLY B 497 -10.39 -0.03 3.43
C GLY B 497 -10.76 -0.02 1.96
N ILE B 498 -11.07 1.16 1.43
CA ILE B 498 -11.42 1.30 0.02
C ILE B 498 -10.21 0.89 -0.82
N ALA B 499 -9.03 1.07 -0.25
CA ALA B 499 -7.79 0.72 -0.94
C ALA B 499 -7.41 -0.74 -0.76
N GLY B 500 -8.24 -1.51 -0.07
CA GLY B 500 -7.93 -2.91 0.12
C GLY B 500 -7.28 -3.27 1.44
N SER B 501 -7.18 -2.30 2.35
CA SER B 501 -6.60 -2.52 3.68
C SER B 501 -5.21 -3.18 3.65
N SER B 502 -4.51 -3.02 2.53
CA SER B 502 -3.17 -3.58 2.38
C SER B 502 -2.12 -2.49 2.54
N GLY B 503 -2.40 -1.52 3.42
CA GLY B 503 -1.50 -0.42 3.64
C GLY B 503 -2.00 0.85 2.96
N TRP B 504 -1.98 1.95 3.71
CA TRP B 504 -2.41 3.23 3.15
C TRP B 504 -1.47 4.30 3.67
N LYS B 505 -0.64 4.84 2.78
CA LYS B 505 0.30 5.87 3.16
C LYS B 505 1.05 5.42 4.42
N ALA B 506 0.73 6.06 5.54
CA ALA B 506 1.37 5.77 6.81
C ALA B 506 0.61 4.76 7.66
N LEU B 507 -0.61 4.41 7.23
CA LEU B 507 -1.40 3.44 7.98
C LEU B 507 -0.85 2.05 7.75
N ALA B 508 -0.75 1.27 8.83
CA ALA B 508 -0.23 -0.09 8.73
C ALA B 508 -1.27 -1.01 8.08
N PRO B 509 -0.81 -1.95 7.25
CA PRO B 509 -1.68 -2.91 6.55
C PRO B 509 -2.48 -3.77 7.52
N ILE B 510 -3.69 -4.12 7.14
CA ILE B 510 -4.52 -4.99 7.98
C ILE B 510 -4.19 -6.39 7.50
N VAL B 511 -4.06 -6.53 6.17
CA VAL B 511 -3.70 -7.78 5.54
C VAL B 511 -2.72 -7.45 4.42
N PRO B 512 -1.90 -8.42 4.00
CA PRO B 512 -0.92 -8.21 2.93
C PRO B 512 -1.52 -7.97 1.54
N GLU B 513 -2.60 -8.69 1.22
CA GLU B 513 -3.22 -8.58 -0.10
C GLU B 513 -4.74 -8.48 0.01
N PRO B 514 -5.37 -7.72 -0.91
CA PRO B 514 -6.82 -7.52 -0.94
C PRO B 514 -7.65 -8.81 -0.88
N SER B 515 -7.12 -9.89 -1.45
CA SER B 515 -7.83 -11.16 -1.45
C SER B 515 -8.03 -11.69 -0.02
N GLN B 516 -7.34 -11.10 0.94
CA GLN B 516 -7.47 -11.58 2.33
C GLN B 516 -8.35 -10.69 3.19
N SER B 517 -8.91 -9.66 2.58
CA SER B 517 -9.79 -8.77 3.33
C SER B 517 -11.25 -8.99 2.97
N ILE B 518 -12.02 -9.53 3.90
CA ILE B 518 -13.45 -9.74 3.70
C ILE B 518 -14.09 -8.44 4.17
N ASN B 519 -14.53 -7.62 3.23
CA ASN B 519 -15.13 -6.33 3.55
C ASN B 519 -16.62 -6.43 3.86
N TYR B 520 -17.02 -5.90 5.01
CA TYR B 520 -18.42 -5.94 5.41
C TYR B 520 -18.77 -4.89 6.46
N VAL B 521 -20.07 -4.70 6.68
CA VAL B 521 -20.57 -3.76 7.67
C VAL B 521 -21.67 -4.42 8.51
N GLU B 522 -22.11 -5.60 8.07
CA GLU B 522 -23.15 -6.34 8.77
C GLU B 522 -23.00 -7.84 8.58
N SER B 523 -23.37 -8.59 9.62
CA SER B 523 -23.32 -10.06 9.57
C SER B 523 -24.35 -10.56 10.55
N HIS B 524 -24.49 -11.87 10.69
CA HIS B 524 -25.47 -12.41 11.62
C HIS B 524 -25.17 -11.96 13.05
N ASP B 525 -23.90 -11.64 13.33
CA ASP B 525 -23.49 -11.19 14.66
C ASP B 525 -23.74 -9.70 14.86
N ASN B 526 -24.08 -9.33 16.11
CA ASN B 526 -24.33 -7.95 16.50
C ASN B 526 -25.58 -7.34 15.86
N HIS B 527 -25.85 -6.07 16.16
CA HIS B 527 -27.01 -5.39 15.59
C HIS B 527 -26.89 -5.34 14.07
N THR B 528 -28.03 -5.34 13.38
CA THR B 528 -27.99 -5.25 11.93
C THR B 528 -27.58 -3.79 11.74
N PHE B 529 -27.10 -3.45 10.55
CA PHE B 529 -26.70 -2.07 10.29
C PHE B 529 -27.87 -1.13 10.60
N TRP B 530 -29.07 -1.52 10.17
CA TRP B 530 -30.24 -0.69 10.41
C TRP B 530 -30.55 -0.44 11.87
N ASP B 531 -30.57 -1.50 12.68
CA ASP B 531 -30.88 -1.36 14.10
C ASP B 531 -29.80 -0.56 14.81
N LYS B 532 -28.55 -0.80 14.43
CA LYS B 532 -27.42 -0.08 15.01
C LYS B 532 -27.58 1.42 14.75
N MET B 533 -27.91 1.77 13.52
CA MET B 533 -28.07 3.16 13.12
C MET B 533 -29.27 3.80 13.83
N SER B 534 -30.28 2.99 14.13
CA SER B 534 -31.48 3.49 14.79
C SER B 534 -31.17 4.00 16.20
N PHE B 535 -30.11 3.47 16.82
CA PHE B 535 -29.71 3.88 18.15
C PHE B 535 -28.72 5.04 18.11
N ALA B 536 -27.83 5.03 17.12
CA ALA B 536 -26.81 6.05 16.99
C ALA B 536 -27.32 7.39 16.43
N LEU B 537 -28.36 7.34 15.61
CA LEU B 537 -28.94 8.55 15.03
C LEU B 537 -30.46 8.50 15.23
N PRO B 538 -30.90 8.56 16.50
CA PRO B 538 -32.32 8.52 16.88
C PRO B 538 -33.21 9.65 16.36
N GLN B 539 -32.60 10.79 16.03
CA GLN B 539 -33.37 11.92 15.54
C GLN B 539 -33.46 12.00 14.02
N GLU B 540 -32.69 11.18 13.31
CA GLU B 540 -32.76 11.24 11.86
C GLU B 540 -33.92 10.43 11.33
N ASN B 541 -34.48 10.87 10.20
CA ASN B 541 -35.62 10.21 9.59
C ASN B 541 -35.24 8.96 8.80
N ASP B 542 -36.24 8.15 8.45
CA ASP B 542 -36.00 6.92 7.72
C ASP B 542 -35.38 7.14 6.34
N SER B 543 -35.75 8.23 5.68
CA SER B 543 -35.20 8.51 4.35
C SER B 543 -33.68 8.73 4.39
N ARG B 544 -33.21 9.46 5.38
CA ARG B 544 -31.78 9.73 5.50
C ARG B 544 -31.06 8.49 6.00
N LYS B 545 -31.70 7.76 6.90
CA LYS B 545 -31.11 6.52 7.42
C LYS B 545 -30.88 5.57 6.25
N ARG B 546 -31.90 5.39 5.41
CA ARG B 546 -31.76 4.51 4.27
C ARG B 546 -30.62 4.96 3.36
N SER B 547 -30.51 6.26 3.12
CA SER B 547 -29.45 6.75 2.25
C SER B 547 -28.07 6.46 2.85
N ARG B 548 -27.96 6.51 4.17
CA ARG B 548 -26.69 6.24 4.85
C ARG B 548 -26.33 4.76 4.79
N GLN B 549 -27.32 3.89 4.88
CA GLN B 549 -27.07 2.45 4.80
C GLN B 549 -26.73 2.08 3.36
N ARG B 550 -27.40 2.72 2.40
CA ARG B 550 -27.10 2.45 1.00
C ARG B 550 -25.66 2.88 0.75
N LEU B 551 -25.27 4.01 1.35
CA LEU B 551 -23.92 4.55 1.24
C LEU B 551 -22.89 3.52 1.73
N ALA B 552 -23.17 2.93 2.88
CA ALA B 552 -22.30 1.93 3.46
C ALA B 552 -22.12 0.75 2.50
N VAL B 553 -23.18 0.46 1.75
CA VAL B 553 -23.15 -0.62 0.78
C VAL B 553 -22.24 -0.24 -0.39
N ALA B 554 -22.41 0.97 -0.89
CA ALA B 554 -21.60 1.46 -2.00
C ALA B 554 -20.12 1.45 -1.63
N ILE B 555 -19.82 1.90 -0.41
CA ILE B 555 -18.44 1.93 0.06
C ILE B 555 -17.83 0.52 0.01
N ILE B 556 -18.51 -0.45 0.62
CA ILE B 556 -18.04 -1.83 0.64
C ILE B 556 -17.96 -2.43 -0.77
N LEU B 557 -19.03 -2.24 -1.55
CA LEU B 557 -19.11 -2.81 -2.88
C LEU B 557 -18.16 -2.22 -3.92
N LEU B 558 -17.65 -1.02 -3.69
CA LEU B 558 -16.72 -0.42 -4.64
C LEU B 558 -15.30 -0.35 -4.07
N ALA B 559 -15.05 -1.14 -3.03
CA ALA B 559 -13.75 -1.18 -2.39
C ALA B 559 -12.94 -2.37 -2.90
N GLN B 560 -11.62 -2.23 -2.91
CA GLN B 560 -10.76 -3.34 -3.32
C GLN B 560 -10.91 -4.38 -2.21
N GLY B 561 -10.90 -5.66 -2.57
CA GLY B 561 -11.05 -6.70 -1.57
C GLY B 561 -12.22 -7.62 -1.88
N VAL B 562 -12.69 -8.34 -0.86
CA VAL B 562 -13.80 -9.29 -1.03
C VAL B 562 -15.08 -8.82 -0.33
N PRO B 563 -16.07 -8.36 -1.11
CA PRO B 563 -17.35 -7.88 -0.55
C PRO B 563 -18.22 -8.98 0.03
N PHE B 564 -18.75 -8.69 1.22
CA PHE B 564 -19.58 -9.62 1.97
C PHE B 564 -20.85 -8.87 2.39
N ILE B 565 -22.00 -9.45 2.07
CA ILE B 565 -23.29 -8.86 2.39
C ILE B 565 -24.15 -9.79 3.24
N HIS B 566 -24.68 -9.27 4.34
CA HIS B 566 -25.54 -10.06 5.20
C HIS B 566 -26.92 -10.10 4.55
N SER B 567 -27.48 -11.29 4.40
CA SER B 567 -28.80 -11.45 3.80
C SER B 567 -29.80 -10.50 4.45
N GLY B 568 -30.49 -9.70 3.63
CA GLY B 568 -31.46 -8.76 4.17
C GLY B 568 -30.89 -7.35 4.28
N GLN B 569 -29.57 -7.26 4.42
CA GLN B 569 -28.89 -5.96 4.53
C GLN B 569 -29.38 -5.05 3.40
N GLU B 570 -29.51 -5.61 2.20
CA GLU B 570 -29.96 -4.87 1.02
C GLU B 570 -31.33 -4.19 1.19
N PHE B 571 -32.13 -4.68 2.14
CA PHE B 571 -33.42 -4.05 2.40
C PHE B 571 -33.59 -3.69 3.86
N PHE B 572 -32.52 -3.13 4.41
CA PHE B 572 -32.48 -2.65 5.79
C PHE B 572 -32.98 -3.60 6.85
N ARG B 573 -32.65 -4.88 6.69
CA ARG B 573 -33.05 -5.91 7.63
C ARG B 573 -32.98 -5.46 9.08
N THR B 574 -34.04 -5.71 9.83
CA THR B 574 -34.09 -5.36 11.24
C THR B 574 -34.38 -6.59 12.08
N LYS B 575 -33.80 -6.62 13.28
CA LYS B 575 -34.00 -7.71 14.22
C LYS B 575 -34.69 -7.14 15.44
N GLN B 576 -35.44 -6.05 15.21
CA GLN B 576 -36.19 -5.38 16.26
C GLN B 576 -35.32 -4.95 17.44
N GLY B 577 -34.08 -4.54 17.15
CA GLY B 577 -33.19 -4.09 18.19
C GLY B 577 -32.40 -5.18 18.90
N VAL B 578 -32.66 -6.44 18.58
CA VAL B 578 -31.93 -7.53 19.22
C VAL B 578 -30.47 -7.52 18.76
N GLU B 579 -29.56 -7.53 19.72
CA GLU B 579 -28.12 -7.49 19.43
C GLU B 579 -27.48 -8.83 19.07
N ASN B 580 -27.88 -9.88 19.79
CA ASN B 580 -27.33 -11.21 19.58
C ASN B 580 -28.50 -12.20 19.52
N SER B 581 -29.05 -12.36 18.34
CA SER B 581 -30.22 -13.21 18.14
C SER B 581 -30.02 -14.71 17.94
N TYR B 582 -28.94 -15.27 18.47
CA TYR B 582 -28.65 -16.70 18.27
C TYR B 582 -29.77 -17.69 18.59
N GLN B 583 -30.63 -17.35 19.54
CA GLN B 583 -31.73 -18.24 19.92
C GLN B 583 -33.08 -17.51 19.92
N SER B 584 -33.12 -16.34 19.28
CA SER B 584 -34.34 -15.55 19.22
C SER B 584 -35.33 -16.19 18.25
N SER B 585 -36.61 -15.95 18.49
CA SER B 585 -37.69 -16.48 17.66
C SER B 585 -37.58 -16.08 16.19
N ASP B 586 -38.42 -16.72 15.37
CA ASP B 586 -38.47 -16.47 13.93
C ASP B 586 -39.00 -15.06 13.62
N SER B 587 -39.81 -14.50 14.51
CA SER B 587 -40.33 -13.16 14.26
C SER B 587 -39.17 -12.18 14.32
N ILE B 588 -38.14 -12.53 15.10
CA ILE B 588 -36.95 -11.71 15.22
C ILE B 588 -35.94 -11.99 14.09
N ASN B 589 -35.72 -13.28 13.80
CA ASN B 589 -34.73 -13.70 12.80
C ASN B 589 -35.13 -13.96 11.35
N GLN B 590 -36.41 -14.12 11.06
CA GLN B 590 -36.83 -14.42 9.69
C GLN B 590 -36.41 -13.35 8.69
N LEU B 591 -36.17 -13.79 7.46
CA LEU B 591 -35.81 -12.87 6.38
C LEU B 591 -37.17 -12.33 5.94
N ASP B 592 -37.41 -11.04 6.18
CA ASP B 592 -38.68 -10.40 5.87
C ASP B 592 -38.90 -10.09 4.40
N TRP B 593 -39.60 -10.97 3.70
CA TRP B 593 -39.85 -10.76 2.28
C TRP B 593 -40.81 -9.62 1.98
N ASP B 594 -41.60 -9.19 2.98
CA ASP B 594 -42.49 -8.07 2.77
C ASP B 594 -41.60 -6.84 2.67
N ARG B 595 -40.60 -6.80 3.56
CA ARG B 595 -39.65 -5.69 3.58
C ARG B 595 -38.89 -5.64 2.25
N ARG B 596 -38.60 -6.81 1.68
CA ARG B 596 -37.90 -6.89 0.41
C ARG B 596 -38.75 -6.19 -0.64
N GLU B 597 -40.07 -6.35 -0.54
CA GLU B 597 -40.99 -5.70 -1.48
C GLU B 597 -40.98 -4.20 -1.25
N THR B 598 -41.32 -3.81 -0.03
CA THR B 598 -41.39 -2.41 0.34
C THR B 598 -40.20 -1.58 -0.11
N PHE B 599 -39.00 -2.14 0.01
CA PHE B 599 -37.80 -1.41 -0.40
C PHE B 599 -37.15 -2.01 -1.63
N LYS B 600 -37.98 -2.47 -2.56
CA LYS B 600 -37.50 -3.06 -3.81
C LYS B 600 -36.57 -2.11 -4.55
N GLU B 601 -36.81 -0.81 -4.44
CA GLU B 601 -35.97 0.17 -5.12
C GLU B 601 -34.59 0.25 -4.49
N ASP B 602 -34.55 0.26 -3.16
CA ASP B 602 -33.27 0.31 -2.47
C ASP B 602 -32.51 -0.96 -2.86
N VAL B 603 -33.23 -2.07 -2.92
CA VAL B 603 -32.63 -3.34 -3.30
C VAL B 603 -32.02 -3.26 -4.70
N HIS B 604 -32.76 -2.66 -5.63
CA HIS B 604 -32.30 -2.52 -7.01
C HIS B 604 -31.00 -1.71 -7.07
N TYR B 605 -30.83 -0.78 -6.13
CA TYR B 605 -29.60 0.03 -6.08
C TYR B 605 -28.42 -0.87 -5.74
N ILE B 606 -28.60 -1.74 -4.76
CA ILE B 606 -27.56 -2.66 -4.35
C ILE B 606 -27.24 -3.57 -5.55
N ARG B 607 -28.28 -3.99 -6.25
CA ARG B 607 -28.09 -4.86 -7.40
C ARG B 607 -27.26 -4.18 -8.48
N ARG B 608 -27.46 -2.88 -8.68
CA ARG B 608 -26.71 -2.17 -9.72
C ARG B 608 -25.27 -1.93 -9.31
N LEU B 609 -25.03 -1.73 -8.02
CA LEU B 609 -23.68 -1.55 -7.51
C LEU B 609 -22.90 -2.84 -7.80
N ILE B 610 -23.53 -3.97 -7.52
CA ILE B 610 -22.93 -5.28 -7.75
C ILE B 610 -22.65 -5.49 -9.24
N SER B 611 -23.58 -5.07 -10.08
CA SER B 611 -23.43 -5.19 -11.53
C SER B 611 -22.27 -4.33 -12.01
N LEU B 612 -22.12 -3.16 -11.40
CA LEU B 612 -21.04 -2.25 -11.76
C LEU B 612 -19.70 -2.89 -11.43
N ARG B 613 -19.60 -3.47 -10.23
CA ARG B 613 -18.38 -4.13 -9.81
C ARG B 613 -18.04 -5.27 -10.75
N LYS B 614 -19.04 -6.07 -11.10
CA LYS B 614 -18.83 -7.18 -12.00
C LYS B 614 -18.34 -6.70 -13.36
N ALA B 615 -18.97 -5.66 -13.88
CA ALA B 615 -18.63 -5.12 -15.19
C ALA B 615 -17.31 -4.34 -15.26
N HIS B 616 -16.71 -4.01 -14.12
CA HIS B 616 -15.48 -3.23 -14.14
C HIS B 616 -14.33 -3.74 -13.27
N PRO B 617 -13.38 -4.46 -13.88
CA PRO B 617 -12.21 -5.03 -13.21
C PRO B 617 -11.38 -4.03 -12.39
N ALA B 618 -11.59 -2.75 -12.62
CA ALA B 618 -10.86 -1.73 -11.88
C ALA B 618 -11.20 -1.83 -10.40
N PHE B 619 -12.42 -2.26 -10.10
CA PHE B 619 -12.86 -2.42 -8.72
C PHE B 619 -12.39 -3.74 -8.14
N ARG B 620 -11.77 -4.56 -8.99
CA ARG B 620 -11.30 -5.87 -8.56
C ARG B 620 -9.82 -6.16 -8.80
N LEU B 621 -8.97 -5.20 -8.43
CA LEU B 621 -7.53 -5.33 -8.56
C LEU B 621 -7.10 -6.53 -7.69
N ARG B 622 -6.21 -7.35 -8.22
CA ARG B 622 -5.79 -8.57 -7.53
C ARG B 622 -4.56 -8.50 -6.63
N SER B 623 -3.97 -7.33 -6.45
CA SER B 623 -2.79 -7.23 -5.58
C SER B 623 -2.57 -5.82 -5.03
N ALA B 624 -1.87 -5.75 -3.90
CA ALA B 624 -1.57 -4.47 -3.28
C ALA B 624 -0.72 -3.61 -4.24
N ALA B 625 0.07 -4.27 -5.08
CA ALA B 625 0.92 -3.55 -6.03
C ALA B 625 0.09 -2.92 -7.15
N ASP B 626 -0.91 -3.66 -7.66
CA ASP B 626 -1.76 -3.11 -8.72
C ASP B 626 -2.56 -1.94 -8.16
N ILE B 627 -3.01 -2.08 -6.91
CA ILE B 627 -3.79 -1.04 -6.26
C ILE B 627 -2.95 0.22 -6.14
N GLN B 628 -1.70 0.06 -5.73
CA GLN B 628 -0.79 1.19 -5.59
C GLN B 628 -0.61 1.91 -6.94
N ARG B 629 -0.71 1.13 -8.02
CA ARG B 629 -0.55 1.65 -9.37
C ARG B 629 -1.79 2.31 -9.97
N HIS B 630 -2.97 1.79 -9.65
CA HIS B 630 -4.20 2.34 -10.25
C HIS B 630 -5.25 3.00 -9.37
N LEU B 631 -4.97 3.15 -8.09
CA LEU B 631 -5.94 3.79 -7.20
C LEU B 631 -5.29 4.93 -6.43
N GLU B 632 -5.96 6.08 -6.40
CA GLU B 632 -5.43 7.21 -5.66
C GLU B 632 -6.56 8.00 -5.03
N CYS B 633 -6.29 8.56 -3.85
CA CYS B 633 -7.29 9.36 -3.15
C CYS B 633 -7.20 10.79 -3.66
N LEU B 634 -8.35 11.37 -4.03
CA LEU B 634 -8.39 12.74 -4.54
C LEU B 634 -8.74 13.73 -3.43
N THR B 635 -9.73 13.37 -2.62
CA THR B 635 -10.16 14.21 -1.52
C THR B 635 -10.47 13.32 -0.32
N LEU B 636 -10.13 13.79 0.86
CA LEU B 636 -10.39 13.04 2.07
C LEU B 636 -10.75 14.04 3.16
N LYS B 637 -12.05 14.22 3.37
CA LYS B 637 -12.54 15.17 4.37
C LYS B 637 -13.51 14.47 5.31
N GLU B 638 -13.94 15.19 6.35
CA GLU B 638 -14.86 14.67 7.35
C GLU B 638 -16.02 13.86 6.77
N HIS B 639 -16.78 14.47 5.85
CA HIS B 639 -17.94 13.80 5.28
C HIS B 639 -17.84 13.63 3.76
N LEU B 640 -16.64 13.69 3.22
CA LEU B 640 -16.46 13.56 1.77
C LEU B 640 -15.18 12.80 1.44
N ILE B 641 -15.32 11.74 0.65
CA ILE B 641 -14.19 10.94 0.21
C ILE B 641 -14.29 10.75 -1.29
N ALA B 642 -13.26 11.19 -2.01
CA ALA B 642 -13.24 11.05 -3.45
C ALA B 642 -11.96 10.34 -3.83
N TYR B 643 -12.10 9.21 -4.53
CA TYR B 643 -10.94 8.46 -4.99
C TYR B 643 -11.17 8.15 -6.46
N ARG B 644 -10.16 7.61 -7.11
CA ARG B 644 -10.29 7.29 -8.52
C ARG B 644 -9.36 6.18 -8.95
N LEU B 645 -9.76 5.44 -9.97
CA LEU B 645 -8.98 4.34 -10.52
C LEU B 645 -8.57 4.83 -11.90
N TYR B 646 -7.26 4.78 -12.18
CA TYR B 646 -6.75 5.32 -13.44
C TYR B 646 -5.82 4.38 -14.20
N ASP B 647 -5.48 4.78 -15.42
CA ASP B 647 -4.60 4.00 -16.29
C ASP B 647 -5.14 2.57 -16.36
N LEU B 648 -6.44 2.47 -16.62
CA LEU B 648 -7.15 1.20 -16.69
C LEU B 648 -7.27 0.75 -18.14
N ASP B 649 -6.49 1.38 -19.01
CA ASP B 649 -6.53 1.07 -20.43
C ASP B 649 -6.49 -0.41 -20.79
N GLU B 650 -5.68 -1.19 -20.10
CA GLU B 650 -5.59 -2.62 -20.41
C GLU B 650 -6.40 -3.52 -19.50
N VAL B 651 -7.13 -2.95 -18.54
CA VAL B 651 -7.89 -3.77 -17.61
C VAL B 651 -9.37 -3.45 -17.48
N ASP B 652 -9.78 -2.27 -17.92
CA ASP B 652 -11.18 -1.88 -17.80
C ASP B 652 -11.72 -1.24 -19.08
N GLU B 653 -13.04 -1.30 -19.21
CA GLU B 653 -13.74 -0.73 -20.35
C GLU B 653 -13.65 0.78 -20.27
N TRP B 654 -13.52 1.30 -19.05
CA TRP B 654 -13.41 2.73 -18.84
C TRP B 654 -11.98 3.13 -18.56
N LYS B 655 -11.58 4.26 -19.12
CA LYS B 655 -10.24 4.81 -18.98
C LYS B 655 -9.99 5.33 -17.57
N ASP B 656 -10.98 6.02 -17.02
CA ASP B 656 -10.86 6.61 -15.69
C ASP B 656 -12.21 6.51 -14.97
N ILE B 657 -12.17 6.27 -13.67
CA ILE B 657 -13.39 6.17 -12.87
C ILE B 657 -13.21 6.96 -11.57
N ILE B 658 -14.15 7.84 -11.28
CA ILE B 658 -14.10 8.64 -10.06
C ILE B 658 -15.30 8.32 -9.19
N VAL B 659 -15.05 8.01 -7.92
CA VAL B 659 -16.12 7.71 -6.98
C VAL B 659 -16.05 8.69 -5.83
N ILE B 660 -17.20 9.24 -5.46
CA ILE B 660 -17.27 10.22 -4.37
C ILE B 660 -18.37 9.85 -3.37
N HIS B 661 -17.98 9.55 -2.14
CA HIS B 661 -18.95 9.19 -1.11
C HIS B 661 -19.19 10.39 -0.19
N HIS B 662 -20.45 10.82 -0.12
CA HIS B 662 -20.82 11.96 0.71
C HIS B 662 -21.67 11.48 1.87
N ALA B 663 -21.25 11.80 3.08
CA ALA B 663 -21.96 11.37 4.28
C ALA B 663 -22.63 12.49 5.06
N SER B 664 -22.93 13.61 4.40
CA SER B 664 -23.60 14.71 5.06
C SER B 664 -24.72 15.17 4.12
N PRO B 665 -25.85 15.61 4.69
CA PRO B 665 -27.02 16.06 3.93
C PRO B 665 -26.87 17.36 3.13
N ASP B 666 -25.86 18.16 3.45
CA ASP B 666 -25.67 19.42 2.75
C ASP B 666 -25.30 19.16 1.30
N SER B 667 -25.32 20.22 0.50
CA SER B 667 -24.98 20.11 -0.91
C SER B 667 -23.68 20.87 -1.14
N VAL B 668 -22.80 20.32 -1.99
CA VAL B 668 -21.53 20.97 -2.28
C VAL B 668 -21.08 20.73 -3.72
N GLU B 669 -20.08 21.49 -4.14
CA GLU B 669 -19.53 21.34 -5.49
C GLU B 669 -18.16 20.71 -5.34
N TRP B 670 -17.84 19.77 -6.21
CA TRP B 670 -16.55 19.10 -6.16
C TRP B 670 -15.77 19.33 -7.45
N ARG B 671 -14.50 19.72 -7.33
CA ARG B 671 -13.66 19.98 -8.49
C ARG B 671 -12.99 18.72 -9.01
N LEU B 672 -13.25 18.38 -10.27
CA LEU B 672 -12.62 17.21 -10.87
C LEU B 672 -11.13 17.54 -11.02
N PRO B 673 -10.26 16.51 -11.08
CA PRO B 673 -8.82 16.71 -11.21
C PRO B 673 -8.32 17.20 -12.58
N ASN B 674 -9.23 17.42 -13.52
CA ASN B 674 -8.86 17.90 -14.85
C ASN B 674 -10.06 18.57 -15.51
N ASP B 675 -9.93 18.92 -16.78
CA ASP B 675 -11.02 19.60 -17.49
C ASP B 675 -11.66 18.73 -18.59
N ILE B 676 -11.34 17.45 -18.58
CA ILE B 676 -11.89 16.54 -19.57
C ILE B 676 -13.35 16.23 -19.24
N PRO B 677 -14.18 16.04 -20.27
CA PRO B 677 -15.60 15.73 -20.04
C PRO B 677 -15.81 14.29 -19.54
N TYR B 678 -16.57 14.15 -18.46
CA TYR B 678 -16.86 12.84 -17.87
C TYR B 678 -18.35 12.50 -17.96
N ARG B 679 -18.66 11.23 -17.70
CA ARG B 679 -20.04 10.76 -17.72
C ARG B 679 -20.54 10.62 -16.27
N LEU B 680 -21.70 11.20 -15.99
CA LEU B 680 -22.28 11.13 -14.65
C LEU B 680 -23.14 9.86 -14.62
N LEU B 681 -22.55 8.78 -14.13
CA LEU B 681 -23.24 7.49 -14.07
C LEU B 681 -24.17 7.35 -12.87
N CYS B 682 -23.81 7.98 -11.76
CA CYS B 682 -24.60 7.83 -10.55
C CYS B 682 -24.42 8.99 -9.58
N ASP B 683 -25.48 9.35 -8.87
CA ASP B 683 -25.43 10.43 -7.88
C ASP B 683 -26.28 10.03 -6.67
N PRO B 684 -26.37 10.88 -5.63
CA PRO B 684 -27.17 10.51 -4.47
C PRO B 684 -28.58 9.99 -4.78
N SER B 685 -29.09 10.31 -5.97
CA SER B 685 -30.42 9.90 -6.41
C SER B 685 -30.44 8.48 -6.94
N GLY B 686 -29.27 7.96 -7.28
CA GLY B 686 -29.18 6.62 -7.82
C GLY B 686 -28.51 6.68 -9.18
N PHE B 687 -28.47 5.53 -9.87
CA PHE B 687 -27.86 5.46 -11.19
C PHE B 687 -28.67 6.19 -12.25
N GLN B 688 -27.97 6.75 -13.23
CA GLN B 688 -28.60 7.48 -14.31
C GLN B 688 -28.80 6.56 -15.50
N GLU B 689 -30.04 6.45 -15.95
CA GLU B 689 -30.39 5.57 -17.08
C GLU B 689 -29.53 5.82 -18.32
N ASP B 690 -29.11 7.06 -18.50
CA ASP B 690 -28.28 7.41 -19.64
C ASP B 690 -27.35 8.56 -19.27
N PRO B 691 -26.18 8.23 -18.71
CA PRO B 691 -25.16 9.19 -18.28
C PRO B 691 -24.96 10.37 -19.23
N THR B 692 -25.03 11.57 -18.66
CA THR B 692 -24.82 12.79 -19.40
C THR B 692 -23.41 13.24 -19.06
N GLU B 693 -22.85 14.16 -19.83
CA GLU B 693 -21.49 14.62 -19.56
C GLU B 693 -21.45 15.86 -18.69
N ILE B 694 -20.42 15.92 -17.85
CA ILE B 694 -20.22 17.08 -16.97
C ILE B 694 -18.74 17.46 -17.03
N LYS B 695 -18.46 18.75 -16.84
CA LYS B 695 -17.09 19.25 -16.90
C LYS B 695 -16.65 20.00 -15.66
N LYS B 696 -15.34 19.96 -15.42
CA LYS B 696 -14.70 20.68 -14.32
C LYS B 696 -15.24 20.45 -12.91
N THR B 697 -16.54 20.68 -12.72
CA THR B 697 -17.13 20.50 -11.40
C THR B 697 -18.39 19.65 -11.45
N VAL B 698 -18.77 19.14 -10.29
CA VAL B 698 -19.97 18.32 -10.20
C VAL B 698 -20.61 18.59 -8.85
N ALA B 699 -21.94 18.69 -8.84
CA ALA B 699 -22.66 18.94 -7.60
C ALA B 699 -22.85 17.65 -6.81
N VAL B 700 -22.56 17.70 -5.51
CA VAL B 700 -22.74 16.53 -4.64
C VAL B 700 -23.82 16.93 -3.65
N ASN B 701 -25.07 16.61 -3.98
CA ASN B 701 -26.20 16.95 -3.14
C ASN B 701 -26.62 15.88 -2.13
N GLY B 702 -26.32 16.12 -0.87
CA GLY B 702 -26.72 15.19 0.18
C GLY B 702 -26.02 13.84 0.24
N ILE B 703 -26.51 12.99 1.14
CA ILE B 703 -25.95 11.67 1.36
C ILE B 703 -26.11 10.73 0.17
N GLY B 704 -24.98 10.22 -0.30
CA GLY B 704 -25.00 9.30 -1.43
C GLY B 704 -23.64 9.18 -2.09
N THR B 705 -23.63 8.57 -3.27
CA THR B 705 -22.40 8.35 -4.00
C THR B 705 -22.52 8.89 -5.42
N VAL B 706 -21.46 9.57 -5.88
CA VAL B 706 -21.43 10.09 -7.23
C VAL B 706 -20.35 9.28 -7.94
N ILE B 707 -20.67 8.79 -9.13
CA ILE B 707 -19.72 8.03 -9.92
C ILE B 707 -19.59 8.65 -11.30
N LEU B 708 -18.36 8.96 -11.68
CA LEU B 708 -18.06 9.59 -12.97
C LEU B 708 -17.12 8.67 -13.73
N TYR B 709 -17.18 8.70 -15.06
CA TYR B 709 -16.29 7.85 -15.83
C TYR B 709 -15.93 8.38 -17.22
N LEU B 710 -14.77 7.95 -17.68
CA LEU B 710 -14.25 8.33 -18.99
C LEU B 710 -14.18 7.04 -19.80
N ALA B 711 -14.91 7.00 -20.92
CA ALA B 711 -14.93 5.81 -21.76
C ALA B 711 -13.58 5.48 -22.41
N SER B 712 -13.59 4.48 -23.27
CA SER B 712 -12.40 4.01 -24.00
C SER B 712 -11.48 5.13 -24.49
#